data_1WIZ
#
_entry.id   1WIZ
#
_entity_poly.entity_id   1
_entity_poly.type   'polypeptide(L)'
_entity_poly.pdbx_seq_one_letter_code
;GSSGSSGKPEPTNSSVEVSPDIYQQVRDELKRASVSQAVFARVAFNRTQGLLSEILRKEEDPRTASQSLLVNLRAMQNFL
NLPEVERDRIYQDERSGPSSG
;
_entity_poly.pdbx_strand_id   A
#
# COMPACT_ATOMS: atom_id res chain seq x y z
N GLY A 1 0.62 -45.13 -7.86
CA GLY A 1 1.64 -45.44 -8.84
C GLY A 1 2.61 -44.28 -8.99
N SER A 2 3.23 -43.90 -7.88
CA SER A 2 4.18 -42.81 -7.89
C SER A 2 3.48 -41.48 -8.17
N SER A 3 4.20 -40.39 -7.97
CA SER A 3 3.65 -39.07 -8.21
C SER A 3 2.59 -38.76 -7.16
N GLY A 4 2.53 -37.49 -6.78
CA GLY A 4 1.56 -37.04 -5.79
C GLY A 4 2.15 -35.94 -4.91
N SER A 5 1.67 -34.74 -5.12
CA SER A 5 2.13 -33.59 -4.34
C SER A 5 1.29 -32.36 -4.66
N SER A 6 0.83 -31.70 -3.61
CA SER A 6 0.01 -30.51 -3.77
C SER A 6 0.05 -29.68 -2.48
N GLY A 7 -0.48 -28.47 -2.59
CA GLY A 7 -0.52 -27.57 -1.45
C GLY A 7 -0.99 -26.18 -1.87
N LYS A 8 -0.20 -25.18 -1.49
CA LYS A 8 -0.53 -23.81 -1.81
C LYS A 8 -1.86 -23.42 -1.16
N PRO A 9 -1.75 -22.79 0.04
CA PRO A 9 -2.93 -22.38 0.77
C PRO A 9 -3.57 -21.14 0.14
N GLU A 10 -4.50 -20.56 0.87
CA GLU A 10 -5.19 -19.37 0.39
C GLU A 10 -5.55 -18.45 1.56
N PRO A 11 -5.34 -17.13 1.34
CA PRO A 11 -5.62 -16.14 2.36
C PRO A 11 -7.13 -15.91 2.49
N THR A 12 -7.51 -15.25 3.57
CA THR A 12 -8.91 -14.95 3.82
C THR A 12 -9.05 -13.88 4.90
N ASN A 13 -9.28 -12.65 4.44
CA ASN A 13 -9.43 -11.53 5.34
C ASN A 13 -10.68 -10.74 4.96
N SER A 14 -11.09 -9.86 5.88
CA SER A 14 -12.26 -9.04 5.65
C SER A 14 -12.15 -7.74 6.43
N SER A 15 -12.27 -6.63 5.71
CA SER A 15 -12.18 -5.32 6.33
C SER A 15 -11.09 -5.32 7.40
N VAL A 16 -9.86 -5.20 6.94
CA VAL A 16 -8.72 -5.18 7.84
C VAL A 16 -8.69 -3.84 8.60
N GLU A 17 -7.80 -3.77 9.57
CA GLU A 17 -7.67 -2.57 10.38
C GLU A 17 -6.72 -1.58 9.69
N VAL A 18 -6.71 -0.36 10.23
CA VAL A 18 -5.85 0.68 9.69
C VAL A 18 -5.10 1.37 10.83
N SER A 19 -3.85 1.69 10.55
CA SER A 19 -3.01 2.35 11.55
C SER A 19 -3.13 3.87 11.41
N PRO A 20 -2.85 4.57 12.54
CA PRO A 20 -2.92 6.03 12.54
C PRO A 20 -1.71 6.64 11.82
N ASP A 21 -0.65 5.86 11.73
CA ASP A 21 0.55 6.30 11.06
C ASP A 21 0.54 5.83 9.61
N ILE A 22 -0.65 5.45 9.16
CA ILE A 22 -0.81 4.98 7.80
C ILE A 22 -0.13 5.96 6.83
N TYR A 23 -0.27 7.23 7.16
CA TYR A 23 0.33 8.27 6.33
C TYR A 23 1.85 8.14 6.29
N GLN A 24 2.45 8.23 7.47
CA GLN A 24 3.89 8.12 7.58
C GLN A 24 4.38 6.83 6.92
N GLN A 25 3.56 5.80 7.03
CA GLN A 25 3.89 4.51 6.45
C GLN A 25 4.09 4.64 4.95
N VAL A 26 3.06 5.14 4.28
CA VAL A 26 3.11 5.32 2.83
C VAL A 26 4.37 6.12 2.47
N ARG A 27 4.43 7.33 3.00
CA ARG A 27 5.57 8.20 2.75
C ARG A 27 6.88 7.42 2.86
N ASP A 28 7.01 6.72 3.98
CA ASP A 28 8.21 5.93 4.22
C ASP A 28 8.32 4.85 3.15
N GLU A 29 7.20 4.18 2.89
CA GLU A 29 7.16 3.13 1.89
C GLU A 29 7.72 3.64 0.56
N LEU A 30 7.22 4.79 0.15
CA LEU A 30 7.64 5.40 -1.09
C LEU A 30 9.14 5.69 -1.03
N LYS A 31 9.54 6.30 0.09
CA LYS A 31 10.94 6.63 0.29
C LYS A 31 11.76 5.35 0.40
N ARG A 32 11.05 4.23 0.53
CA ARG A 32 11.70 2.94 0.64
C ARG A 32 11.84 2.29 -0.74
N ALA A 33 10.73 2.22 -1.44
CA ALA A 33 10.72 1.63 -2.77
C ALA A 33 11.12 2.69 -3.79
N SER A 34 11.28 3.91 -3.31
CA SER A 34 11.66 5.01 -4.17
C SER A 34 10.71 5.09 -5.36
N VAL A 35 9.43 4.93 -5.07
CA VAL A 35 8.41 4.97 -6.12
C VAL A 35 7.68 6.32 -6.04
N SER A 36 6.75 6.50 -6.96
CA SER A 36 5.97 7.72 -7.02
C SER A 36 4.58 7.48 -6.44
N GLN A 37 4.12 8.44 -5.64
CA GLN A 37 2.82 8.35 -5.02
C GLN A 37 1.80 7.77 -6.01
N ALA A 38 2.04 8.05 -7.29
CA ALA A 38 1.16 7.56 -8.33
C ALA A 38 1.28 6.03 -8.42
N VAL A 39 2.47 5.59 -8.79
CA VAL A 39 2.73 4.16 -8.92
C VAL A 39 2.16 3.44 -7.70
N PHE A 40 2.56 3.90 -6.53
CA PHE A 40 2.11 3.31 -5.28
C PHE A 40 0.57 3.36 -5.18
N ALA A 41 0.06 4.58 -5.10
CA ALA A 41 -1.37 4.78 -4.99
C ALA A 41 -2.08 3.84 -5.96
N ARG A 42 -1.48 3.66 -7.13
CA ARG A 42 -2.04 2.78 -8.14
C ARG A 42 -2.00 1.33 -7.67
N VAL A 43 -0.88 0.96 -7.10
CA VAL A 43 -0.70 -0.39 -6.59
C VAL A 43 -1.12 -0.45 -5.12
N ALA A 44 -1.72 0.64 -4.67
CA ALA A 44 -2.17 0.73 -3.29
C ALA A 44 -3.69 0.53 -3.25
N PHE A 45 -4.39 1.38 -3.99
CA PHE A 45 -5.84 1.31 -4.04
C PHE A 45 -6.36 1.78 -5.40
N ASN A 46 -5.50 1.67 -6.40
CA ASN A 46 -5.85 2.07 -7.75
C ASN A 46 -6.27 3.54 -7.74
N ARG A 47 -5.31 4.40 -7.43
CA ARG A 47 -5.56 5.83 -7.38
C ARG A 47 -4.43 6.59 -8.05
N THR A 48 -4.51 7.91 -7.99
CA THR A 48 -3.50 8.76 -8.58
C THR A 48 -2.64 9.41 -7.49
N GLN A 49 -2.01 10.52 -7.86
CA GLN A 49 -1.16 11.23 -6.93
C GLN A 49 -1.92 12.40 -6.29
N GLY A 50 -2.42 13.28 -7.16
CA GLY A 50 -3.17 14.44 -6.70
C GLY A 50 -4.09 14.06 -5.53
N LEU A 51 -4.50 12.81 -5.52
CA LEU A 51 -5.38 12.31 -4.47
C LEU A 51 -4.54 11.89 -3.27
N LEU A 52 -3.75 10.84 -3.49
CA LEU A 52 -2.89 10.32 -2.44
C LEU A 52 -2.17 11.48 -1.76
N SER A 53 -1.77 12.45 -2.57
CA SER A 53 -1.07 13.62 -2.06
C SER A 53 -1.93 14.32 -1.01
N GLU A 54 -3.21 14.48 -1.34
CA GLU A 54 -4.13 15.14 -0.44
C GLU A 54 -4.36 14.29 0.81
N ILE A 55 -4.20 12.98 0.63
CA ILE A 55 -4.38 12.05 1.73
C ILE A 55 -3.16 12.11 2.65
N LEU A 56 -2.07 12.62 2.10
CA LEU A 56 -0.83 12.75 2.86
C LEU A 56 -0.70 14.18 3.38
N ARG A 57 -1.52 15.05 2.82
CA ARG A 57 -1.51 16.45 3.22
C ARG A 57 -2.54 16.70 4.32
N LYS A 58 -3.75 16.23 4.09
CA LYS A 58 -4.82 16.40 5.05
C LYS A 58 -4.74 15.28 6.10
N GLU A 59 -4.20 14.14 5.66
CA GLU A 59 -4.06 12.99 6.54
C GLU A 59 -5.38 12.72 7.26
N GLU A 60 -6.46 12.68 6.48
CA GLU A 60 -7.78 12.43 7.03
C GLU A 60 -7.73 11.23 7.99
N ASP A 61 -7.78 11.55 9.28
CA ASP A 61 -7.74 10.52 10.30
C ASP A 61 -8.68 9.37 9.89
N PRO A 62 -8.18 8.12 10.13
CA PRO A 62 -8.96 6.94 9.79
C PRO A 62 -10.08 6.72 10.79
N ARG A 63 -10.15 7.62 11.77
CA ARG A 63 -11.17 7.53 12.80
C ARG A 63 -12.42 8.32 12.38
N THR A 64 -12.18 9.36 11.61
CA THR A 64 -13.28 10.20 11.12
C THR A 64 -13.42 10.07 9.62
N ALA A 65 -12.34 9.66 8.98
CA ALA A 65 -12.33 9.51 7.53
C ALA A 65 -13.65 8.87 7.09
N SER A 66 -14.07 9.24 5.89
CA SER A 66 -15.32 8.72 5.33
C SER A 66 -15.06 7.41 4.59
N GLN A 67 -16.08 6.57 4.56
CA GLN A 67 -15.98 5.29 3.90
C GLN A 67 -15.17 5.43 2.61
N SER A 68 -15.49 6.48 1.86
CA SER A 68 -14.81 6.73 0.61
C SER A 68 -13.29 6.67 0.81
N LEU A 69 -12.82 7.49 1.72
CA LEU A 69 -11.41 7.55 2.03
C LEU A 69 -10.98 6.24 2.72
N LEU A 70 -11.73 5.88 3.75
CA LEU A 70 -11.45 4.67 4.49
C LEU A 70 -11.23 3.51 3.51
N VAL A 71 -12.08 3.47 2.49
CA VAL A 71 -12.01 2.43 1.49
C VAL A 71 -10.57 2.35 0.95
N ASN A 72 -9.99 3.53 0.75
CA ASN A 72 -8.63 3.60 0.25
C ASN A 72 -7.65 3.26 1.38
N LEU A 73 -7.84 3.91 2.52
CA LEU A 73 -6.98 3.68 3.67
C LEU A 73 -6.85 2.18 3.89
N ARG A 74 -7.99 1.51 3.98
CA ARG A 74 -8.00 0.08 4.19
C ARG A 74 -7.17 -0.63 3.13
N ALA A 75 -7.39 -0.23 1.88
CA ALA A 75 -6.68 -0.82 0.77
C ALA A 75 -5.18 -0.63 0.98
N MET A 76 -4.78 0.63 1.13
CA MET A 76 -3.39 0.95 1.35
C MET A 76 -2.76 0.03 2.40
N GLN A 77 -3.29 0.13 3.61
CA GLN A 77 -2.80 -0.68 4.72
C GLN A 77 -2.74 -2.16 4.30
N ASN A 78 -3.60 -2.50 3.36
CA ASN A 78 -3.65 -3.87 2.87
C ASN A 78 -2.44 -4.13 1.97
N PHE A 79 -2.00 -3.08 1.29
CA PHE A 79 -0.86 -3.18 0.41
C PHE A 79 0.45 -3.13 1.19
N LEU A 80 0.47 -2.28 2.21
CA LEU A 80 1.65 -2.13 3.04
C LEU A 80 1.91 -3.43 3.81
N ASN A 81 0.92 -4.30 3.75
CA ASN A 81 1.01 -5.59 4.44
C ASN A 81 1.74 -6.58 3.55
N LEU A 82 1.57 -6.39 2.24
CA LEU A 82 2.22 -7.27 1.27
C LEU A 82 3.69 -7.44 1.64
N PRO A 83 4.31 -8.49 1.04
CA PRO A 83 5.71 -8.78 1.29
C PRO A 83 6.62 -7.78 0.58
N GLU A 84 7.60 -7.28 1.32
CA GLU A 84 8.54 -6.32 0.78
C GLU A 84 9.02 -6.77 -0.60
N VAL A 85 9.22 -8.07 -0.73
CA VAL A 85 9.68 -8.64 -1.98
C VAL A 85 8.65 -8.34 -3.08
N GLU A 86 7.39 -8.41 -2.70
CA GLU A 86 6.31 -8.15 -3.64
C GLU A 86 6.26 -6.65 -3.97
N ARG A 87 6.07 -5.85 -2.94
CA ARG A 87 5.99 -4.42 -3.11
C ARG A 87 7.12 -3.94 -4.03
N ASP A 88 8.30 -4.48 -3.81
CA ASP A 88 9.46 -4.12 -4.61
C ASP A 88 9.16 -4.40 -6.08
N ARG A 89 8.59 -5.57 -6.32
CA ARG A 89 8.26 -5.98 -7.68
C ARG A 89 7.03 -5.20 -8.16
N ILE A 90 5.98 -5.26 -7.36
CA ILE A 90 4.74 -4.58 -7.70
C ILE A 90 5.07 -3.19 -8.27
N TYR A 91 5.91 -2.48 -7.54
CA TYR A 91 6.32 -1.14 -7.97
C TYR A 91 7.03 -1.18 -9.31
N GLN A 92 8.00 -2.08 -9.41
CA GLN A 92 8.77 -2.23 -10.63
C GLN A 92 7.84 -2.50 -11.81
N ASP A 93 6.86 -3.38 -11.57
CA ASP A 93 5.91 -3.73 -12.59
C ASP A 93 5.20 -2.47 -13.08
N GLU A 94 4.87 -1.61 -12.13
CA GLU A 94 4.19 -0.36 -12.45
C GLU A 94 5.07 0.51 -13.36
N ARG A 95 6.26 0.81 -12.86
CA ARG A 95 7.20 1.62 -13.62
C ARG A 95 7.37 1.07 -15.02
N SER A 96 7.66 -0.22 -15.09
CA SER A 96 7.85 -0.88 -16.37
C SER A 96 8.91 -0.15 -17.19
N GLY A 97 10.16 -0.39 -16.83
CA GLY A 97 11.27 0.26 -17.51
C GLY A 97 12.39 0.62 -16.54
N PRO A 98 13.42 -0.27 -16.47
CA PRO A 98 14.54 -0.04 -15.58
C PRO A 98 15.47 1.04 -16.14
N SER A 99 15.95 0.80 -17.35
CA SER A 99 16.85 1.75 -18.00
C SER A 99 17.89 2.24 -17.00
N SER A 100 18.84 1.37 -16.70
CA SER A 100 19.90 1.71 -15.77
C SER A 100 20.36 3.15 -16.00
N GLY A 101 20.73 3.80 -14.90
CA GLY A 101 21.18 5.19 -14.96
C GLY A 101 20.00 6.14 -15.03
N GLY A 1 7.79 -34.74 -24.77
CA GLY A 1 6.90 -35.18 -23.72
C GLY A 1 6.97 -34.24 -22.51
N SER A 2 7.31 -34.83 -21.37
CA SER A 2 7.43 -34.06 -20.14
C SER A 2 6.04 -33.58 -19.70
N SER A 3 5.85 -33.53 -18.39
CA SER A 3 4.60 -33.09 -17.83
C SER A 3 4.72 -32.93 -16.31
N GLY A 4 4.19 -31.82 -15.81
CA GLY A 4 4.24 -31.54 -14.39
C GLY A 4 2.93 -30.92 -13.91
N SER A 5 2.99 -30.36 -12.70
CA SER A 5 1.82 -29.73 -12.13
C SER A 5 2.21 -28.92 -10.89
N SER A 6 1.25 -28.17 -10.38
CA SER A 6 1.49 -27.34 -9.21
C SER A 6 0.17 -26.77 -8.69
N GLY A 7 0.24 -26.20 -7.50
CA GLY A 7 -0.94 -25.61 -6.89
C GLY A 7 -0.57 -24.43 -5.98
N LYS A 8 -0.63 -23.24 -6.56
CA LYS A 8 -0.30 -22.04 -5.83
C LYS A 8 -1.27 -21.88 -4.64
N PRO A 9 -0.81 -21.10 -3.62
CA PRO A 9 -1.61 -20.87 -2.44
C PRO A 9 -2.74 -19.87 -2.73
N GLU A 10 -3.37 -19.41 -1.66
CA GLU A 10 -4.46 -18.45 -1.79
C GLU A 10 -5.00 -18.09 -0.41
N PRO A 11 -4.43 -16.99 0.15
CA PRO A 11 -4.85 -16.52 1.46
C PRO A 11 -6.21 -15.82 1.39
N THR A 12 -6.59 -15.21 2.50
CA THR A 12 -7.85 -14.51 2.58
C THR A 12 -7.77 -13.37 3.60
N ASN A 13 -8.90 -12.69 3.77
CA ASN A 13 -8.97 -11.58 4.70
C ASN A 13 -10.38 -11.00 4.70
N SER A 14 -10.66 -10.20 5.72
CA SER A 14 -11.96 -9.57 5.85
C SER A 14 -11.83 -8.24 6.59
N SER A 15 -11.90 -7.16 5.82
CA SER A 15 -11.79 -5.83 6.40
C SER A 15 -10.70 -5.81 7.47
N VAL A 16 -9.50 -5.48 7.02
CA VAL A 16 -8.35 -5.42 7.92
C VAL A 16 -8.38 -4.08 8.66
N GLU A 17 -7.47 -3.96 9.61
CA GLU A 17 -7.38 -2.75 10.41
C GLU A 17 -6.53 -1.70 9.68
N VAL A 18 -6.49 -0.51 10.26
CA VAL A 18 -5.73 0.58 9.68
C VAL A 18 -4.92 1.28 10.78
N SER A 19 -3.69 1.64 10.43
CA SER A 19 -2.82 2.32 11.37
C SER A 19 -2.97 3.83 11.24
N PRO A 20 -2.71 4.54 12.38
CA PRO A 20 -2.82 5.99 12.39
C PRO A 20 -1.63 6.63 11.68
N ASP A 21 -0.56 5.86 11.55
CA ASP A 21 0.63 6.34 10.88
C ASP A 21 0.61 5.92 9.42
N ILE A 22 -0.54 5.38 9.01
CA ILE A 22 -0.71 4.93 7.64
C ILE A 22 -0.06 5.95 6.70
N TYR A 23 -0.22 7.22 7.04
CA TYR A 23 0.33 8.29 6.24
C TYR A 23 1.87 8.21 6.19
N GLN A 24 2.46 8.31 7.36
CA GLN A 24 3.91 8.25 7.48
C GLN A 24 4.44 6.96 6.83
N GLN A 25 3.63 5.92 6.92
CA GLN A 25 3.99 4.63 6.35
C GLN A 25 4.17 4.76 4.82
N VAL A 26 3.13 5.27 4.19
CA VAL A 26 3.15 5.44 2.74
C VAL A 26 4.40 6.24 2.35
N ARG A 27 4.48 7.45 2.87
CA ARG A 27 5.60 8.32 2.59
C ARG A 27 6.91 7.54 2.69
N ASP A 28 7.06 6.82 3.79
CA ASP A 28 8.26 6.03 4.02
C ASP A 28 8.34 4.93 2.97
N GLU A 29 7.21 4.28 2.74
CA GLU A 29 7.14 3.21 1.76
C GLU A 29 7.68 3.69 0.42
N LEU A 30 7.18 4.84 -0.01
CA LEU A 30 7.61 5.42 -1.28
C LEU A 30 9.11 5.64 -1.25
N LYS A 31 9.57 6.26 -0.18
CA LYS A 31 11.00 6.53 -0.02
C LYS A 31 11.76 5.21 0.11
N ARG A 32 11.00 4.14 0.27
CA ARG A 32 11.58 2.82 0.41
C ARG A 32 11.72 2.16 -0.97
N ALA A 33 10.61 2.12 -1.67
CA ALA A 33 10.58 1.52 -3.00
C ALA A 33 11.00 2.57 -4.04
N SER A 34 11.20 3.78 -3.55
CA SER A 34 11.59 4.88 -4.43
C SER A 34 10.60 5.02 -5.58
N VAL A 35 9.33 4.85 -5.24
CA VAL A 35 8.27 4.95 -6.23
C VAL A 35 7.52 6.26 -6.03
N SER A 36 6.76 6.64 -7.06
CA SER A 36 5.99 7.87 -7.00
C SER A 36 4.65 7.61 -6.30
N GLN A 37 4.04 8.70 -5.85
CA GLN A 37 2.76 8.61 -5.16
C GLN A 37 1.71 7.97 -6.08
N ALA A 38 1.90 8.19 -7.37
CA ALA A 38 0.98 7.65 -8.36
C ALA A 38 1.17 6.13 -8.46
N VAL A 39 2.37 5.74 -8.86
CA VAL A 39 2.69 4.34 -8.99
C VAL A 39 2.15 3.58 -7.78
N PHE A 40 2.48 4.08 -6.61
CA PHE A 40 2.04 3.46 -5.37
C PHE A 40 0.50 3.49 -5.26
N ALA A 41 -0.02 4.71 -5.19
CA ALA A 41 -1.46 4.89 -5.08
C ALA A 41 -2.17 3.96 -6.07
N ARG A 42 -1.48 3.69 -7.17
CA ARG A 42 -2.02 2.83 -8.21
C ARG A 42 -1.97 1.36 -7.76
N VAL A 43 -0.86 1.01 -7.13
CA VAL A 43 -0.67 -0.35 -6.64
C VAL A 43 -1.08 -0.41 -5.17
N ALA A 44 -1.67 0.68 -4.70
CA ALA A 44 -2.11 0.76 -3.32
C ALA A 44 -3.62 0.56 -3.26
N PHE A 45 -4.33 1.43 -3.98
CA PHE A 45 -5.77 1.37 -4.02
C PHE A 45 -6.30 1.85 -5.38
N ASN A 46 -5.45 1.73 -6.38
CA ASN A 46 -5.82 2.13 -7.73
C ASN A 46 -6.28 3.59 -7.71
N ARG A 47 -5.34 4.47 -7.38
CA ARG A 47 -5.63 5.89 -7.31
C ARG A 47 -4.51 6.69 -8.00
N THR A 48 -4.68 8.00 -8.00
CA THR A 48 -3.70 8.88 -8.61
C THR A 48 -2.80 9.51 -7.54
N GLN A 49 -2.21 10.64 -7.91
CA GLN A 49 -1.33 11.34 -7.00
C GLN A 49 -2.06 12.54 -6.36
N GLY A 50 -2.70 13.31 -7.21
CA GLY A 50 -3.44 14.48 -6.76
C GLY A 50 -4.31 14.14 -5.55
N LEU A 51 -4.71 12.88 -5.49
CA LEU A 51 -5.54 12.40 -4.39
C LEU A 51 -4.64 11.98 -3.22
N LEU A 52 -3.92 10.91 -3.43
CA LEU A 52 -3.02 10.39 -2.40
C LEU A 52 -2.32 11.57 -1.71
N SER A 53 -2.03 12.59 -2.50
CA SER A 53 -1.37 13.77 -1.98
C SER A 53 -2.27 14.46 -0.94
N GLU A 54 -3.46 14.82 -1.38
CA GLU A 54 -4.41 15.49 -0.51
C GLU A 54 -4.63 14.66 0.76
N ILE A 55 -4.36 13.37 0.64
CA ILE A 55 -4.51 12.48 1.78
C ILE A 55 -3.30 12.62 2.70
N LEU A 56 -2.13 12.69 2.10
CA LEU A 56 -0.89 12.83 2.85
C LEU A 56 -0.78 14.27 3.36
N ARG A 57 -1.62 15.13 2.81
CA ARG A 57 -1.61 16.53 3.20
C ARG A 57 -2.57 16.76 4.37
N LYS A 58 -3.78 16.24 4.22
CA LYS A 58 -4.79 16.38 5.25
C LYS A 58 -4.62 15.26 6.29
N GLU A 59 -4.35 14.07 5.78
CA GLU A 59 -4.17 12.92 6.65
C GLU A 59 -5.46 12.58 7.39
N GLU A 60 -6.55 12.59 6.64
CA GLU A 60 -7.85 12.29 7.22
C GLU A 60 -7.78 11.05 8.10
N ASP A 61 -7.79 11.29 9.40
CA ASP A 61 -7.72 10.20 10.36
C ASP A 61 -8.65 9.07 9.92
N PRO A 62 -8.17 7.81 10.09
CA PRO A 62 -8.94 6.65 9.70
C PRO A 62 -10.05 6.38 10.72
N ARG A 63 -10.11 7.23 11.73
CA ARG A 63 -11.11 7.09 12.78
C ARG A 63 -12.36 7.90 12.40
N THR A 64 -12.13 9.00 11.73
CA THR A 64 -13.24 9.87 11.31
C THR A 64 -13.36 9.87 9.80
N ALA A 65 -12.27 9.51 9.14
CA ALA A 65 -12.24 9.47 7.68
C ALA A 65 -13.56 8.90 7.17
N SER A 66 -13.91 9.29 5.95
CA SER A 66 -15.14 8.83 5.33
C SER A 66 -14.90 7.51 4.60
N GLN A 67 -15.98 6.77 4.43
CA GLN A 67 -15.89 5.48 3.74
C GLN A 67 -15.12 5.63 2.44
N SER A 68 -15.35 6.74 1.77
CA SER A 68 -14.68 7.02 0.51
C SER A 68 -13.16 6.97 0.70
N LEU A 69 -12.73 7.47 1.85
CA LEU A 69 -11.31 7.49 2.16
C LEU A 69 -10.92 6.16 2.79
N LEU A 70 -11.64 5.80 3.85
CA LEU A 70 -11.38 4.55 4.55
C LEU A 70 -11.19 3.43 3.53
N VAL A 71 -12.03 3.44 2.52
CA VAL A 71 -11.97 2.43 1.47
C VAL A 71 -10.54 2.36 0.93
N ASN A 72 -9.94 3.54 0.78
CA ASN A 72 -8.58 3.62 0.27
C ASN A 72 -7.60 3.31 1.39
N LEU A 73 -7.79 3.99 2.52
CA LEU A 73 -6.92 3.80 3.67
C LEU A 73 -6.79 2.30 3.95
N ARG A 74 -7.94 1.64 3.98
CA ARG A 74 -7.96 0.21 4.24
C ARG A 74 -7.13 -0.54 3.19
N ALA A 75 -7.36 -0.17 1.93
CA ALA A 75 -6.65 -0.79 0.83
C ALA A 75 -5.13 -0.63 1.05
N MET A 76 -4.73 0.63 1.18
CA MET A 76 -3.32 0.94 1.39
C MET A 76 -2.71 0.02 2.45
N GLN A 77 -3.27 0.10 3.65
CA GLN A 77 -2.79 -0.71 4.76
C GLN A 77 -2.71 -2.19 4.33
N ASN A 78 -3.57 -2.55 3.40
CA ASN A 78 -3.61 -3.91 2.91
C ASN A 78 -2.43 -4.14 1.95
N PHE A 79 -2.03 -3.06 1.30
CA PHE A 79 -0.92 -3.13 0.36
C PHE A 79 0.42 -3.06 1.09
N LEU A 80 0.44 -2.26 2.16
CA LEU A 80 1.64 -2.09 2.94
C LEU A 80 1.90 -3.37 3.74
N ASN A 81 0.90 -4.24 3.77
CA ASN A 81 1.01 -5.49 4.49
C ASN A 81 1.68 -6.53 3.60
N LEU A 82 1.48 -6.36 2.30
CA LEU A 82 2.07 -7.27 1.33
C LEU A 82 3.52 -7.54 1.70
N PRO A 83 4.09 -8.62 1.07
CA PRO A 83 5.47 -8.99 1.33
C PRO A 83 6.43 -8.03 0.62
N GLU A 84 7.43 -7.58 1.36
CA GLU A 84 8.41 -6.66 0.83
C GLU A 84 8.86 -7.13 -0.56
N VAL A 85 9.03 -8.43 -0.69
CA VAL A 85 9.44 -9.01 -1.95
C VAL A 85 8.44 -8.64 -3.04
N GLU A 86 7.18 -8.67 -2.67
CA GLU A 86 6.11 -8.34 -3.59
C GLU A 86 6.13 -6.84 -3.93
N ARG A 87 5.99 -6.04 -2.88
CA ARG A 87 6.00 -4.59 -3.06
C ARG A 87 7.16 -4.17 -3.95
N ASP A 88 8.34 -4.70 -3.65
CA ASP A 88 9.52 -4.39 -4.42
C ASP A 88 9.25 -4.65 -5.90
N ARG A 89 8.63 -5.79 -6.16
CA ARG A 89 8.31 -6.17 -7.52
C ARG A 89 7.12 -5.33 -8.04
N ILE A 90 6.05 -5.35 -7.28
CA ILE A 90 4.86 -4.62 -7.64
C ILE A 90 5.27 -3.22 -8.13
N TYR A 91 6.05 -2.54 -7.31
CA TYR A 91 6.52 -1.21 -7.64
C TYR A 91 7.24 -1.20 -8.99
N GLN A 92 8.16 -2.15 -9.13
CA GLN A 92 8.93 -2.26 -10.37
C GLN A 92 7.99 -2.41 -11.57
N ASP A 93 7.16 -3.44 -11.50
CA ASP A 93 6.22 -3.71 -12.57
C ASP A 93 5.58 -2.39 -13.01
N GLU A 94 5.03 -1.68 -12.04
CA GLU A 94 4.39 -0.41 -12.32
C GLU A 94 5.29 0.47 -13.19
N ARG A 95 6.45 0.80 -12.63
CA ARG A 95 7.41 1.62 -13.35
C ARG A 95 7.78 0.98 -14.68
N SER A 96 8.12 -0.30 -14.62
CA SER A 96 8.49 -1.03 -15.82
C SER A 96 9.71 -0.39 -16.47
N GLY A 97 10.83 -1.10 -16.42
CA GLY A 97 12.06 -0.61 -17.00
C GLY A 97 13.27 -1.27 -16.35
N PRO A 98 14.48 -0.94 -16.90
CA PRO A 98 15.72 -1.50 -16.39
C PRO A 98 16.10 -0.84 -15.06
N SER A 99 16.45 -1.69 -14.10
CA SER A 99 16.85 -1.20 -12.79
C SER A 99 18.30 -1.58 -12.50
N SER A 100 19.08 -0.58 -12.15
CA SER A 100 20.49 -0.80 -11.84
C SER A 100 20.77 -0.48 -10.37
N GLY A 101 20.47 0.76 -10.01
CA GLY A 101 20.68 1.21 -8.64
C GLY A 101 19.40 1.09 -7.82
N GLY A 1 28.44 -26.00 7.14
CA GLY A 1 27.39 -25.12 6.67
C GLY A 1 26.04 -25.84 6.60
N SER A 2 24.99 -25.06 6.46
CA SER A 2 23.65 -25.61 6.38
C SER A 2 22.64 -24.50 6.03
N SER A 3 21.43 -24.93 5.72
CA SER A 3 20.37 -23.99 5.37
C SER A 3 19.11 -24.76 4.96
N GLY A 4 18.01 -24.01 4.87
CA GLY A 4 16.75 -24.60 4.49
C GLY A 4 15.61 -24.04 5.33
N SER A 5 14.70 -23.34 4.66
CA SER A 5 13.56 -22.75 5.33
C SER A 5 12.56 -22.22 4.30
N SER A 6 11.28 -22.32 4.66
CA SER A 6 10.23 -21.86 3.78
C SER A 6 8.86 -22.17 4.40
N GLY A 7 7.85 -21.45 3.91
CA GLY A 7 6.50 -21.65 4.40
C GLY A 7 6.06 -20.48 5.30
N LYS A 8 4.84 -20.03 5.07
CA LYS A 8 4.30 -18.92 5.84
C LYS A 8 2.82 -18.73 5.49
N PRO A 9 1.95 -19.00 6.49
CA PRO A 9 0.52 -18.87 6.30
C PRO A 9 0.10 -17.40 6.29
N GLU A 10 -0.97 -17.12 5.56
CA GLU A 10 -1.48 -15.76 5.46
C GLU A 10 -2.90 -15.77 4.88
N PRO A 11 -3.70 -14.77 5.34
CA PRO A 11 -5.08 -14.65 4.88
C PRO A 11 -5.13 -14.09 3.46
N THR A 12 -6.32 -13.67 3.06
CA THR A 12 -6.52 -13.12 1.74
C THR A 12 -7.12 -11.71 1.83
N ASN A 13 -8.15 -11.60 2.65
CA ASN A 13 -8.81 -10.31 2.84
C ASN A 13 -10.03 -10.50 3.73
N SER A 14 -10.37 -9.44 4.44
CA SER A 14 -11.52 -9.48 5.34
C SER A 14 -11.50 -8.26 6.26
N SER A 15 -11.87 -7.12 5.69
CA SER A 15 -11.90 -5.87 6.44
C SER A 15 -10.69 -5.81 7.38
N VAL A 16 -9.55 -5.49 6.80
CA VAL A 16 -8.32 -5.38 7.56
C VAL A 16 -8.35 -4.10 8.39
N GLU A 17 -7.38 -3.98 9.29
CA GLU A 17 -7.28 -2.82 10.14
C GLU A 17 -6.47 -1.72 9.46
N VAL A 18 -6.41 -0.57 10.12
CA VAL A 18 -5.68 0.56 9.59
C VAL A 18 -4.90 1.24 10.72
N SER A 19 -3.69 1.67 10.39
CA SER A 19 -2.85 2.33 11.37
C SER A 19 -3.03 3.85 11.27
N PRO A 20 -2.79 4.54 12.41
CA PRO A 20 -2.91 5.98 12.47
C PRO A 20 -1.74 6.66 11.77
N ASP A 21 -0.66 5.92 11.63
CA ASP A 21 0.54 6.43 10.98
C ASP A 21 0.55 6.00 9.52
N ILE A 22 -0.59 5.46 9.08
CA ILE A 22 -0.72 5.00 7.71
C ILE A 22 -0.10 6.03 6.77
N TYR A 23 -0.30 7.30 7.12
CA TYR A 23 0.23 8.40 6.32
C TYR A 23 1.76 8.32 6.24
N GLN A 24 2.39 8.37 7.40
CA GLN A 24 3.83 8.31 7.47
C GLN A 24 4.34 7.01 6.84
N GLN A 25 3.60 5.94 7.08
CA GLN A 25 3.95 4.65 6.55
C GLN A 25 4.15 4.72 5.04
N VAL A 26 3.15 5.25 4.37
CA VAL A 26 3.20 5.39 2.93
C VAL A 26 4.47 6.15 2.53
N ARG A 27 4.50 7.41 2.94
CA ARG A 27 5.65 8.26 2.63
C ARG A 27 6.95 7.47 2.79
N ASP A 28 7.08 6.83 3.95
CA ASP A 28 8.27 6.03 4.23
C ASP A 28 8.36 4.89 3.22
N GLU A 29 7.21 4.29 2.93
CA GLU A 29 7.15 3.19 1.98
C GLU A 29 7.64 3.64 0.61
N LEU A 30 7.17 4.81 0.21
CA LEU A 30 7.55 5.37 -1.08
C LEU A 30 9.06 5.65 -1.08
N LYS A 31 9.51 6.25 0.00
CA LYS A 31 10.92 6.59 0.13
C LYS A 31 11.73 5.29 0.28
N ARG A 32 11.01 4.21 0.48
CA ARG A 32 11.65 2.91 0.64
C ARG A 32 11.85 2.25 -0.72
N ALA A 33 10.77 2.21 -1.49
CA ALA A 33 10.80 1.61 -2.81
C ALA A 33 11.13 2.69 -3.85
N SER A 34 11.28 3.91 -3.36
CA SER A 34 11.59 5.03 -4.22
C SER A 34 10.68 5.02 -5.45
N VAL A 35 9.38 4.88 -5.18
CA VAL A 35 8.40 4.85 -6.26
C VAL A 35 7.67 6.19 -6.30
N SER A 36 6.76 6.31 -7.27
CA SER A 36 6.00 7.53 -7.43
C SER A 36 4.64 7.39 -6.73
N GLN A 37 4.27 8.45 -6.02
CA GLN A 37 3.01 8.46 -5.30
C GLN A 37 1.90 7.85 -6.16
N ALA A 38 2.07 7.99 -7.47
CA ALA A 38 1.09 7.46 -8.40
C ALA A 38 1.22 5.93 -8.45
N VAL A 39 2.40 5.48 -8.86
CA VAL A 39 2.66 4.05 -8.96
C VAL A 39 2.09 3.35 -7.72
N PHE A 40 2.47 3.87 -6.56
CA PHE A 40 2.01 3.31 -5.30
C PHE A 40 0.49 3.38 -5.20
N ALA A 41 -0.03 4.60 -5.16
CA ALA A 41 -1.46 4.81 -5.05
C ALA A 41 -2.18 3.85 -6.01
N ARG A 42 -1.54 3.60 -7.13
CA ARG A 42 -2.11 2.70 -8.13
C ARG A 42 -2.10 1.26 -7.62
N VAL A 43 -0.97 0.89 -7.01
CA VAL A 43 -0.81 -0.45 -6.48
C VAL A 43 -1.23 -0.46 -5.00
N ALA A 44 -1.79 0.67 -4.57
CA ALA A 44 -2.22 0.80 -3.19
C ALA A 44 -3.74 0.64 -3.13
N PHE A 45 -4.43 1.49 -3.88
CA PHE A 45 -5.88 1.45 -3.91
C PHE A 45 -6.41 1.91 -5.28
N ASN A 46 -5.58 1.73 -6.29
CA ASN A 46 -5.94 2.12 -7.64
C ASN A 46 -6.34 3.60 -7.66
N ARG A 47 -5.36 4.44 -7.37
CA ARG A 47 -5.59 5.88 -7.33
C ARG A 47 -4.45 6.60 -8.05
N THR A 48 -4.49 7.93 -7.96
CA THR A 48 -3.47 8.75 -8.59
C THR A 48 -2.53 9.35 -7.54
N GLN A 49 -2.10 10.57 -7.81
CA GLN A 49 -1.20 11.27 -6.90
C GLN A 49 -1.90 12.47 -6.28
N GLY A 50 -2.41 13.33 -7.14
CA GLY A 50 -3.11 14.52 -6.68
C GLY A 50 -4.03 14.20 -5.50
N LEU A 51 -4.47 12.95 -5.45
CA LEU A 51 -5.34 12.51 -4.37
C LEU A 51 -4.50 12.07 -3.19
N LEU A 52 -3.75 10.99 -3.40
CA LEU A 52 -2.89 10.46 -2.37
C LEU A 52 -2.20 11.61 -1.64
N SER A 53 -1.86 12.64 -2.39
CA SER A 53 -1.20 13.80 -1.83
C SER A 53 -2.11 14.47 -0.81
N GLU A 54 -3.29 14.88 -1.26
CA GLU A 54 -4.25 15.53 -0.39
C GLU A 54 -4.50 14.68 0.85
N ILE A 55 -4.38 13.38 0.68
CA ILE A 55 -4.58 12.45 1.79
C ILE A 55 -3.40 12.55 2.75
N LEU A 56 -2.20 12.60 2.17
CA LEU A 56 -0.99 12.69 2.96
C LEU A 56 -0.84 14.12 3.49
N ARG A 57 -1.63 15.02 2.92
CA ARG A 57 -1.60 16.41 3.32
C ARG A 57 -2.61 16.67 4.44
N LYS A 58 -3.82 16.18 4.22
CA LYS A 58 -4.89 16.35 5.19
C LYS A 58 -4.77 15.25 6.25
N GLU A 59 -4.35 14.07 5.81
CA GLU A 59 -4.18 12.95 6.71
C GLU A 59 -5.51 12.64 7.41
N GLU A 60 -6.57 12.61 6.62
CA GLU A 60 -7.89 12.34 7.15
C GLU A 60 -7.85 11.12 8.07
N ASP A 61 -7.92 11.40 9.37
CA ASP A 61 -7.89 10.34 10.36
C ASP A 61 -8.79 9.19 9.91
N PRO A 62 -8.28 7.95 10.09
CA PRO A 62 -9.03 6.76 9.71
C PRO A 62 -10.15 6.48 10.71
N ARG A 63 -10.25 7.34 11.71
CA ARG A 63 -11.27 7.20 12.73
C ARG A 63 -12.54 7.94 12.32
N THR A 64 -12.34 9.06 11.63
CA THR A 64 -13.47 9.86 11.18
C THR A 64 -13.53 9.85 9.64
N ALA A 65 -12.41 9.53 9.04
CA ALA A 65 -12.34 9.48 7.59
C ALA A 65 -13.62 8.84 7.04
N SER A 66 -14.10 9.41 5.94
CA SER A 66 -15.31 8.92 5.31
C SER A 66 -15.04 7.57 4.64
N GLN A 67 -16.11 6.79 4.51
CA GLN A 67 -16.00 5.48 3.90
C GLN A 67 -15.19 5.57 2.59
N SER A 68 -15.43 6.65 1.86
CA SER A 68 -14.74 6.87 0.60
C SER A 68 -13.23 6.79 0.82
N LEU A 69 -12.76 7.53 1.81
CA LEU A 69 -11.34 7.55 2.13
C LEU A 69 -10.95 6.22 2.76
N LEU A 70 -11.66 5.86 3.82
CA LEU A 70 -11.39 4.62 4.52
C LEU A 70 -11.16 3.50 3.49
N VAL A 71 -12.04 3.46 2.50
CA VAL A 71 -11.94 2.46 1.45
C VAL A 71 -10.51 2.41 0.93
N ASN A 72 -9.93 3.59 0.77
CA ASN A 72 -8.57 3.69 0.27
C ASN A 72 -7.59 3.38 1.41
N LEU A 73 -7.81 4.06 2.54
CA LEU A 73 -6.96 3.88 3.69
C LEU A 73 -6.79 2.37 3.95
N ARG A 74 -7.91 1.69 4.03
CA ARG A 74 -7.89 0.25 4.28
C ARG A 74 -7.09 -0.47 3.18
N ALA A 75 -7.34 -0.06 1.95
CA ALA A 75 -6.64 -0.64 0.82
C ALA A 75 -5.14 -0.51 1.02
N MET A 76 -4.70 0.74 1.17
CA MET A 76 -3.29 1.02 1.37
C MET A 76 -2.68 0.07 2.40
N GLN A 77 -3.17 0.18 3.63
CA GLN A 77 -2.69 -0.67 4.71
C GLN A 77 -2.67 -2.13 4.27
N ASN A 78 -3.57 -2.45 3.35
CA ASN A 78 -3.67 -3.81 2.84
C ASN A 78 -2.47 -4.10 1.94
N PHE A 79 -2.04 -3.07 1.23
CA PHE A 79 -0.90 -3.20 0.32
C PHE A 79 0.41 -3.19 1.09
N LEU A 80 0.48 -2.30 2.08
CA LEU A 80 1.67 -2.18 2.91
C LEU A 80 1.91 -3.49 3.66
N ASN A 81 0.88 -4.34 3.64
CA ASN A 81 0.97 -5.63 4.32
C ASN A 81 1.70 -6.62 3.41
N LEU A 82 1.58 -6.39 2.12
CA LEU A 82 2.22 -7.26 1.14
C LEU A 82 3.69 -7.47 1.53
N PRO A 83 4.30 -8.52 0.94
CA PRO A 83 5.69 -8.83 1.22
C PRO A 83 6.63 -7.86 0.52
N GLU A 84 7.59 -7.36 1.26
CA GLU A 84 8.55 -6.41 0.73
C GLU A 84 9.04 -6.88 -0.65
N VAL A 85 9.24 -8.18 -0.76
CA VAL A 85 9.71 -8.76 -2.01
C VAL A 85 8.70 -8.44 -3.12
N GLU A 86 7.43 -8.50 -2.75
CA GLU A 86 6.36 -8.22 -3.70
C GLU A 86 6.32 -6.72 -4.02
N ARG A 87 6.15 -5.92 -2.98
CA ARG A 87 6.09 -4.48 -3.14
C ARG A 87 7.22 -4.00 -4.06
N ASP A 88 8.39 -4.58 -3.84
CA ASP A 88 9.55 -4.21 -4.64
C ASP A 88 9.28 -4.54 -6.11
N ARG A 89 8.69 -5.71 -6.33
CA ARG A 89 8.36 -6.14 -7.68
C ARG A 89 7.17 -5.34 -8.22
N ILE A 90 6.11 -5.31 -7.43
CA ILE A 90 4.91 -4.59 -7.82
C ILE A 90 5.30 -3.23 -8.40
N TYR A 91 6.06 -2.48 -7.60
CA TYR A 91 6.50 -1.16 -8.02
C TYR A 91 7.23 -1.23 -9.37
N GLN A 92 8.14 -2.20 -9.46
CA GLN A 92 8.90 -2.38 -10.68
C GLN A 92 7.97 -2.52 -11.89
N ASP A 93 7.17 -3.57 -11.85
CA ASP A 93 6.23 -3.83 -12.93
C ASP A 93 5.52 -2.53 -13.31
N GLU A 94 4.97 -1.88 -12.30
CA GLU A 94 4.26 -0.62 -12.51
C GLU A 94 5.16 0.36 -13.27
N ARG A 95 6.27 0.69 -12.65
CA ARG A 95 7.22 1.61 -13.26
C ARG A 95 7.59 1.15 -14.66
N SER A 96 8.00 -0.11 -14.74
CA SER A 96 8.40 -0.69 -16.02
C SER A 96 7.82 -2.10 -16.15
N GLY A 97 7.29 -2.38 -17.33
CA GLY A 97 6.70 -3.69 -17.60
C GLY A 97 7.78 -4.69 -18.02
N PRO A 98 7.35 -5.66 -18.86
CA PRO A 98 8.26 -6.69 -19.34
C PRO A 98 9.21 -6.13 -20.41
N SER A 99 10.34 -5.63 -19.95
CA SER A 99 11.33 -5.07 -20.85
C SER A 99 12.53 -6.00 -20.97
N SER A 100 13.16 -6.25 -19.83
CA SER A 100 14.32 -7.12 -19.78
C SER A 100 14.61 -7.53 -18.33
N GLY A 101 14.80 -8.83 -18.16
CA GLY A 101 15.08 -9.37 -16.84
C GLY A 101 13.90 -9.16 -15.90
N GLY A 1 17.19 -29.22 30.48
CA GLY A 1 16.14 -29.70 29.59
C GLY A 1 15.01 -30.36 30.39
N SER A 2 13.97 -30.75 29.67
CA SER A 2 12.83 -31.40 30.29
C SER A 2 11.87 -31.91 29.21
N SER A 3 11.37 -30.99 28.42
CA SER A 3 10.45 -31.34 27.35
C SER A 3 10.02 -30.08 26.59
N GLY A 4 9.41 -30.30 25.43
CA GLY A 4 8.95 -29.20 24.61
C GLY A 4 8.80 -29.63 23.15
N SER A 5 9.08 -28.70 22.26
CA SER A 5 8.98 -28.97 20.83
C SER A 5 7.54 -29.32 20.46
N SER A 6 6.76 -28.28 20.20
CA SER A 6 5.36 -28.46 19.84
C SER A 6 4.70 -27.11 19.61
N GLY A 7 4.08 -26.98 18.45
CA GLY A 7 3.39 -25.74 18.09
C GLY A 7 2.96 -25.76 16.63
N LYS A 8 1.67 -25.99 16.43
CA LYS A 8 1.12 -26.03 15.09
C LYS A 8 0.25 -24.79 14.86
N PRO A 9 0.81 -23.83 14.08
CA PRO A 9 0.10 -22.59 13.78
C PRO A 9 -1.01 -22.85 12.74
N GLU A 10 -1.79 -21.80 12.51
CA GLU A 10 -2.88 -21.88 11.56
C GLU A 10 -2.98 -20.60 10.73
N PRO A 11 -3.47 -20.75 9.48
CA PRO A 11 -3.62 -19.61 8.59
C PRO A 11 -4.82 -18.76 8.99
N THR A 12 -4.74 -18.21 10.19
CA THR A 12 -5.80 -17.36 10.71
C THR A 12 -5.52 -15.90 10.38
N ASN A 13 -6.58 -15.20 9.99
CA ASN A 13 -6.46 -13.78 9.66
C ASN A 13 -7.58 -13.01 10.35
N SER A 14 -7.44 -11.68 10.33
CA SER A 14 -8.43 -10.82 10.95
C SER A 14 -9.22 -10.08 9.88
N SER A 15 -9.95 -9.07 10.31
CA SER A 15 -10.77 -8.27 9.41
C SER A 15 -9.94 -7.10 8.87
N VAL A 16 -8.64 -7.19 9.06
CA VAL A 16 -7.74 -6.15 8.60
C VAL A 16 -8.07 -4.85 9.33
N GLU A 17 -7.02 -4.14 9.71
CA GLU A 17 -7.18 -2.87 10.43
C GLU A 17 -6.45 -1.76 9.68
N VAL A 18 -6.49 -0.57 10.28
CA VAL A 18 -5.83 0.59 9.68
C VAL A 18 -5.10 1.36 10.77
N SER A 19 -3.81 1.56 10.54
CA SER A 19 -2.98 2.28 11.50
C SER A 19 -3.19 3.79 11.33
N PRO A 20 -3.02 4.52 12.47
CA PRO A 20 -3.18 5.96 12.45
C PRO A 20 -1.99 6.64 11.79
N ASP A 21 -0.92 5.88 11.62
CA ASP A 21 0.29 6.40 10.99
C ASP A 21 0.36 5.91 9.55
N ILE A 22 -0.75 5.36 9.09
CA ILE A 22 -0.83 4.85 7.73
C ILE A 22 -0.19 5.86 6.77
N TYR A 23 -0.23 7.12 7.18
CA TYR A 23 0.34 8.17 6.38
C TYR A 23 1.87 8.09 6.36
N GLN A 24 2.45 8.16 7.54
CA GLN A 24 3.90 8.09 7.68
C GLN A 24 4.42 6.79 7.04
N GLN A 25 3.60 5.76 7.14
CA GLN A 25 3.97 4.46 6.59
C GLN A 25 4.13 4.56 5.07
N VAL A 26 3.18 5.25 4.45
CA VAL A 26 3.21 5.42 3.01
C VAL A 26 4.46 6.21 2.61
N ARG A 27 4.52 7.44 3.11
CA ARG A 27 5.66 8.30 2.80
C ARG A 27 6.97 7.53 2.96
N ASP A 28 7.05 6.79 4.07
CA ASP A 28 8.24 6.00 4.36
C ASP A 28 8.33 4.84 3.36
N GLU A 29 7.16 4.38 2.93
CA GLU A 29 7.10 3.28 1.98
C GLU A 29 7.59 3.74 0.60
N LEU A 30 7.09 4.90 0.19
CA LEU A 30 7.47 5.45 -1.09
C LEU A 30 8.97 5.74 -1.10
N LYS A 31 9.42 6.37 -0.02
CA LYS A 31 10.83 6.71 0.12
C LYS A 31 11.66 5.43 0.21
N ARG A 32 10.96 4.31 0.38
CA ARG A 32 11.61 3.02 0.49
C ARG A 32 11.76 2.39 -0.90
N ALA A 33 10.65 2.31 -1.60
CA ALA A 33 10.65 1.72 -2.93
C ALA A 33 11.00 2.81 -3.95
N SER A 34 11.14 4.03 -3.45
CA SER A 34 11.47 5.16 -4.31
C SER A 34 10.50 5.21 -5.49
N VAL A 35 9.23 5.02 -5.20
CA VAL A 35 8.20 5.05 -6.24
C VAL A 35 7.44 6.37 -6.17
N SER A 36 6.66 6.61 -7.21
CA SER A 36 5.88 7.84 -7.28
C SER A 36 4.54 7.64 -6.57
N GLN A 37 4.14 8.67 -5.83
CA GLN A 37 2.88 8.63 -5.09
C GLN A 37 1.79 8.01 -5.96
N ALA A 38 1.95 8.19 -7.26
CA ALA A 38 0.97 7.66 -8.21
C ALA A 38 1.17 6.15 -8.36
N VAL A 39 2.39 5.78 -8.73
CA VAL A 39 2.72 4.38 -8.90
C VAL A 39 2.18 3.57 -7.71
N PHE A 40 2.47 4.08 -6.52
CA PHE A 40 2.02 3.42 -5.30
C PHE A 40 0.49 3.46 -5.20
N ALA A 41 -0.04 4.67 -5.07
CA ALA A 41 -1.47 4.85 -4.96
C ALA A 41 -2.18 3.88 -5.90
N ARG A 42 -1.53 3.61 -7.03
CA ARG A 42 -2.09 2.70 -8.01
C ARG A 42 -2.03 1.26 -7.49
N VAL A 43 -0.84 0.87 -7.05
CA VAL A 43 -0.64 -0.47 -6.53
C VAL A 43 -1.04 -0.51 -5.05
N ALA A 44 -1.61 0.60 -4.61
CA ALA A 44 -2.04 0.71 -3.22
C ALA A 44 -3.56 0.52 -3.13
N PHE A 45 -4.26 1.38 -3.87
CA PHE A 45 -5.72 1.32 -3.89
C PHE A 45 -6.26 1.80 -5.24
N ASN A 46 -5.43 1.66 -6.26
CA ASN A 46 -5.81 2.07 -7.60
C ASN A 46 -6.22 3.54 -7.59
N ARG A 47 -5.25 4.39 -7.29
CA ARG A 47 -5.50 5.82 -7.23
C ARG A 47 -4.38 6.58 -7.95
N THR A 48 -4.46 7.90 -7.87
CA THR A 48 -3.47 8.75 -8.51
C THR A 48 -2.47 9.27 -7.47
N GLN A 49 -1.69 10.26 -7.89
CA GLN A 49 -0.70 10.85 -7.01
C GLN A 49 -1.25 12.12 -6.36
N GLY A 50 -1.98 12.88 -7.15
CA GLY A 50 -2.57 14.12 -6.66
C GLY A 50 -3.52 13.85 -5.49
N LEU A 51 -4.05 12.63 -5.48
CA LEU A 51 -4.97 12.24 -4.43
C LEU A 51 -4.19 11.80 -3.19
N LEU A 52 -3.37 10.78 -3.38
CA LEU A 52 -2.55 10.26 -2.30
C LEU A 52 -1.88 11.42 -1.57
N SER A 53 -1.44 12.39 -2.36
CA SER A 53 -0.78 13.56 -1.80
C SER A 53 -1.72 14.29 -0.84
N GLU A 54 -2.96 14.44 -1.29
CA GLU A 54 -3.96 15.12 -0.49
C GLU A 54 -4.23 14.34 0.80
N ILE A 55 -4.04 13.03 0.71
CA ILE A 55 -4.27 12.15 1.84
C ILE A 55 -3.08 12.27 2.80
N LEU A 56 -1.95 12.66 2.25
CA LEU A 56 -0.73 12.82 3.04
C LEU A 56 -0.65 14.26 3.56
N ARG A 57 -1.48 15.11 2.98
CA ARG A 57 -1.50 16.52 3.36
C ARG A 57 -2.57 16.74 4.44
N LYS A 58 -3.74 16.18 4.19
CA LYS A 58 -4.85 16.32 5.13
C LYS A 58 -4.74 15.24 6.20
N GLU A 59 -4.42 14.03 5.74
CA GLU A 59 -4.28 12.91 6.65
C GLU A 59 -5.62 12.61 7.34
N GLU A 60 -6.67 12.60 6.54
CA GLU A 60 -8.00 12.34 7.05
C GLU A 60 -7.98 11.12 7.97
N ASP A 61 -8.07 11.39 9.26
CA ASP A 61 -8.06 10.32 10.25
C ASP A 61 -8.95 9.18 9.78
N PRO A 62 -8.45 7.94 9.97
CA PRO A 62 -9.19 6.75 9.56
C PRO A 62 -10.35 6.48 10.52
N ARG A 63 -10.48 7.35 11.52
CA ARG A 63 -11.53 7.20 12.51
C ARG A 63 -12.78 7.95 12.05
N THR A 64 -12.56 9.07 11.39
CA THR A 64 -13.66 9.89 10.90
C THR A 64 -13.67 9.90 9.36
N ALA A 65 -12.52 9.58 8.79
CA ALA A 65 -12.38 9.55 7.35
C ALA A 65 -13.65 8.94 6.73
N SER A 66 -14.06 9.54 5.62
CA SER A 66 -15.25 9.07 4.92
C SER A 66 -14.98 7.69 4.31
N GLN A 67 -16.03 6.88 4.29
CA GLN A 67 -15.93 5.54 3.72
C GLN A 67 -15.10 5.57 2.44
N SER A 68 -15.35 6.59 1.64
CA SER A 68 -14.63 6.75 0.38
C SER A 68 -13.12 6.70 0.62
N LEU A 69 -12.70 7.42 1.65
CA LEU A 69 -11.29 7.47 2.00
C LEU A 69 -10.89 6.17 2.69
N LEU A 70 -11.64 5.86 3.75
CA LEU A 70 -11.37 4.64 4.51
C LEU A 70 -11.11 3.48 3.53
N VAL A 71 -11.96 3.40 2.53
CA VAL A 71 -11.83 2.35 1.53
C VAL A 71 -10.38 2.29 1.03
N ASN A 72 -9.82 3.47 0.81
CA ASN A 72 -8.44 3.57 0.34
C ASN A 72 -7.50 3.32 1.51
N LEU A 73 -7.74 4.03 2.59
CA LEU A 73 -6.91 3.90 3.78
C LEU A 73 -6.74 2.42 4.11
N ARG A 74 -7.85 1.70 4.08
CA ARG A 74 -7.83 0.28 4.37
C ARG A 74 -7.03 -0.47 3.30
N ALA A 75 -7.28 -0.09 2.06
CA ALA A 75 -6.60 -0.71 0.93
C ALA A 75 -5.09 -0.59 1.12
N MET A 76 -4.65 0.65 1.29
CA MET A 76 -3.23 0.92 1.49
C MET A 76 -2.63 -0.01 2.53
N GLN A 77 -3.17 0.09 3.75
CA GLN A 77 -2.69 -0.73 4.84
C GLN A 77 -2.63 -2.20 4.42
N ASN A 78 -3.50 -2.54 3.48
CA ASN A 78 -3.56 -3.90 2.99
C ASN A 78 -2.34 -4.17 2.09
N PHE A 79 -1.93 -3.12 1.38
CA PHE A 79 -0.79 -3.23 0.50
C PHE A 79 0.53 -3.21 1.28
N LEU A 80 0.56 -2.34 2.28
CA LEU A 80 1.74 -2.21 3.12
C LEU A 80 1.94 -3.50 3.92
N ASN A 81 0.92 -4.34 3.88
CA ASN A 81 0.97 -5.60 4.59
C ASN A 81 1.68 -6.65 3.73
N LEU A 82 1.84 -6.31 2.46
CA LEU A 82 2.50 -7.20 1.52
C LEU A 82 4.00 -7.22 1.81
N PRO A 83 4.66 -8.32 1.35
CA PRO A 83 6.09 -8.48 1.56
C PRO A 83 6.88 -7.57 0.62
N GLU A 84 7.98 -7.03 1.15
CA GLU A 84 8.83 -6.15 0.37
C GLU A 84 9.01 -6.70 -1.04
N VAL A 85 9.23 -8.00 -1.12
CA VAL A 85 9.42 -8.66 -2.40
C VAL A 85 8.26 -8.32 -3.32
N GLU A 86 7.06 -8.33 -2.75
CA GLU A 86 5.86 -8.02 -3.50
C GLU A 86 5.87 -6.56 -3.94
N ARG A 87 5.91 -5.67 -2.95
CA ARG A 87 5.93 -4.25 -3.22
C ARG A 87 7.07 -3.90 -4.17
N ASP A 88 8.23 -4.48 -3.91
CA ASP A 88 9.40 -4.25 -4.73
C ASP A 88 9.06 -4.51 -6.19
N ARG A 89 8.58 -5.71 -6.45
CA ARG A 89 8.20 -6.10 -7.80
C ARG A 89 6.98 -5.30 -8.26
N ILE A 90 5.97 -5.28 -7.40
CA ILE A 90 4.75 -4.57 -7.70
C ILE A 90 5.09 -3.18 -8.28
N TYR A 91 5.90 -2.45 -7.53
CA TYR A 91 6.31 -1.13 -7.94
C TYR A 91 6.99 -1.17 -9.32
N GLN A 92 7.91 -2.11 -9.45
CA GLN A 92 8.64 -2.27 -10.71
C GLN A 92 7.66 -2.48 -11.86
N ASP A 93 6.81 -3.50 -11.71
CA ASP A 93 5.83 -3.81 -12.72
C ASP A 93 5.11 -2.54 -13.15
N GLU A 94 4.82 -1.70 -12.16
CA GLU A 94 4.13 -0.46 -12.42
C GLU A 94 4.91 0.38 -13.43
N ARG A 95 6.08 0.85 -13.00
CA ARG A 95 6.93 1.66 -13.86
C ARG A 95 7.19 0.93 -15.17
N SER A 96 7.64 -0.32 -15.04
CA SER A 96 7.94 -1.13 -16.21
C SER A 96 6.72 -1.19 -17.13
N GLY A 97 6.75 -0.33 -18.15
CA GLY A 97 5.66 -0.27 -19.11
C GLY A 97 5.16 1.16 -19.29
N PRO A 98 4.08 1.31 -20.10
CA PRO A 98 3.50 2.61 -20.36
C PRO A 98 2.70 3.11 -19.15
N SER A 99 3.04 4.32 -18.73
CA SER A 99 2.37 4.92 -17.58
C SER A 99 2.95 6.32 -17.33
N SER A 100 2.08 7.19 -16.82
CA SER A 100 2.49 8.55 -16.52
C SER A 100 1.41 9.23 -15.66
N GLY A 101 1.88 10.10 -14.77
CA GLY A 101 0.98 10.82 -13.89
C GLY A 101 0.67 10.01 -12.63
N GLY A 1 28.51 -25.76 9.63
CA GLY A 1 27.41 -24.91 9.20
C GLY A 1 26.08 -25.68 9.27
N SER A 2 25.12 -25.08 9.97
CA SER A 2 23.81 -25.69 10.11
C SER A 2 22.72 -24.61 10.04
N SER A 3 21.55 -25.04 9.59
CA SER A 3 20.42 -24.13 9.45
C SER A 3 19.22 -24.86 8.87
N GLY A 4 18.07 -24.18 8.91
CA GLY A 4 16.85 -24.76 8.38
C GLY A 4 15.64 -23.91 8.77
N SER A 5 14.56 -24.60 9.12
CA SER A 5 13.34 -23.93 9.51
C SER A 5 12.75 -23.17 8.31
N SER A 6 11.43 -23.18 8.25
CA SER A 6 10.73 -22.49 7.17
C SER A 6 9.22 -22.67 7.32
N GLY A 7 8.48 -21.76 6.70
CA GLY A 7 7.03 -21.81 6.77
C GLY A 7 6.41 -20.73 5.87
N LYS A 8 5.09 -20.80 5.74
CA LYS A 8 4.36 -19.85 4.93
C LYS A 8 2.96 -19.65 5.49
N PRO A 9 2.52 -18.36 5.50
CA PRO A 9 1.20 -18.03 6.02
C PRO A 9 0.10 -18.44 5.03
N GLU A 10 -1.11 -18.03 5.34
CA GLU A 10 -2.25 -18.34 4.49
C GLU A 10 -2.96 -17.06 4.05
N PRO A 11 -3.57 -17.13 2.85
CA PRO A 11 -4.29 -15.99 2.30
C PRO A 11 -5.62 -15.79 3.01
N THR A 12 -5.83 -14.57 3.49
CA THR A 12 -7.06 -14.23 4.19
C THR A 12 -7.26 -12.72 4.22
N ASN A 13 -8.42 -12.30 3.74
CA ASN A 13 -8.74 -10.88 3.71
C ASN A 13 -10.19 -10.68 4.16
N SER A 14 -10.41 -9.58 4.86
CA SER A 14 -11.75 -9.26 5.35
C SER A 14 -11.70 -7.98 6.19
N SER A 15 -11.91 -6.86 5.52
CA SER A 15 -11.91 -5.57 6.18
C SER A 15 -10.76 -5.52 7.20
N VAL A 16 -9.56 -5.32 6.68
CA VAL A 16 -8.39 -5.24 7.53
C VAL A 16 -8.42 -3.94 8.33
N GLU A 17 -7.49 -3.83 9.27
CA GLU A 17 -7.41 -2.65 10.10
C GLU A 17 -6.56 -1.57 9.43
N VAL A 18 -6.54 -0.39 10.04
CA VAL A 18 -5.78 0.72 9.49
C VAL A 18 -5.04 1.42 10.64
N SER A 19 -3.78 1.74 10.38
CA SER A 19 -2.97 2.42 11.36
C SER A 19 -3.12 3.93 11.23
N PRO A 20 -2.88 4.65 12.37
CA PRO A 20 -2.98 6.09 12.39
C PRO A 20 -1.80 6.74 11.68
N ASP A 21 -0.70 5.99 11.61
CA ASP A 21 0.50 6.47 10.96
C ASP A 21 0.49 6.05 9.49
N ILE A 22 -0.65 5.55 9.05
CA ILE A 22 -0.80 5.10 7.68
C ILE A 22 -0.16 6.12 6.74
N TYR A 23 -0.29 7.38 7.13
CA TYR A 23 0.28 8.47 6.33
C TYR A 23 1.81 8.41 6.32
N GLN A 24 2.37 8.47 7.52
CA GLN A 24 3.82 8.42 7.66
C GLN A 24 4.37 7.11 7.10
N GLN A 25 3.52 6.09 7.14
CA GLN A 25 3.91 4.78 6.65
C GLN A 25 4.11 4.83 5.13
N VAL A 26 3.12 5.40 4.45
CA VAL A 26 3.19 5.50 3.00
C VAL A 26 4.47 6.23 2.61
N ARG A 27 4.62 7.44 3.12
CA ARG A 27 5.79 8.25 2.82
C ARG A 27 7.06 7.41 2.98
N ASP A 28 7.09 6.62 4.06
CA ASP A 28 8.23 5.77 4.34
C ASP A 28 8.32 4.67 3.27
N GLU A 29 7.15 4.18 2.89
CA GLU A 29 7.07 3.13 1.89
C GLU A 29 7.64 3.62 0.56
N LEU A 30 7.21 4.82 0.18
CA LEU A 30 7.66 5.41 -1.07
C LEU A 30 9.17 5.66 -0.99
N LYS A 31 9.60 6.13 0.17
CA LYS A 31 11.01 6.40 0.38
C LYS A 31 11.78 5.09 0.45
N ARG A 32 11.02 4.00 0.55
CA ARG A 32 11.62 2.67 0.63
C ARG A 32 11.75 2.07 -0.76
N ALA A 33 10.65 2.09 -1.50
CA ALA A 33 10.62 1.55 -2.84
C ALA A 33 11.03 2.63 -3.83
N SER A 34 11.20 3.84 -3.31
CA SER A 34 11.57 4.97 -4.13
C SER A 34 10.64 5.08 -5.34
N VAL A 35 9.35 4.94 -5.05
CA VAL A 35 8.34 5.02 -6.09
C VAL A 35 7.58 6.35 -5.95
N SER A 36 6.75 6.62 -6.95
CA SER A 36 5.97 7.84 -6.96
C SER A 36 4.59 7.58 -6.34
N GLN A 37 4.13 8.54 -5.56
CA GLN A 37 2.82 8.43 -4.92
C GLN A 37 1.82 7.78 -5.87
N ALA A 38 1.92 8.16 -7.14
CA ALA A 38 1.03 7.63 -8.15
C ALA A 38 1.23 6.12 -8.27
N VAL A 39 2.41 5.74 -8.73
CA VAL A 39 2.74 4.34 -8.88
C VAL A 39 2.19 3.56 -7.69
N PHE A 40 2.50 4.04 -6.50
CA PHE A 40 2.05 3.40 -5.28
C PHE A 40 0.52 3.43 -5.19
N ALA A 41 -0.02 4.64 -5.19
CA ALA A 41 -1.46 4.82 -5.10
C ALA A 41 -2.15 3.90 -6.12
N ARG A 42 -1.41 3.59 -7.18
CA ARG A 42 -1.93 2.73 -8.23
C ARG A 42 -1.89 1.27 -7.78
N VAL A 43 -0.85 0.94 -7.02
CA VAL A 43 -0.70 -0.41 -6.51
C VAL A 43 -1.13 -0.46 -5.05
N ALA A 44 -1.69 0.64 -4.59
CA ALA A 44 -2.15 0.73 -3.21
C ALA A 44 -3.66 0.56 -3.17
N PHE A 45 -4.34 1.44 -3.91
CA PHE A 45 -5.79 1.39 -3.97
C PHE A 45 -6.30 1.88 -5.32
N ASN A 46 -5.47 1.69 -6.33
CA ASN A 46 -5.82 2.10 -7.68
C ASN A 46 -6.23 3.58 -7.67
N ARG A 47 -5.25 4.42 -7.35
CA ARG A 47 -5.50 5.86 -7.30
C ARG A 47 -4.32 6.62 -7.92
N THR A 48 -4.49 7.92 -8.04
CA THR A 48 -3.46 8.76 -8.61
C THR A 48 -2.60 9.37 -7.49
N GLN A 49 -1.86 10.41 -7.87
CA GLN A 49 -1.00 11.09 -6.91
C GLN A 49 -1.73 12.27 -6.28
N GLY A 50 -2.18 13.18 -7.13
CA GLY A 50 -2.90 14.35 -6.67
C GLY A 50 -3.82 14.01 -5.49
N LEU A 51 -4.35 12.80 -5.54
CA LEU A 51 -5.24 12.33 -4.49
C LEU A 51 -4.41 11.90 -3.29
N LEU A 52 -3.69 10.80 -3.46
CA LEU A 52 -2.87 10.27 -2.39
C LEU A 52 -2.15 11.43 -1.69
N SER A 53 -1.73 12.40 -2.49
CA SER A 53 -1.05 13.56 -1.95
C SER A 53 -1.92 14.26 -0.90
N GLU A 54 -3.14 14.55 -1.30
CA GLU A 54 -4.08 15.21 -0.40
C GLU A 54 -4.32 14.34 0.84
N ILE A 55 -4.24 13.04 0.65
CA ILE A 55 -4.44 12.10 1.74
C ILE A 55 -3.25 12.19 2.70
N LEU A 56 -2.14 12.65 2.16
CA LEU A 56 -0.92 12.77 2.95
C LEU A 56 -0.81 14.21 3.48
N ARG A 57 -1.55 15.11 2.83
CA ARG A 57 -1.55 16.50 3.22
C ARG A 57 -2.59 16.75 4.32
N LYS A 58 -3.78 16.21 4.09
CA LYS A 58 -4.86 16.36 5.05
C LYS A 58 -4.74 15.28 6.12
N GLU A 59 -4.33 14.10 5.69
CA GLU A 59 -4.17 12.97 6.61
C GLU A 59 -5.50 12.69 7.32
N GLU A 60 -6.57 12.67 6.54
CA GLU A 60 -7.89 12.41 7.08
C GLU A 60 -7.85 11.20 8.01
N ASP A 61 -7.90 11.48 9.31
CA ASP A 61 -7.87 10.42 10.30
C ASP A 61 -8.79 9.28 9.87
N PRO A 62 -8.31 8.03 10.08
CA PRO A 62 -9.07 6.85 9.71
C PRO A 62 -10.22 6.62 10.70
N ARG A 63 -10.27 7.48 11.71
CA ARG A 63 -11.31 7.38 12.72
C ARG A 63 -12.54 8.19 12.32
N THR A 64 -12.28 9.27 11.60
CA THR A 64 -13.35 10.13 11.14
C THR A 64 -13.48 10.07 9.61
N ALA A 65 -12.38 9.71 8.97
CA ALA A 65 -12.34 9.60 7.53
C ALA A 65 -13.67 9.00 7.04
N SER A 66 -14.00 9.33 5.80
CA SER A 66 -15.23 8.84 5.20
C SER A 66 -14.99 7.48 4.56
N GLN A 67 -16.06 6.71 4.44
CA GLN A 67 -15.98 5.39 3.86
C GLN A 67 -15.20 5.44 2.54
N SER A 68 -15.46 6.49 1.77
CA SER A 68 -14.79 6.66 0.50
C SER A 68 -13.27 6.63 0.69
N LEU A 69 -12.82 7.34 1.73
CA LEU A 69 -11.41 7.40 2.03
C LEU A 69 -10.98 6.09 2.70
N LEU A 70 -11.65 5.77 3.80
CA LEU A 70 -11.35 4.56 4.54
C LEU A 70 -11.17 3.40 3.55
N VAL A 71 -12.03 3.37 2.54
CA VAL A 71 -11.97 2.34 1.53
C VAL A 71 -10.55 2.25 0.97
N ASN A 72 -9.99 3.43 0.71
CA ASN A 72 -8.64 3.50 0.17
C ASN A 72 -7.63 3.17 1.27
N LEU A 73 -7.82 3.82 2.41
CA LEU A 73 -6.93 3.61 3.55
C LEU A 73 -6.75 2.10 3.77
N ARG A 74 -7.89 1.43 3.91
CA ARG A 74 -7.87 -0.01 4.13
C ARG A 74 -6.97 -0.70 3.10
N ALA A 75 -7.20 -0.35 1.83
CA ALA A 75 -6.42 -0.93 0.75
C ALA A 75 -4.94 -0.67 1.00
N MET A 76 -4.61 0.60 1.18
CA MET A 76 -3.24 1.00 1.42
C MET A 76 -2.60 0.12 2.50
N GLN A 77 -3.13 0.23 3.71
CA GLN A 77 -2.63 -0.56 4.83
C GLN A 77 -2.56 -2.04 4.45
N ASN A 78 -3.51 -2.45 3.63
CA ASN A 78 -3.57 -3.83 3.19
C ASN A 78 -2.42 -4.10 2.21
N PHE A 79 -2.10 -3.08 1.43
CA PHE A 79 -1.03 -3.20 0.46
C PHE A 79 0.34 -3.12 1.14
N LEU A 80 0.40 -2.31 2.19
CA LEU A 80 1.64 -2.15 2.93
C LEU A 80 1.95 -3.42 3.70
N ASN A 81 0.95 -4.29 3.75
CA ASN A 81 1.11 -5.56 4.46
C ASN A 81 1.81 -6.56 3.55
N LEU A 82 1.66 -6.34 2.26
CA LEU A 82 2.28 -7.22 1.27
C LEU A 82 3.76 -7.40 1.61
N PRO A 83 4.37 -8.45 1.00
CA PRO A 83 5.77 -8.74 1.23
C PRO A 83 6.67 -7.74 0.49
N GLU A 84 7.66 -7.25 1.22
CA GLU A 84 8.59 -6.28 0.65
C GLU A 84 9.04 -6.74 -0.74
N VAL A 85 9.25 -8.05 -0.85
CA VAL A 85 9.69 -8.62 -2.12
C VAL A 85 8.64 -8.32 -3.20
N GLU A 86 7.38 -8.39 -2.79
CA GLU A 86 6.28 -8.14 -3.70
C GLU A 86 6.22 -6.65 -4.05
N ARG A 87 6.06 -5.84 -3.01
CA ARG A 87 5.99 -4.40 -3.20
C ARG A 87 7.10 -3.93 -4.14
N ASP A 88 8.29 -4.46 -3.92
CA ASP A 88 9.43 -4.11 -4.74
C ASP A 88 9.13 -4.42 -6.20
N ARG A 89 8.53 -5.59 -6.42
CA ARG A 89 8.18 -6.02 -7.76
C ARG A 89 6.96 -5.24 -8.26
N ILE A 90 5.91 -5.26 -7.45
CA ILE A 90 4.68 -4.57 -7.80
C ILE A 90 5.03 -3.21 -8.39
N TYR A 91 5.86 -2.47 -7.66
CA TYR A 91 6.26 -1.15 -8.11
C TYR A 91 6.98 -1.22 -9.46
N GLN A 92 7.91 -2.15 -9.56
CA GLN A 92 8.66 -2.34 -10.79
C GLN A 92 7.71 -2.58 -11.96
N ASP A 93 6.75 -3.46 -11.73
CA ASP A 93 5.77 -3.79 -12.75
C ASP A 93 5.00 -2.53 -13.15
N GLU A 94 4.75 -1.69 -12.15
CA GLU A 94 4.03 -0.45 -12.39
C GLU A 94 4.75 0.39 -13.45
N ARG A 95 5.94 0.85 -13.08
CA ARG A 95 6.73 1.66 -13.99
C ARG A 95 7.17 0.83 -15.21
N SER A 96 7.75 -0.32 -14.92
CA SER A 96 8.21 -1.21 -15.98
C SER A 96 9.26 -0.51 -16.83
N GLY A 97 10.21 -1.29 -17.32
CA GLY A 97 11.28 -0.75 -18.14
C GLY A 97 12.62 -0.81 -17.40
N PRO A 98 13.66 -0.23 -18.07
CA PRO A 98 14.99 -0.19 -17.48
C PRO A 98 15.08 0.85 -16.37
N SER A 99 14.61 2.05 -16.70
CA SER A 99 14.63 3.14 -15.75
C SER A 99 13.96 2.71 -14.44
N SER A 100 14.63 2.99 -13.34
CA SER A 100 14.11 2.64 -12.03
C SER A 100 15.01 3.22 -10.93
N GLY A 101 16.27 2.83 -10.98
CA GLY A 101 17.24 3.29 -10.00
C GLY A 101 17.32 2.34 -8.81
N GLY A 1 19.49 -37.36 7.83
CA GLY A 1 18.45 -36.34 7.93
C GLY A 1 17.44 -36.49 6.80
N SER A 2 17.20 -35.37 6.12
CA SER A 2 16.25 -35.35 5.02
C SER A 2 14.83 -35.54 5.53
N SER A 3 14.13 -34.43 5.64
CA SER A 3 12.75 -34.45 6.12
C SER A 3 12.24 -33.04 6.34
N GLY A 4 10.94 -32.87 6.15
CA GLY A 4 10.32 -31.57 6.32
C GLY A 4 9.31 -31.29 5.20
N SER A 5 9.39 -30.08 4.66
CA SER A 5 8.49 -29.67 3.60
C SER A 5 7.04 -29.71 4.09
N SER A 6 6.50 -28.51 4.27
CA SER A 6 5.12 -28.38 4.73
C SER A 6 4.84 -26.93 5.11
N GLY A 7 3.58 -26.53 4.92
CA GLY A 7 3.16 -25.18 5.24
C GLY A 7 2.41 -24.55 4.06
N LYS A 8 1.14 -24.90 3.95
CA LYS A 8 0.31 -24.38 2.89
C LYS A 8 -0.51 -23.19 3.42
N PRO A 9 -0.19 -21.99 2.87
CA PRO A 9 -0.88 -20.78 3.27
C PRO A 9 -2.29 -20.73 2.67
N GLU A 10 -3.00 -19.68 3.04
CA GLU A 10 -4.36 -19.48 2.54
C GLU A 10 -4.80 -18.04 2.74
N PRO A 11 -5.30 -17.43 1.63
CA PRO A 11 -5.77 -16.06 1.66
C PRO A 11 -7.12 -15.95 2.37
N THR A 12 -7.32 -14.82 3.03
CA THR A 12 -8.56 -14.58 3.76
C THR A 12 -8.63 -13.12 4.22
N ASN A 13 -8.80 -12.23 3.26
CA ASN A 13 -8.88 -10.81 3.56
C ASN A 13 -10.28 -10.31 3.23
N SER A 14 -10.56 -9.09 3.68
CA SER A 14 -11.86 -8.49 3.44
C SER A 14 -11.88 -7.05 3.96
N SER A 15 -11.63 -6.94 5.26
CA SER A 15 -11.61 -5.64 5.91
C SER A 15 -10.56 -5.61 7.02
N VAL A 16 -9.32 -5.35 6.62
CA VAL A 16 -8.22 -5.30 7.56
C VAL A 16 -8.29 -4.00 8.35
N GLU A 17 -7.34 -3.84 9.26
CA GLU A 17 -7.28 -2.64 10.07
C GLU A 17 -6.45 -1.56 9.39
N VAL A 18 -6.40 -0.39 10.02
CA VAL A 18 -5.64 0.72 9.48
C VAL A 18 -4.89 1.41 10.61
N SER A 19 -3.65 1.77 10.32
CA SER A 19 -2.81 2.44 11.31
C SER A 19 -2.98 3.96 11.19
N PRO A 20 -2.73 4.65 12.33
CA PRO A 20 -2.85 6.10 12.37
C PRO A 20 -1.67 6.77 11.65
N ASP A 21 -0.61 6.00 11.48
CA ASP A 21 0.59 6.50 10.83
C ASP A 21 0.58 6.04 9.37
N ILE A 22 -0.55 5.50 8.95
CA ILE A 22 -0.69 5.02 7.59
C ILE A 22 -0.11 6.05 6.62
N TYR A 23 -0.25 7.31 7.00
CA TYR A 23 0.24 8.40 6.18
C TYR A 23 1.77 8.37 6.11
N GLN A 24 2.39 8.38 7.27
CA GLN A 24 3.85 8.36 7.35
C GLN A 24 4.38 7.05 6.75
N GLN A 25 3.62 5.99 6.95
CA GLN A 25 4.00 4.68 6.43
C GLN A 25 4.14 4.73 4.92
N VAL A 26 3.17 5.38 4.28
CA VAL A 26 3.17 5.50 2.84
C VAL A 26 4.43 6.24 2.39
N ARG A 27 4.54 7.49 2.84
CA ARG A 27 5.69 8.31 2.49
C ARG A 27 6.98 7.50 2.63
N ASP A 28 7.15 6.89 3.78
CA ASP A 28 8.33 6.09 4.05
C ASP A 28 8.42 4.96 3.02
N GLU A 29 7.26 4.40 2.71
CA GLU A 29 7.19 3.33 1.74
C GLU A 29 7.70 3.80 0.37
N LEU A 30 7.26 4.98 -0.02
CA LEU A 30 7.65 5.56 -1.28
C LEU A 30 9.17 5.76 -1.29
N LYS A 31 9.66 6.34 -0.21
CA LYS A 31 11.09 6.60 -0.07
C LYS A 31 11.83 5.26 0.02
N ARG A 32 11.06 4.20 0.19
CA ARG A 32 11.63 2.88 0.29
C ARG A 32 11.74 2.24 -1.10
N ALA A 33 10.63 2.23 -1.81
CA ALA A 33 10.59 1.66 -3.14
C ALA A 33 11.00 2.72 -4.16
N SER A 34 11.17 3.93 -3.66
CA SER A 34 11.55 5.05 -4.52
C SER A 34 10.57 5.18 -5.67
N VAL A 35 9.30 5.01 -5.34
CA VAL A 35 8.24 5.11 -6.35
C VAL A 35 7.48 6.42 -6.15
N SER A 36 6.71 6.78 -7.17
CA SER A 36 5.93 8.01 -7.11
C SER A 36 4.56 7.72 -6.48
N GLN A 37 4.12 8.66 -5.66
CA GLN A 37 2.85 8.53 -4.97
C GLN A 37 1.81 7.92 -5.92
N ALA A 38 1.94 8.25 -7.20
CA ALA A 38 1.03 7.74 -8.20
C ALA A 38 1.21 6.23 -8.32
N VAL A 39 2.37 5.83 -8.80
CA VAL A 39 2.68 4.42 -8.97
C VAL A 39 2.15 3.64 -7.77
N PHE A 40 2.44 4.16 -6.58
CA PHE A 40 2.01 3.53 -5.35
C PHE A 40 0.48 3.53 -5.25
N ALA A 41 -0.08 4.73 -5.25
CA ALA A 41 -1.53 4.89 -5.17
C ALA A 41 -2.20 3.90 -6.11
N ARG A 42 -1.49 3.58 -7.18
CA ARG A 42 -2.00 2.64 -8.17
C ARG A 42 -1.92 1.22 -7.65
N VAL A 43 -0.82 0.93 -6.96
CA VAL A 43 -0.61 -0.40 -6.41
C VAL A 43 -1.03 -0.40 -4.93
N ALA A 44 -1.61 0.71 -4.53
CA ALA A 44 -2.07 0.85 -3.15
C ALA A 44 -3.59 0.66 -3.10
N PHE A 45 -4.28 1.48 -3.86
CA PHE A 45 -5.74 1.42 -3.91
C PHE A 45 -6.26 1.89 -5.27
N ASN A 46 -5.44 1.70 -6.29
CA ASN A 46 -5.81 2.09 -7.64
C ASN A 46 -6.22 3.56 -7.64
N ARG A 47 -5.25 4.41 -7.33
CA ARG A 47 -5.50 5.84 -7.29
C ARG A 47 -4.36 6.60 -7.97
N THR A 48 -4.45 7.92 -7.90
CA THR A 48 -3.43 8.77 -8.51
C THR A 48 -2.51 9.35 -7.43
N GLN A 49 -1.92 10.49 -7.77
CA GLN A 49 -1.01 11.16 -6.84
C GLN A 49 -1.72 12.33 -6.16
N GLY A 50 -2.16 13.26 -6.98
CA GLY A 50 -2.86 14.44 -6.49
C GLY A 50 -3.79 14.07 -5.33
N LEU A 51 -4.27 12.84 -5.36
CA LEU A 51 -5.16 12.36 -4.32
C LEU A 51 -4.34 11.92 -3.11
N LEU A 52 -3.56 10.87 -3.31
CA LEU A 52 -2.72 10.34 -2.24
C LEU A 52 -2.03 11.50 -1.52
N SER A 53 -1.56 12.45 -2.31
CA SER A 53 -0.88 13.61 -1.76
C SER A 53 -1.77 14.31 -0.74
N GLU A 54 -3.05 14.43 -1.09
CA GLU A 54 -4.00 15.06 -0.21
C GLU A 54 -4.24 14.21 1.04
N ILE A 55 -4.09 12.90 0.84
CA ILE A 55 -4.28 11.97 1.94
C ILE A 55 -3.09 12.05 2.90
N LEU A 56 -2.01 12.62 2.39
CA LEU A 56 -0.80 12.77 3.19
C LEU A 56 -0.73 14.21 3.73
N ARG A 57 -1.52 15.08 3.12
CA ARG A 57 -1.56 16.47 3.52
C ARG A 57 -2.60 16.68 4.61
N LYS A 58 -3.80 16.19 4.33
CA LYS A 58 -4.90 16.31 5.27
C LYS A 58 -4.82 15.18 6.30
N GLU A 59 -4.31 14.05 5.85
CA GLU A 59 -4.17 12.89 6.73
C GLU A 59 -5.50 12.56 7.39
N GLU A 60 -6.55 12.54 6.57
CA GLU A 60 -7.88 12.25 7.07
C GLU A 60 -7.84 11.03 7.99
N ASP A 61 -7.94 11.29 9.28
CA ASP A 61 -7.91 10.23 10.28
C ASP A 61 -8.81 9.08 9.80
N PRO A 62 -8.29 7.83 9.97
CA PRO A 62 -9.03 6.65 9.57
C PRO A 62 -10.16 6.34 10.56
N ARG A 63 -10.25 7.19 11.58
CA ARG A 63 -11.27 7.02 12.59
C ARG A 63 -12.53 7.82 12.22
N THR A 64 -12.29 8.95 11.55
CA THR A 64 -13.39 9.80 11.13
C THR A 64 -13.49 9.84 9.60
N ALA A 65 -12.41 9.40 8.97
CA ALA A 65 -12.36 9.37 7.52
C ALA A 65 -13.69 8.87 6.97
N SER A 66 -13.91 9.13 5.68
CA SER A 66 -15.13 8.70 5.03
C SER A 66 -14.90 7.38 4.29
N GLN A 67 -15.99 6.66 4.10
CA GLN A 67 -15.92 5.38 3.40
C GLN A 67 -15.08 5.51 2.13
N SER A 68 -15.30 6.61 1.43
CA SER A 68 -14.57 6.86 0.19
C SER A 68 -13.07 6.80 0.46
N LEU A 69 -12.68 7.33 1.60
CA LEU A 69 -11.28 7.35 1.98
C LEU A 69 -10.91 6.02 2.65
N LEU A 70 -11.69 5.67 3.66
CA LEU A 70 -11.47 4.43 4.38
C LEU A 70 -11.22 3.30 3.37
N VAL A 71 -12.03 3.29 2.33
CA VAL A 71 -11.92 2.27 1.29
C VAL A 71 -10.47 2.23 0.79
N ASN A 72 -9.89 3.41 0.65
CA ASN A 72 -8.51 3.52 0.19
C ASN A 72 -7.56 3.18 1.34
N LEU A 73 -7.80 3.81 2.48
CA LEU A 73 -6.98 3.58 3.65
C LEU A 73 -6.78 2.08 3.85
N ARG A 74 -7.89 1.36 3.89
CA ARG A 74 -7.84 -0.08 4.07
C ARG A 74 -7.00 -0.73 2.96
N ALA A 75 -7.25 -0.29 1.74
CA ALA A 75 -6.52 -0.80 0.59
C ALA A 75 -5.02 -0.56 0.79
N MET A 76 -4.70 0.67 1.15
CA MET A 76 -3.32 1.05 1.37
C MET A 76 -2.66 0.14 2.41
N GLN A 77 -3.16 0.23 3.64
CA GLN A 77 -2.64 -0.58 4.71
C GLN A 77 -2.57 -2.05 4.30
N ASN A 78 -3.49 -2.43 3.42
CA ASN A 78 -3.54 -3.80 2.93
C ASN A 78 -2.33 -4.06 2.03
N PHE A 79 -1.97 -3.04 1.26
CA PHE A 79 -0.84 -3.13 0.35
C PHE A 79 0.48 -3.03 1.10
N LEU A 80 0.49 -2.17 2.11
CA LEU A 80 1.68 -1.96 2.92
C LEU A 80 1.91 -3.19 3.79
N ASN A 81 0.90 -4.04 3.87
CA ASN A 81 0.98 -5.25 4.65
C ASN A 81 1.67 -6.34 3.84
N LEU A 82 1.58 -6.20 2.52
CA LEU A 82 2.19 -7.16 1.62
C LEU A 82 3.68 -7.28 1.93
N PRO A 83 4.29 -8.40 1.45
CA PRO A 83 5.71 -8.63 1.66
C PRO A 83 6.55 -7.74 0.76
N GLU A 84 7.65 -7.24 1.33
CA GLU A 84 8.54 -6.37 0.59
C GLU A 84 8.76 -6.92 -0.82
N VAL A 85 8.94 -8.23 -0.90
CA VAL A 85 9.15 -8.88 -2.19
C VAL A 85 8.03 -8.50 -3.14
N GLU A 86 6.82 -8.48 -2.60
CA GLU A 86 5.64 -8.13 -3.39
C GLU A 86 5.71 -6.67 -3.82
N ARG A 87 5.74 -5.80 -2.81
CA ARG A 87 5.79 -4.37 -3.07
C ARG A 87 6.97 -4.03 -3.98
N ASP A 88 8.11 -4.63 -3.65
CA ASP A 88 9.32 -4.41 -4.42
C ASP A 88 9.02 -4.67 -5.91
N ARG A 89 8.51 -5.86 -6.18
CA ARG A 89 8.18 -6.23 -7.54
C ARG A 89 7.01 -5.40 -8.06
N ILE A 90 5.99 -5.30 -7.23
CA ILE A 90 4.80 -4.53 -7.58
C ILE A 90 5.23 -3.17 -8.14
N TYR A 91 5.98 -2.44 -7.31
CA TYR A 91 6.46 -1.13 -7.70
C TYR A 91 7.18 -1.19 -9.06
N GLN A 92 8.05 -2.17 -9.18
CA GLN A 92 8.81 -2.33 -10.41
C GLN A 92 7.87 -2.57 -11.58
N ASP A 93 6.85 -3.39 -11.33
CA ASP A 93 5.88 -3.71 -12.36
C ASP A 93 5.17 -2.43 -12.80
N GLU A 94 4.83 -1.61 -11.80
CA GLU A 94 4.14 -0.35 -12.07
C GLU A 94 5.00 0.52 -13.00
N ARG A 95 6.20 0.82 -12.53
CA ARG A 95 7.12 1.64 -13.29
C ARG A 95 7.15 1.19 -14.76
N SER A 96 7.35 -0.11 -14.94
CA SER A 96 7.40 -0.67 -16.28
C SER A 96 7.82 -2.15 -16.20
N GLY A 97 6.83 -3.02 -16.16
CA GLY A 97 7.08 -4.45 -16.08
C GLY A 97 8.26 -4.74 -15.15
N PRO A 98 8.83 -5.97 -15.33
CA PRO A 98 9.95 -6.40 -14.51
C PRO A 98 11.24 -5.69 -14.96
N SER A 99 12.16 -5.56 -14.02
CA SER A 99 13.43 -4.90 -14.29
C SER A 99 13.20 -3.47 -14.76
N SER A 100 14.25 -2.67 -14.66
CA SER A 100 14.17 -1.28 -15.07
C SER A 100 15.13 -1.02 -16.24
N GLY A 101 14.74 -0.05 -17.07
CA GLY A 101 15.55 0.30 -18.23
C GLY A 101 14.79 1.25 -19.16
N GLY A 1 2.65 -23.78 8.79
CA GLY A 1 1.39 -24.35 9.21
C GLY A 1 0.39 -23.26 9.58
N SER A 2 -0.46 -22.91 8.62
CA SER A 2 -1.46 -21.88 8.84
C SER A 2 -2.71 -22.20 8.02
N SER A 3 -3.86 -21.95 8.63
CA SER A 3 -5.13 -22.20 7.97
C SER A 3 -6.21 -21.26 8.54
N GLY A 4 -7.30 -21.16 7.79
CA GLY A 4 -8.41 -20.31 8.21
C GLY A 4 -8.72 -19.26 7.14
N SER A 5 -9.99 -19.20 6.77
CA SER A 5 -10.43 -18.25 5.76
C SER A 5 -11.95 -18.30 5.63
N SER A 6 -12.57 -17.14 5.80
CA SER A 6 -14.02 -17.03 5.71
C SER A 6 -14.46 -15.60 6.02
N GLY A 7 -15.64 -15.27 5.53
CA GLY A 7 -16.19 -13.93 5.74
C GLY A 7 -17.16 -13.56 4.62
N LYS A 8 -17.42 -12.26 4.53
CA LYS A 8 -18.32 -11.76 3.51
C LYS A 8 -17.69 -11.95 2.13
N PRO A 9 -18.57 -12.09 1.10
CA PRO A 9 -18.10 -12.29 -0.26
C PRO A 9 -17.59 -10.97 -0.85
N GLU A 10 -16.26 -10.87 -0.87
CA GLU A 10 -15.62 -9.67 -1.40
C GLU A 10 -14.10 -9.85 -1.45
N PRO A 11 -13.46 -9.12 -2.39
CA PRO A 11 -12.01 -9.20 -2.54
C PRO A 11 -11.30 -8.45 -1.42
N THR A 12 -11.28 -9.08 -0.25
CA THR A 12 -10.63 -8.47 0.91
C THR A 12 -9.97 -9.55 1.77
N ASN A 13 -9.93 -9.29 3.07
CA ASN A 13 -9.33 -10.23 4.00
C ASN A 13 -10.30 -10.49 5.14
N SER A 14 -10.57 -9.44 5.91
CA SER A 14 -11.48 -9.54 7.04
C SER A 14 -11.43 -8.26 7.87
N SER A 15 -11.84 -7.18 7.25
CA SER A 15 -11.85 -5.88 7.91
C SER A 15 -10.57 -5.71 8.73
N VAL A 16 -9.47 -5.54 8.02
CA VAL A 16 -8.18 -5.36 8.65
C VAL A 16 -8.17 -4.03 9.42
N GLU A 17 -7.15 -3.87 10.26
CA GLU A 17 -7.02 -2.67 11.05
C GLU A 17 -6.11 -1.66 10.33
N VAL A 18 -6.46 -0.39 10.47
CA VAL A 18 -5.70 0.68 9.83
C VAL A 18 -4.94 1.45 10.92
N SER A 19 -3.68 1.71 10.64
CA SER A 19 -2.83 2.43 11.56
C SER A 19 -3.03 3.94 11.38
N PRO A 20 -2.85 4.68 12.50
CA PRO A 20 -3.01 6.13 12.48
C PRO A 20 -1.80 6.80 11.80
N ASP A 21 -0.78 6.00 11.57
CA ASP A 21 0.43 6.50 10.94
C ASP A 21 0.47 6.01 9.49
N ILE A 22 -0.64 5.46 9.04
CA ILE A 22 -0.74 4.96 7.68
C ILE A 22 -0.10 5.95 6.72
N TYR A 23 -0.17 7.22 7.10
CA TYR A 23 0.41 8.28 6.28
C TYR A 23 1.92 8.17 6.25
N GLN A 24 2.52 8.28 7.43
CA GLN A 24 3.97 8.21 7.55
C GLN A 24 4.48 6.91 6.93
N GLN A 25 3.70 5.86 7.08
CA GLN A 25 4.06 4.56 6.55
C GLN A 25 4.23 4.64 5.03
N VAL A 26 3.28 5.32 4.39
CA VAL A 26 3.31 5.48 2.95
C VAL A 26 4.62 6.17 2.55
N ARG A 27 4.76 7.41 3.00
CA ARG A 27 5.94 8.18 2.69
C ARG A 27 7.20 7.33 2.89
N ASP A 28 7.24 6.64 4.01
CA ASP A 28 8.37 5.79 4.34
C ASP A 28 8.48 4.68 3.29
N GLU A 29 7.31 4.19 2.88
CA GLU A 29 7.26 3.12 1.90
C GLU A 29 7.76 3.63 0.54
N LEU A 30 7.27 4.80 0.16
CA LEU A 30 7.66 5.40 -1.10
C LEU A 30 9.16 5.69 -1.08
N LYS A 31 9.61 6.24 0.03
CA LYS A 31 11.02 6.57 0.19
C LYS A 31 11.83 5.28 0.25
N ARG A 32 11.12 4.17 0.38
CA ARG A 32 11.76 2.87 0.45
C ARG A 32 11.92 2.28 -0.95
N ALA A 33 10.81 2.23 -1.67
CA ALA A 33 10.82 1.69 -3.02
C ALA A 33 11.14 2.81 -4.01
N SER A 34 11.28 4.01 -3.47
CA SER A 34 11.58 5.18 -4.29
C SER A 34 10.65 5.21 -5.51
N VAL A 35 9.37 5.02 -5.24
CA VAL A 35 8.37 5.03 -6.30
C VAL A 35 7.60 6.35 -6.25
N SER A 36 6.68 6.50 -7.19
CA SER A 36 5.88 7.71 -7.28
C SER A 36 4.53 7.49 -6.58
N GLN A 37 4.14 8.49 -5.80
CA GLN A 37 2.88 8.42 -5.07
C GLN A 37 1.80 7.81 -5.95
N ALA A 38 1.89 8.09 -7.24
CA ALA A 38 0.92 7.55 -8.20
C ALA A 38 1.07 6.04 -8.29
N VAL A 39 2.24 5.62 -8.77
CA VAL A 39 2.53 4.20 -8.92
C VAL A 39 2.01 3.45 -7.69
N PHE A 40 2.44 3.92 -6.53
CA PHE A 40 2.03 3.31 -5.28
C PHE A 40 0.50 3.35 -5.12
N ALA A 41 -0.03 4.56 -5.18
CA ALA A 41 -1.46 4.76 -5.05
C ALA A 41 -2.20 3.84 -6.03
N ARG A 42 -1.51 3.55 -7.14
CA ARG A 42 -2.08 2.69 -8.15
C ARG A 42 -2.03 1.22 -7.71
N VAL A 43 -0.98 0.90 -6.97
CA VAL A 43 -0.80 -0.46 -6.47
C VAL A 43 -1.19 -0.51 -4.99
N ALA A 44 -1.75 0.60 -4.52
CA ALA A 44 -2.17 0.69 -3.14
C ALA A 44 -3.69 0.54 -3.06
N PHE A 45 -4.38 1.42 -3.78
CA PHE A 45 -5.84 1.39 -3.81
C PHE A 45 -6.37 1.85 -5.16
N ASN A 46 -5.54 1.67 -6.18
CA ASN A 46 -5.93 2.06 -7.53
C ASN A 46 -6.32 3.54 -7.53
N ARG A 47 -5.34 4.38 -7.25
CA ARG A 47 -5.56 5.81 -7.22
C ARG A 47 -4.37 6.56 -7.84
N THR A 48 -4.53 7.87 -7.92
CA THR A 48 -3.48 8.70 -8.49
C THR A 48 -2.64 9.34 -7.37
N GLN A 49 -1.70 10.18 -7.80
CA GLN A 49 -0.83 10.86 -6.85
C GLN A 49 -1.52 12.11 -6.29
N GLY A 50 -2.12 12.87 -7.20
CA GLY A 50 -2.81 14.09 -6.82
C GLY A 50 -3.76 13.84 -5.65
N LEU A 51 -4.29 12.62 -5.62
CA LEU A 51 -5.21 12.25 -4.55
C LEU A 51 -4.41 11.88 -3.30
N LEU A 52 -3.61 10.83 -3.43
CA LEU A 52 -2.79 10.36 -2.33
C LEU A 52 -2.09 11.56 -1.68
N SER A 53 -1.80 12.55 -2.50
CA SER A 53 -1.14 13.74 -2.02
C SER A 53 -2.05 14.50 -1.04
N GLU A 54 -3.27 14.72 -1.48
CA GLU A 54 -4.24 15.41 -0.65
C GLU A 54 -4.48 14.64 0.65
N ILE A 55 -4.26 13.34 0.58
CA ILE A 55 -4.44 12.49 1.74
C ILE A 55 -3.25 12.64 2.67
N LEU A 56 -2.07 12.68 2.08
CA LEU A 56 -0.84 12.83 2.84
C LEU A 56 -0.72 14.27 3.33
N ARG A 57 -1.55 15.13 2.76
CA ARG A 57 -1.54 16.53 3.13
C ARG A 57 -2.53 16.79 4.27
N LYS A 58 -3.74 16.28 4.09
CA LYS A 58 -4.77 16.44 5.10
C LYS A 58 -4.63 15.35 6.16
N GLU A 59 -4.38 14.14 5.68
CA GLU A 59 -4.21 13.01 6.58
C GLU A 59 -5.53 12.71 7.30
N GLU A 60 -6.61 12.72 6.54
CA GLU A 60 -7.92 12.46 7.10
C GLU A 60 -7.87 11.23 8.02
N ASP A 61 -7.91 11.50 9.31
CA ASP A 61 -7.88 10.43 10.30
C ASP A 61 -8.79 9.29 9.84
N PRO A 62 -8.29 8.05 10.05
CA PRO A 62 -9.04 6.87 9.67
C PRO A 62 -10.19 6.61 10.65
N ARG A 63 -10.29 7.49 11.63
CA ARG A 63 -11.33 7.37 12.64
C ARG A 63 -12.59 8.12 12.19
N THR A 64 -12.37 9.19 11.45
CA THR A 64 -13.47 10.00 10.96
C THR A 64 -13.55 9.92 9.43
N ALA A 65 -12.42 9.59 8.82
CA ALA A 65 -12.36 9.47 7.38
C ALA A 65 -13.64 8.80 6.87
N SER A 66 -14.12 9.30 5.74
CA SER A 66 -15.33 8.75 5.14
C SER A 66 -15.04 7.38 4.53
N GLN A 67 -16.09 6.58 4.42
CA GLN A 67 -15.96 5.25 3.86
C GLN A 67 -15.14 5.29 2.57
N SER A 68 -15.50 6.22 1.70
CA SER A 68 -14.80 6.38 0.44
C SER A 68 -13.29 6.38 0.67
N LEU A 69 -12.86 7.25 1.58
CA LEU A 69 -11.45 7.36 1.91
C LEU A 69 -11.00 6.10 2.65
N LEU A 70 -11.75 5.76 3.69
CA LEU A 70 -11.45 4.58 4.49
C LEU A 70 -11.13 3.40 3.56
N VAL A 71 -11.96 3.26 2.53
CA VAL A 71 -11.77 2.19 1.57
C VAL A 71 -10.33 2.20 1.07
N ASN A 72 -9.81 3.40 0.89
CA ASN A 72 -8.45 3.57 0.41
C ASN A 72 -7.48 3.30 1.57
N LEU A 73 -7.73 3.99 2.68
CA LEU A 73 -6.89 3.84 3.86
C LEU A 73 -6.74 2.35 4.19
N ARG A 74 -7.87 1.66 4.17
CA ARG A 74 -7.89 0.24 4.47
C ARG A 74 -7.09 -0.53 3.41
N ALA A 75 -7.27 -0.13 2.17
CA ALA A 75 -6.58 -0.77 1.06
C ALA A 75 -5.06 -0.61 1.25
N MET A 76 -4.63 0.64 1.35
CA MET A 76 -3.23 0.95 1.54
C MET A 76 -2.61 0.02 2.60
N GLN A 77 -3.19 0.08 3.79
CA GLN A 77 -2.71 -0.74 4.89
C GLN A 77 -2.66 -2.21 4.48
N ASN A 78 -3.55 -2.56 3.57
CA ASN A 78 -3.63 -3.93 3.09
C ASN A 78 -2.46 -4.20 2.14
N PHE A 79 -2.12 -3.17 1.37
CA PHE A 79 -1.02 -3.28 0.42
C PHE A 79 0.33 -3.21 1.13
N LEU A 80 0.39 -2.37 2.15
CA LEU A 80 1.61 -2.20 2.91
C LEU A 80 1.86 -3.46 3.75
N ASN A 81 0.84 -4.31 3.81
CA ASN A 81 0.94 -5.54 4.56
C ASN A 81 1.62 -6.61 3.69
N LEU A 82 1.63 -6.35 2.40
CA LEU A 82 2.23 -7.28 1.46
C LEU A 82 3.74 -7.37 1.74
N PRO A 83 4.35 -8.47 1.23
CA PRO A 83 5.78 -8.70 1.41
C PRO A 83 6.60 -7.76 0.52
N GLU A 84 7.69 -7.28 1.08
CA GLU A 84 8.59 -6.39 0.34
C GLU A 84 8.77 -6.90 -1.08
N VAL A 85 8.94 -8.21 -1.20
CA VAL A 85 9.14 -8.83 -2.50
C VAL A 85 7.98 -8.44 -3.42
N GLU A 86 6.79 -8.42 -2.86
CA GLU A 86 5.60 -8.07 -3.62
C GLU A 86 5.64 -6.59 -4.02
N ARG A 87 5.68 -5.75 -3.01
CA ARG A 87 5.73 -4.31 -3.22
C ARG A 87 6.90 -3.95 -4.13
N ASP A 88 8.03 -4.59 -3.85
CA ASP A 88 9.24 -4.34 -4.63
C ASP A 88 8.95 -4.63 -6.11
N ARG A 89 8.39 -5.80 -6.35
CA ARG A 89 8.06 -6.21 -7.70
C ARG A 89 6.92 -5.36 -8.25
N ILE A 90 5.88 -5.23 -7.44
CA ILE A 90 4.71 -4.45 -7.83
C ILE A 90 5.18 -3.09 -8.38
N TYR A 91 5.91 -2.38 -7.54
CA TYR A 91 6.41 -1.06 -7.92
C TYR A 91 7.15 -1.14 -9.26
N GLN A 92 8.01 -2.14 -9.38
CA GLN A 92 8.79 -2.32 -10.60
C GLN A 92 7.85 -2.39 -11.80
N ASP A 93 7.03 -3.42 -11.83
CA ASP A 93 6.09 -3.61 -12.92
C ASP A 93 5.47 -2.27 -13.30
N GLU A 94 4.88 -1.63 -12.29
CA GLU A 94 4.25 -0.33 -12.50
C GLU A 94 5.21 0.62 -13.21
N ARG A 95 6.27 0.96 -12.51
CA ARG A 95 7.28 1.86 -13.07
C ARG A 95 7.65 1.44 -14.48
N SER A 96 7.95 0.15 -14.62
CA SER A 96 8.33 -0.40 -15.91
C SER A 96 9.61 0.27 -16.42
N GLY A 97 10.73 -0.13 -15.82
CA GLY A 97 12.01 0.42 -16.20
C GLY A 97 13.16 -0.50 -15.75
N PRO A 98 14.37 -0.20 -16.29
CA PRO A 98 15.54 -0.99 -15.96
C PRO A 98 16.05 -0.68 -14.55
N SER A 99 15.87 -1.64 -13.66
CA SER A 99 16.30 -1.47 -12.29
C SER A 99 16.50 -2.84 -11.63
N SER A 100 17.68 -3.03 -11.07
CA SER A 100 18.00 -4.28 -10.40
C SER A 100 17.31 -4.36 -9.05
N GLY A 101 16.91 -5.57 -8.68
CA GLY A 101 16.23 -5.78 -7.41
C GLY A 101 14.80 -6.27 -7.63
N GLY A 1 -7.51 -8.29 27.83
CA GLY A 1 -8.07 -9.44 27.13
C GLY A 1 -8.86 -9.00 25.89
N SER A 2 -9.53 -9.96 25.27
CA SER A 2 -10.31 -9.69 24.09
C SER A 2 -11.04 -10.96 23.64
N SER A 3 -12.22 -10.77 23.08
CA SER A 3 -13.02 -11.89 22.61
C SER A 3 -13.74 -11.50 21.32
N GLY A 4 -14.17 -12.52 20.58
CA GLY A 4 -14.87 -12.30 19.33
C GLY A 4 -16.29 -11.78 19.59
N SER A 5 -16.95 -11.40 18.50
CA SER A 5 -18.31 -10.89 18.59
C SER A 5 -18.97 -10.91 17.22
N SER A 6 -20.29 -10.98 17.24
CA SER A 6 -21.06 -11.02 16.01
C SER A 6 -20.99 -9.65 15.32
N GLY A 7 -21.33 -9.65 14.04
CA GLY A 7 -21.32 -8.43 13.25
C GLY A 7 -21.38 -8.74 11.76
N LYS A 8 -21.98 -7.81 11.02
CA LYS A 8 -22.10 -7.96 9.58
C LYS A 8 -20.79 -7.55 8.91
N PRO A 9 -20.70 -7.88 7.59
CA PRO A 9 -19.51 -7.56 6.82
C PRO A 9 -19.46 -6.07 6.49
N GLU A 10 -18.24 -5.58 6.24
CA GLU A 10 -18.05 -4.19 5.91
C GLU A 10 -17.78 -4.03 4.40
N PRO A 11 -17.83 -2.75 3.94
CA PRO A 11 -17.58 -2.46 2.54
C PRO A 11 -16.09 -2.55 2.22
N THR A 12 -15.54 -3.74 2.42
CA THR A 12 -14.13 -3.96 2.15
C THR A 12 -13.91 -5.38 1.62
N ASN A 13 -12.70 -5.62 1.13
CA ASN A 13 -12.35 -6.92 0.59
C ASN A 13 -12.91 -8.01 1.51
N SER A 14 -12.58 -7.89 2.78
CA SER A 14 -13.05 -8.85 3.77
C SER A 14 -13.01 -8.24 5.16
N SER A 15 -11.82 -7.78 5.54
CA SER A 15 -11.63 -7.17 6.85
C SER A 15 -10.16 -6.85 7.07
N VAL A 16 -9.88 -5.56 7.21
CA VAL A 16 -8.51 -5.10 7.43
C VAL A 16 -8.53 -3.82 8.26
N GLU A 17 -7.58 -3.73 9.18
CA GLU A 17 -7.47 -2.56 10.04
C GLU A 17 -6.63 -1.49 9.36
N VAL A 18 -6.59 -0.32 10.00
CA VAL A 18 -5.83 0.80 9.47
C VAL A 18 -5.08 1.48 10.62
N SER A 19 -3.82 1.78 10.37
CA SER A 19 -2.99 2.44 11.37
C SER A 19 -3.12 3.96 11.24
N PRO A 20 -2.88 4.65 12.39
CA PRO A 20 -2.98 6.10 12.42
C PRO A 20 -1.76 6.73 11.75
N ASP A 21 -0.75 5.91 11.52
CA ASP A 21 0.47 6.38 10.89
C ASP A 21 0.49 5.95 9.42
N ILE A 22 -0.66 5.44 8.98
CA ILE A 22 -0.79 4.99 7.60
C ILE A 22 -0.16 6.01 6.67
N TYR A 23 -0.24 7.27 7.07
CA TYR A 23 0.32 8.36 6.28
C TYR A 23 1.84 8.31 6.28
N GLN A 24 2.41 8.42 7.47
CA GLN A 24 3.86 8.38 7.62
C GLN A 24 4.40 7.04 7.12
N GLN A 25 3.52 6.04 7.11
CA GLN A 25 3.92 4.72 6.66
C GLN A 25 4.10 4.71 5.14
N VAL A 26 3.23 5.43 4.46
CA VAL A 26 3.28 5.53 3.01
C VAL A 26 4.57 6.24 2.60
N ARG A 27 4.66 7.50 3.02
CA ARG A 27 5.82 8.32 2.70
C ARG A 27 7.10 7.49 2.85
N ASP A 28 7.18 6.77 3.96
CA ASP A 28 8.33 5.93 4.24
C ASP A 28 8.40 4.80 3.22
N GLU A 29 7.23 4.26 2.91
CA GLU A 29 7.15 3.17 1.96
C GLU A 29 7.64 3.62 0.58
N LEU A 30 7.19 4.81 0.19
CA LEU A 30 7.58 5.37 -1.09
C LEU A 30 9.09 5.59 -1.11
N LYS A 31 9.59 6.16 -0.02
CA LYS A 31 11.02 6.44 0.10
C LYS A 31 11.77 5.11 0.22
N ARG A 32 11.01 4.04 0.41
CA ARG A 32 11.59 2.72 0.54
C ARG A 32 11.74 2.07 -0.84
N ALA A 33 10.65 2.07 -1.59
CA ALA A 33 10.66 1.49 -2.92
C ALA A 33 10.99 2.58 -3.94
N SER A 34 11.17 3.79 -3.44
CA SER A 34 11.50 4.92 -4.29
C SER A 34 10.57 4.94 -5.51
N VAL A 35 9.28 4.85 -5.23
CA VAL A 35 8.28 4.85 -6.28
C VAL A 35 7.60 6.22 -6.33
N SER A 36 6.72 6.38 -7.30
CA SER A 36 5.99 7.63 -7.46
C SER A 36 4.65 7.55 -6.73
N GLN A 37 4.31 8.66 -6.07
CA GLN A 37 3.06 8.72 -5.33
C GLN A 37 1.91 8.15 -6.16
N ALA A 38 2.10 8.18 -7.47
CA ALA A 38 1.09 7.68 -8.38
C ALA A 38 1.24 6.15 -8.50
N VAL A 39 2.46 5.74 -8.81
CA VAL A 39 2.74 4.32 -8.96
C VAL A 39 2.18 3.56 -7.74
N PHE A 40 2.49 4.10 -6.57
CA PHE A 40 2.02 3.49 -5.34
C PHE A 40 0.50 3.52 -5.24
N ALA A 41 -0.03 4.73 -5.18
CA ALA A 41 -1.48 4.91 -5.09
C ALA A 41 -2.17 4.02 -6.13
N ARG A 42 -1.42 3.71 -7.19
CA ARG A 42 -1.94 2.88 -8.25
C ARG A 42 -1.89 1.41 -7.84
N VAL A 43 -0.82 1.05 -7.14
CA VAL A 43 -0.65 -0.31 -6.68
C VAL A 43 -1.04 -0.41 -5.21
N ALA A 44 -1.59 0.68 -4.71
CA ALA A 44 -2.02 0.73 -3.31
C ALA A 44 -3.53 0.56 -3.24
N PHE A 45 -4.23 1.44 -3.94
CA PHE A 45 -5.69 1.39 -3.96
C PHE A 45 -6.23 1.88 -5.30
N ASN A 46 -5.40 1.74 -6.33
CA ASN A 46 -5.78 2.17 -7.67
C ASN A 46 -6.21 3.63 -7.63
N ARG A 47 -5.25 4.49 -7.33
CA ARG A 47 -5.50 5.92 -7.25
C ARG A 47 -4.36 6.70 -7.93
N THR A 48 -4.54 8.01 -7.96
CA THR A 48 -3.54 8.88 -8.57
C THR A 48 -2.63 9.47 -7.50
N GLN A 49 -2.06 10.62 -7.83
CA GLN A 49 -1.17 11.30 -6.90
C GLN A 49 -1.88 12.48 -6.23
N GLY A 50 -2.46 13.33 -7.07
CA GLY A 50 -3.18 14.49 -6.58
C GLY A 50 -4.09 14.11 -5.40
N LEU A 51 -4.53 12.86 -5.41
CA LEU A 51 -5.40 12.37 -4.36
C LEU A 51 -4.54 11.92 -3.16
N LEU A 52 -3.74 10.89 -3.41
CA LEU A 52 -2.88 10.36 -2.36
C LEU A 52 -2.22 11.52 -1.61
N SER A 53 -1.81 12.53 -2.37
CA SER A 53 -1.17 13.68 -1.79
C SER A 53 -2.10 14.36 -0.79
N GLU A 54 -3.23 14.82 -1.30
CA GLU A 54 -4.22 15.48 -0.45
C GLU A 54 -4.46 14.66 0.82
N ILE A 55 -4.35 13.35 0.67
CA ILE A 55 -4.55 12.45 1.79
C ILE A 55 -3.40 12.61 2.79
N LEU A 56 -2.19 12.60 2.24
CA LEU A 56 -1.01 12.74 3.07
C LEU A 56 -0.91 14.18 3.57
N ARG A 57 -1.69 15.05 2.95
CA ARG A 57 -1.71 16.45 3.33
C ARG A 57 -2.63 16.67 4.53
N LYS A 58 -3.89 16.31 4.34
CA LYS A 58 -4.89 16.46 5.39
C LYS A 58 -4.71 15.33 6.40
N GLU A 59 -4.42 14.14 5.89
CA GLU A 59 -4.24 12.98 6.73
C GLU A 59 -5.53 12.64 7.46
N GLU A 60 -6.61 12.63 6.70
CA GLU A 60 -7.93 12.33 7.26
C GLU A 60 -7.84 11.07 8.13
N ASP A 61 -7.87 11.30 9.44
CA ASP A 61 -7.80 10.19 10.38
C ASP A 61 -8.73 9.07 9.92
N PRO A 62 -8.25 7.82 10.11
CA PRO A 62 -9.02 6.65 9.71
C PRO A 62 -10.15 6.39 10.71
N ARG A 63 -10.23 7.25 11.71
CA ARG A 63 -11.26 7.13 12.74
C ARG A 63 -12.52 7.87 12.30
N THR A 64 -12.32 8.98 11.61
CA THR A 64 -13.43 9.78 11.13
C THR A 64 -13.51 9.74 9.61
N ALA A 65 -12.37 9.43 9.00
CA ALA A 65 -12.29 9.35 7.55
C ALA A 65 -13.57 8.71 7.00
N SER A 66 -14.06 9.27 5.91
CA SER A 66 -15.27 8.76 5.29
C SER A 66 -14.97 7.42 4.60
N GLN A 67 -16.02 6.61 4.49
CA GLN A 67 -15.88 5.31 3.86
C GLN A 67 -15.08 5.43 2.56
N SER A 68 -15.44 6.43 1.77
CA SER A 68 -14.77 6.66 0.50
C SER A 68 -13.24 6.65 0.72
N LEU A 69 -12.82 7.45 1.69
CA LEU A 69 -11.40 7.54 2.00
C LEU A 69 -10.93 6.24 2.65
N LEU A 70 -11.62 5.88 3.72
CA LEU A 70 -11.28 4.65 4.44
C LEU A 70 -11.02 3.53 3.43
N VAL A 71 -11.92 3.44 2.46
CA VAL A 71 -11.80 2.41 1.43
C VAL A 71 -10.37 2.40 0.88
N ASN A 72 -9.84 3.60 0.70
CA ASN A 72 -8.48 3.74 0.19
C ASN A 72 -7.49 3.40 1.29
N LEU A 73 -7.72 3.99 2.46
CA LEU A 73 -6.85 3.75 3.60
C LEU A 73 -6.70 2.26 3.82
N ARG A 74 -7.84 1.58 3.90
CA ARG A 74 -7.85 0.14 4.12
C ARG A 74 -7.00 -0.55 3.05
N ALA A 75 -7.25 -0.16 1.81
CA ALA A 75 -6.51 -0.75 0.68
C ALA A 75 -5.02 -0.53 0.89
N MET A 76 -4.67 0.71 1.20
CA MET A 76 -3.27 1.05 1.43
C MET A 76 -2.64 0.13 2.47
N GLN A 77 -3.11 0.27 3.70
CA GLN A 77 -2.61 -0.53 4.80
C GLN A 77 -2.59 -2.01 4.41
N ASN A 78 -3.56 -2.37 3.58
CA ASN A 78 -3.67 -3.75 3.12
C ASN A 78 -2.52 -4.05 2.15
N PHE A 79 -2.14 -3.04 1.39
CA PHE A 79 -1.07 -3.19 0.43
C PHE A 79 0.30 -3.14 1.13
N LEU A 80 0.38 -2.31 2.16
CA LEU A 80 1.61 -2.17 2.91
C LEU A 80 1.88 -3.45 3.68
N ASN A 81 0.85 -4.27 3.78
CA ASN A 81 0.97 -5.54 4.49
C ASN A 81 1.71 -6.54 3.61
N LEU A 82 1.56 -6.37 2.31
CA LEU A 82 2.20 -7.25 1.35
C LEU A 82 3.67 -7.41 1.72
N PRO A 83 4.30 -8.46 1.14
CA PRO A 83 5.71 -8.74 1.39
C PRO A 83 6.61 -7.75 0.65
N GLU A 84 7.58 -7.22 1.39
CA GLU A 84 8.51 -6.26 0.82
C GLU A 84 8.97 -6.74 -0.56
N VAL A 85 9.23 -8.03 -0.66
CA VAL A 85 9.67 -8.62 -1.91
C VAL A 85 8.64 -8.33 -3.00
N GLU A 86 7.37 -8.43 -2.61
CA GLU A 86 6.28 -8.19 -3.55
C GLU A 86 6.21 -6.70 -3.90
N ARG A 87 6.02 -5.89 -2.87
CA ARG A 87 5.93 -4.45 -3.05
C ARG A 87 7.04 -3.97 -3.98
N ASP A 88 8.23 -4.52 -3.79
CA ASP A 88 9.36 -4.16 -4.61
C ASP A 88 9.06 -4.45 -6.07
N ARG A 89 8.53 -5.64 -6.31
CA ARG A 89 8.18 -6.06 -7.65
C ARG A 89 6.94 -5.31 -8.14
N ILE A 90 5.91 -5.35 -7.30
CA ILE A 90 4.65 -4.69 -7.63
C ILE A 90 4.96 -3.32 -8.25
N TYR A 91 5.79 -2.56 -7.56
CA TYR A 91 6.18 -1.25 -8.02
C TYR A 91 6.89 -1.31 -9.37
N GLN A 92 7.88 -2.20 -9.43
CA GLN A 92 8.65 -2.38 -10.65
C GLN A 92 7.72 -2.66 -11.83
N ASP A 93 6.81 -3.61 -11.63
CA ASP A 93 5.87 -3.98 -12.66
C ASP A 93 5.12 -2.73 -13.13
N GLU A 94 4.92 -1.81 -12.20
CA GLU A 94 4.23 -0.57 -12.51
C GLU A 94 5.02 0.22 -13.55
N ARG A 95 6.21 0.66 -13.15
CA ARG A 95 7.06 1.43 -14.03
C ARG A 95 7.48 0.58 -15.24
N SER A 96 8.01 -0.60 -14.94
CA SER A 96 8.45 -1.51 -15.99
C SER A 96 9.57 -0.85 -16.81
N GLY A 97 10.77 -0.95 -16.29
CA GLY A 97 11.93 -0.38 -16.96
C GLY A 97 13.20 -0.52 -16.11
N PRO A 98 14.31 0.03 -16.65
CA PRO A 98 15.59 -0.04 -15.95
C PRO A 98 15.62 0.95 -14.79
N SER A 99 15.78 0.40 -13.59
CA SER A 99 15.83 1.21 -12.39
C SER A 99 16.22 0.35 -11.19
N SER A 100 17.05 0.93 -10.34
CA SER A 100 17.50 0.24 -9.14
C SER A 100 17.46 1.18 -7.93
N GLY A 101 16.29 1.22 -7.32
CA GLY A 101 16.11 2.07 -6.15
C GLY A 101 14.63 2.12 -5.74
N GLY A 1 17.71 -41.35 -2.27
CA GLY A 1 16.45 -40.75 -2.65
C GLY A 1 15.68 -40.24 -1.43
N SER A 2 15.09 -39.06 -1.58
CA SER A 2 14.34 -38.46 -0.49
C SER A 2 13.73 -37.13 -0.96
N SER A 3 12.48 -36.92 -0.57
CA SER A 3 11.79 -35.69 -0.94
C SER A 3 10.47 -35.60 -0.18
N GLY A 4 9.86 -34.42 -0.25
CA GLY A 4 8.59 -34.20 0.43
C GLY A 4 8.58 -32.83 1.11
N SER A 5 7.62 -32.66 2.02
CA SER A 5 7.48 -31.42 2.75
C SER A 5 6.96 -30.32 1.82
N SER A 6 5.70 -29.97 2.01
CA SER A 6 5.09 -28.94 1.19
C SER A 6 3.62 -28.74 1.63
N GLY A 7 3.22 -27.48 1.64
CA GLY A 7 1.86 -27.13 2.03
C GLY A 7 1.85 -25.98 3.04
N LYS A 8 1.09 -24.96 2.71
CA LYS A 8 0.99 -23.79 3.57
C LYS A 8 -0.33 -23.05 3.27
N PRO A 9 -1.37 -23.40 4.07
CA PRO A 9 -2.67 -22.78 3.90
C PRO A 9 -2.68 -21.36 4.45
N GLU A 10 -3.67 -20.58 4.01
CA GLU A 10 -3.80 -19.20 4.45
C GLU A 10 -5.21 -18.69 4.16
N PRO A 11 -5.56 -17.57 4.85
CA PRO A 11 -6.87 -16.96 4.68
C PRO A 11 -6.96 -16.22 3.35
N THR A 12 -8.04 -15.47 3.19
CA THR A 12 -8.27 -14.71 1.98
C THR A 12 -8.74 -13.29 2.32
N ASN A 13 -7.96 -12.62 3.15
CA ASN A 13 -8.28 -11.27 3.55
C ASN A 13 -9.61 -11.27 4.31
N SER A 14 -9.83 -10.21 5.08
CA SER A 14 -11.05 -10.08 5.85
C SER A 14 -11.01 -8.79 6.68
N SER A 15 -11.31 -7.69 6.02
CA SER A 15 -11.32 -6.40 6.68
C SER A 15 -10.14 -6.30 7.65
N VAL A 16 -8.98 -5.96 7.09
CA VAL A 16 -7.78 -5.83 7.89
C VAL A 16 -7.84 -4.53 8.69
N GLU A 17 -6.87 -4.37 9.58
CA GLU A 17 -6.80 -3.18 10.41
C GLU A 17 -6.04 -2.07 9.68
N VAL A 18 -6.03 -0.90 10.31
CA VAL A 18 -5.34 0.24 9.73
C VAL A 18 -4.62 1.01 10.84
N SER A 19 -3.48 1.57 10.49
CA SER A 19 -2.68 2.33 11.43
C SER A 19 -2.94 3.83 11.26
N PRO A 20 -2.77 4.57 12.39
CA PRO A 20 -2.99 6.01 12.38
C PRO A 20 -1.84 6.73 11.68
N ASP A 21 -0.71 6.04 11.60
CA ASP A 21 0.47 6.61 10.97
C ASP A 21 0.51 6.18 9.50
N ILE A 22 -0.59 5.60 9.06
CA ILE A 22 -0.70 5.13 7.69
C ILE A 22 -0.08 6.17 6.76
N TYR A 23 -0.26 7.43 7.13
CA TYR A 23 0.27 8.53 6.33
C TYR A 23 1.80 8.48 6.29
N GLN A 24 2.40 8.58 7.46
CA GLN A 24 3.84 8.55 7.56
C GLN A 24 4.40 7.27 6.95
N GLN A 25 3.65 6.20 7.13
CA GLN A 25 4.05 4.90 6.60
C GLN A 25 4.24 4.99 5.08
N VAL A 26 3.20 5.46 4.41
CA VAL A 26 3.24 5.60 2.97
C VAL A 26 4.52 6.33 2.57
N ARG A 27 4.63 7.56 3.04
CA ARG A 27 5.79 8.38 2.75
C ARG A 27 7.07 7.53 2.84
N ASP A 28 7.21 6.86 3.97
CA ASP A 28 8.38 6.02 4.20
C ASP A 28 8.40 4.89 3.16
N GLU A 29 7.22 4.33 2.92
CA GLU A 29 7.09 3.25 1.96
C GLU A 29 7.60 3.69 0.58
N LEU A 30 7.13 4.87 0.16
CA LEU A 30 7.53 5.41 -1.12
C LEU A 30 9.04 5.62 -1.14
N LYS A 31 9.54 6.17 -0.05
CA LYS A 31 10.97 6.42 0.08
C LYS A 31 11.72 5.09 0.14
N ARG A 32 10.95 4.02 0.30
CA ARG A 32 11.52 2.69 0.37
C ARG A 32 11.62 2.08 -1.02
N ALA A 33 10.49 2.08 -1.72
CA ALA A 33 10.44 1.52 -3.06
C ALA A 33 10.82 2.60 -4.08
N SER A 34 11.00 3.81 -3.56
CA SER A 34 11.39 4.93 -4.40
C SER A 34 10.41 5.06 -5.57
N VAL A 35 9.13 4.89 -5.25
CA VAL A 35 8.09 4.99 -6.27
C VAL A 35 7.34 6.32 -6.10
N SER A 36 6.62 6.68 -7.15
CA SER A 36 5.86 7.93 -7.14
C SER A 36 4.50 7.70 -6.48
N GLN A 37 4.09 8.67 -5.68
CA GLN A 37 2.82 8.59 -5.00
C GLN A 37 1.76 7.95 -5.90
N ALA A 38 1.86 8.29 -7.18
CA ALA A 38 0.92 7.76 -8.16
C ALA A 38 1.13 6.25 -8.31
N VAL A 39 2.34 5.89 -8.73
CA VAL A 39 2.68 4.50 -8.91
C VAL A 39 2.13 3.68 -7.74
N PHE A 40 2.38 4.18 -6.54
CA PHE A 40 1.92 3.51 -5.34
C PHE A 40 0.39 3.55 -5.25
N ALA A 41 -0.13 4.76 -5.13
CA ALA A 41 -1.56 4.95 -5.03
C ALA A 41 -2.27 3.97 -5.97
N ARG A 42 -1.58 3.65 -7.06
CA ARG A 42 -2.14 2.73 -8.04
C ARG A 42 -2.08 1.29 -7.51
N VAL A 43 -0.87 0.87 -7.15
CA VAL A 43 -0.67 -0.47 -6.63
C VAL A 43 -1.06 -0.50 -5.16
N ALA A 44 -1.57 0.62 -4.68
CA ALA A 44 -1.99 0.74 -3.30
C ALA A 44 -3.51 0.58 -3.21
N PHE A 45 -4.20 1.44 -3.93
CA PHE A 45 -5.66 1.40 -3.94
C PHE A 45 -6.21 1.87 -5.29
N ASN A 46 -5.38 1.72 -6.32
CA ASN A 46 -5.77 2.11 -7.66
C ASN A 46 -6.21 3.58 -7.64
N ARG A 47 -5.26 4.45 -7.35
CA ARG A 47 -5.54 5.87 -7.30
C ARG A 47 -4.42 6.66 -7.98
N THR A 48 -4.56 7.98 -7.95
CA THR A 48 -3.58 8.86 -8.57
C THR A 48 -2.65 9.44 -7.49
N GLN A 49 -2.14 10.62 -7.80
CA GLN A 49 -1.23 11.30 -6.88
C GLN A 49 -1.97 12.44 -6.18
N GLY A 50 -2.53 13.33 -6.98
CA GLY A 50 -3.27 14.47 -6.45
C GLY A 50 -4.10 14.07 -5.24
N LEU A 51 -4.74 12.91 -5.36
CA LEU A 51 -5.58 12.40 -4.28
C LEU A 51 -4.69 11.99 -3.10
N LEU A 52 -3.90 10.96 -3.33
CA LEU A 52 -3.01 10.45 -2.30
C LEU A 52 -2.33 11.63 -1.60
N SER A 53 -1.80 12.53 -2.42
CA SER A 53 -1.12 13.71 -1.90
C SER A 53 -1.99 14.39 -0.84
N GLU A 54 -3.24 14.62 -1.22
CA GLU A 54 -4.20 15.26 -0.33
C GLU A 54 -4.40 14.41 0.93
N ILE A 55 -4.21 13.11 0.76
CA ILE A 55 -4.38 12.18 1.87
C ILE A 55 -3.16 12.28 2.79
N LEU A 56 -2.06 12.78 2.22
CA LEU A 56 -0.83 12.92 2.98
C LEU A 56 -0.72 14.37 3.49
N ARG A 57 -1.55 15.23 2.93
CA ARG A 57 -1.56 16.62 3.32
C ARG A 57 -2.59 16.87 4.42
N LYS A 58 -3.77 16.31 4.21
CA LYS A 58 -4.84 16.45 5.17
C LYS A 58 -4.73 15.35 6.23
N GLU A 59 -4.34 14.17 5.78
CA GLU A 59 -4.18 13.04 6.66
C GLU A 59 -5.50 12.74 7.37
N GLU A 60 -6.57 12.71 6.58
CA GLU A 60 -7.89 12.44 7.12
C GLU A 60 -7.85 11.22 8.04
N ASP A 61 -7.92 11.50 9.34
CA ASP A 61 -7.89 10.43 10.32
C ASP A 61 -8.79 9.28 9.87
N PRO A 62 -8.27 8.04 10.02
CA PRO A 62 -9.02 6.86 9.64
C PRO A 62 -10.14 6.56 10.64
N ARG A 63 -10.23 7.41 11.65
CA ARG A 63 -11.23 7.25 12.68
C ARG A 63 -12.54 7.96 12.25
N THR A 64 -12.37 9.07 11.57
CA THR A 64 -13.51 9.85 11.11
C THR A 64 -13.52 9.91 9.58
N ALA A 65 -12.44 9.45 8.99
CA ALA A 65 -12.31 9.45 7.54
C ALA A 65 -13.62 8.94 6.92
N SER A 66 -13.83 9.33 5.67
CA SER A 66 -15.03 8.92 4.96
C SER A 66 -14.80 7.57 4.28
N GLN A 67 -15.89 6.83 4.14
CA GLN A 67 -15.83 5.52 3.51
C GLN A 67 -14.93 5.57 2.28
N SER A 68 -15.18 6.57 1.44
CA SER A 68 -14.40 6.74 0.22
C SER A 68 -12.91 6.66 0.54
N LEU A 69 -12.53 7.33 1.62
CA LEU A 69 -11.14 7.34 2.04
C LEU A 69 -10.81 6.01 2.73
N LEU A 70 -11.60 5.70 3.75
CA LEU A 70 -11.40 4.47 4.50
C LEU A 70 -11.12 3.32 3.52
N VAL A 71 -11.95 3.25 2.49
CA VAL A 71 -11.81 2.21 1.48
C VAL A 71 -10.35 2.18 1.01
N ASN A 72 -9.80 3.36 0.79
CA ASN A 72 -8.42 3.47 0.34
C ASN A 72 -7.48 3.13 1.49
N LEU A 73 -7.74 3.76 2.63
CA LEU A 73 -6.93 3.53 3.82
C LEU A 73 -6.70 2.03 3.99
N ARG A 74 -7.80 1.28 3.96
CA ARG A 74 -7.73 -0.16 4.12
C ARG A 74 -6.89 -0.77 3.01
N ALA A 75 -7.14 -0.30 1.79
CA ALA A 75 -6.41 -0.80 0.64
C ALA A 75 -4.91 -0.56 0.83
N MET A 76 -4.59 0.69 1.16
CA MET A 76 -3.20 1.07 1.38
C MET A 76 -2.54 0.15 2.40
N GLN A 77 -3.08 0.17 3.60
CA GLN A 77 -2.55 -0.65 4.68
C GLN A 77 -2.50 -2.12 4.24
N ASN A 78 -3.46 -2.49 3.42
CA ASN A 78 -3.53 -3.86 2.92
C ASN A 78 -2.33 -4.13 2.01
N PHE A 79 -1.97 -3.11 1.24
CA PHE A 79 -0.86 -3.22 0.32
C PHE A 79 0.48 -3.15 1.06
N LEU A 80 0.48 -2.35 2.11
CA LEU A 80 1.68 -2.18 2.92
C LEU A 80 1.94 -3.47 3.71
N ASN A 81 0.94 -4.34 3.71
CA ASN A 81 1.05 -5.60 4.42
C ASN A 81 1.72 -6.63 3.51
N LEU A 82 1.54 -6.45 2.21
CA LEU A 82 2.12 -7.35 1.24
C LEU A 82 3.58 -7.61 1.60
N PRO A 83 4.16 -8.67 0.98
CA PRO A 83 5.54 -9.03 1.23
C PRO A 83 6.50 -8.07 0.51
N GLU A 84 7.49 -7.62 1.25
CA GLU A 84 8.47 -6.69 0.72
C GLU A 84 8.91 -7.14 -0.68
N VAL A 85 9.09 -8.45 -0.82
CA VAL A 85 9.50 -9.02 -2.08
C VAL A 85 8.48 -8.65 -3.17
N GLU A 86 7.21 -8.70 -2.77
CA GLU A 86 6.14 -8.37 -3.70
C GLU A 86 6.15 -6.87 -4.02
N ARG A 87 6.01 -6.07 -2.97
CA ARG A 87 6.00 -4.63 -3.13
C ARG A 87 7.14 -4.19 -4.05
N ASP A 88 8.33 -4.71 -3.77
CA ASP A 88 9.49 -4.37 -4.57
C ASP A 88 9.18 -4.62 -6.04
N ARG A 89 8.59 -5.77 -6.31
CA ARG A 89 8.23 -6.13 -7.67
C ARG A 89 7.03 -5.31 -8.14
N ILE A 90 5.98 -5.34 -7.34
CA ILE A 90 4.77 -4.60 -7.67
C ILE A 90 5.15 -3.21 -8.18
N TYR A 91 5.97 -2.52 -7.39
CA TYR A 91 6.42 -1.19 -7.76
C TYR A 91 7.15 -1.20 -9.10
N GLN A 92 8.04 -2.18 -9.24
CA GLN A 92 8.81 -2.31 -10.47
C GLN A 92 7.88 -2.56 -11.65
N ASP A 93 6.91 -3.43 -11.43
CA ASP A 93 5.94 -3.77 -12.47
C ASP A 93 5.25 -2.49 -12.95
N GLU A 94 4.82 -1.69 -11.97
CA GLU A 94 4.14 -0.45 -12.28
C GLU A 94 4.93 0.35 -13.32
N ARG A 95 6.09 0.82 -12.89
CA ARG A 95 6.95 1.61 -13.77
C ARG A 95 7.37 0.76 -14.98
N SER A 96 7.87 -0.43 -14.69
CA SER A 96 8.31 -1.33 -15.74
C SER A 96 9.42 -0.68 -16.56
N GLY A 97 10.64 -0.79 -16.03
CA GLY A 97 11.79 -0.22 -16.70
C GLY A 97 13.09 -0.66 -16.01
N PRO A 98 14.19 -0.69 -16.83
CA PRO A 98 15.48 -1.09 -16.31
C PRO A 98 16.10 0.02 -15.47
N SER A 99 16.04 -0.17 -14.15
CA SER A 99 16.59 0.81 -13.23
C SER A 99 15.93 2.17 -13.46
N SER A 100 16.29 3.11 -12.59
CA SER A 100 15.74 4.45 -12.68
C SER A 100 16.86 5.48 -12.50
N GLY A 101 17.55 5.77 -13.59
CA GLY A 101 18.64 6.73 -13.56
C GLY A 101 19.28 6.87 -14.94
N GLY A 1 22.71 -22.55 10.02
CA GLY A 1 22.18 -23.90 9.91
C GLY A 1 20.82 -23.90 9.19
N SER A 2 20.74 -24.72 8.16
CA SER A 2 19.51 -24.82 7.39
C SER A 2 19.40 -26.22 6.77
N SER A 3 18.17 -26.67 6.64
CA SER A 3 17.91 -27.99 6.07
C SER A 3 16.44 -28.09 5.64
N GLY A 4 16.18 -29.03 4.74
CA GLY A 4 14.83 -29.24 4.25
C GLY A 4 14.28 -27.98 3.60
N SER A 5 13.16 -28.14 2.89
CA SER A 5 12.53 -27.03 2.22
C SER A 5 11.22 -27.49 1.55
N SER A 6 10.45 -26.51 1.13
CA SER A 6 9.17 -26.80 0.48
C SER A 6 8.18 -27.36 1.50
N GLY A 7 6.97 -26.85 1.43
CA GLY A 7 5.91 -27.29 2.34
C GLY A 7 5.62 -26.22 3.39
N LYS A 8 5.25 -25.04 2.91
CA LYS A 8 4.94 -23.94 3.79
C LYS A 8 3.50 -23.49 3.54
N PRO A 9 2.67 -23.59 4.62
CA PRO A 9 1.27 -23.18 4.53
C PRO A 9 1.13 -21.66 4.52
N GLU A 10 -0.10 -21.22 4.32
CA GLU A 10 -0.38 -19.79 4.29
C GLU A 10 -1.88 -19.54 4.49
N PRO A 11 -2.18 -18.40 5.17
CA PRO A 11 -3.56 -18.04 5.43
C PRO A 11 -4.24 -17.50 4.16
N THR A 12 -5.39 -16.88 4.37
CA THR A 12 -6.14 -16.32 3.25
C THR A 12 -6.35 -14.81 3.45
N ASN A 13 -7.02 -14.48 4.53
CA ASN A 13 -7.28 -13.09 4.85
C ASN A 13 -8.17 -13.00 6.09
N SER A 14 -8.32 -11.78 6.59
CA SER A 14 -9.14 -11.56 7.76
C SER A 14 -9.36 -10.06 7.97
N SER A 15 -10.15 -9.74 8.99
CA SER A 15 -10.45 -8.35 9.30
C SER A 15 -9.18 -7.50 9.17
N VAL A 16 -9.23 -6.57 8.24
CA VAL A 16 -8.09 -5.69 8.00
C VAL A 16 -8.29 -4.40 8.80
N GLU A 17 -7.19 -3.92 9.35
CA GLU A 17 -7.22 -2.68 10.14
C GLU A 17 -6.42 -1.59 9.43
N VAL A 18 -6.37 -0.44 10.10
CA VAL A 18 -5.64 0.70 9.54
C VAL A 18 -4.87 1.39 10.68
N SER A 19 -3.64 1.76 10.36
CA SER A 19 -2.80 2.43 11.34
C SER A 19 -2.97 3.95 11.23
N PRO A 20 -2.74 4.64 12.37
CA PRO A 20 -2.88 6.09 12.41
C PRO A 20 -1.69 6.76 11.73
N ASP A 21 -0.63 5.99 11.53
CA ASP A 21 0.57 6.49 10.90
C ASP A 21 0.58 6.06 9.42
N ILE A 22 -0.55 5.53 8.98
CA ILE A 22 -0.68 5.08 7.61
C ILE A 22 -0.06 6.11 6.68
N TYR A 23 -0.17 7.37 7.07
CA TYR A 23 0.37 8.46 6.28
C TYR A 23 1.90 8.40 6.26
N GLN A 24 2.48 8.43 7.45
CA GLN A 24 3.93 8.39 7.58
C GLN A 24 4.46 7.06 7.05
N GLN A 25 3.60 6.06 7.06
CA GLN A 25 3.97 4.74 6.58
C GLN A 25 4.14 4.75 5.06
N VAL A 26 3.22 5.43 4.41
CA VAL A 26 3.26 5.53 2.95
C VAL A 26 4.56 6.22 2.52
N ARG A 27 4.76 7.41 3.06
CA ARG A 27 5.96 8.18 2.76
C ARG A 27 7.20 7.29 2.84
N ASP A 28 7.30 6.58 3.95
CA ASP A 28 8.42 5.69 4.18
C ASP A 28 8.45 4.62 3.08
N GLU A 29 7.28 4.06 2.82
CA GLU A 29 7.16 3.03 1.80
C GLU A 29 7.73 3.53 0.47
N LEU A 30 7.33 4.72 0.10
CA LEU A 30 7.80 5.33 -1.14
C LEU A 30 9.32 5.54 -1.07
N LYS A 31 9.75 6.00 0.10
CA LYS A 31 11.16 6.26 0.31
C LYS A 31 11.91 4.92 0.38
N ARG A 32 11.14 3.85 0.46
CA ARG A 32 11.71 2.52 0.53
C ARG A 32 11.83 1.92 -0.87
N ALA A 33 10.72 1.95 -1.58
CA ALA A 33 10.68 1.41 -2.94
C ALA A 33 11.07 2.51 -3.93
N SER A 34 11.28 3.71 -3.39
CA SER A 34 11.66 4.84 -4.22
C SER A 34 10.71 4.96 -5.41
N VAL A 35 9.42 4.84 -5.10
CA VAL A 35 8.40 4.93 -6.14
C VAL A 35 7.71 6.30 -6.06
N SER A 36 6.78 6.51 -6.97
CA SER A 36 6.05 7.77 -7.01
C SER A 36 4.70 7.60 -6.32
N GLN A 37 4.16 8.72 -5.86
CA GLN A 37 2.88 8.71 -5.19
C GLN A 37 1.82 8.04 -6.07
N ALA A 38 1.94 8.26 -7.36
CA ALA A 38 1.01 7.68 -8.32
C ALA A 38 1.23 6.17 -8.39
N VAL A 39 2.45 5.79 -8.76
CA VAL A 39 2.80 4.39 -8.87
C VAL A 39 2.25 3.64 -7.66
N PHE A 40 2.57 4.15 -6.48
CA PHE A 40 2.11 3.54 -5.25
C PHE A 40 0.58 3.59 -5.14
N ALA A 41 0.07 4.81 -5.06
CA ALA A 41 -1.37 5.00 -4.95
C ALA A 41 -2.08 4.04 -5.90
N ARG A 42 -1.42 3.74 -7.00
CA ARG A 42 -1.97 2.85 -8.00
C ARG A 42 -1.92 1.40 -7.50
N VAL A 43 -0.74 1.02 -7.03
CA VAL A 43 -0.54 -0.34 -6.51
C VAL A 43 -0.93 -0.37 -5.03
N ALA A 44 -1.51 0.73 -4.57
CA ALA A 44 -1.94 0.83 -3.19
C ALA A 44 -3.45 0.64 -3.10
N PHE A 45 -4.17 1.49 -3.84
CA PHE A 45 -5.62 1.42 -3.86
C PHE A 45 -6.16 1.81 -5.23
N ASN A 46 -5.30 1.72 -6.23
CA ASN A 46 -5.68 2.07 -7.59
C ASN A 46 -6.17 3.52 -7.62
N ARG A 47 -5.25 4.43 -7.34
CA ARG A 47 -5.56 5.85 -7.34
C ARG A 47 -4.45 6.65 -8.03
N THR A 48 -4.58 7.96 -7.95
CA THR A 48 -3.60 8.84 -8.57
C THR A 48 -2.66 9.42 -7.51
N GLN A 49 -2.29 10.68 -7.72
CA GLN A 49 -1.40 11.36 -6.78
C GLN A 49 -2.15 12.51 -6.09
N GLY A 50 -2.75 13.35 -6.90
CA GLY A 50 -3.49 14.48 -6.38
C GLY A 50 -4.37 14.07 -5.20
N LEU A 51 -4.86 12.83 -5.26
CA LEU A 51 -5.70 12.30 -4.21
C LEU A 51 -4.83 11.85 -3.03
N LEU A 52 -3.94 10.93 -3.33
CA LEU A 52 -3.04 10.40 -2.32
C LEU A 52 -2.39 11.56 -1.56
N SER A 53 -1.91 12.53 -2.33
CA SER A 53 -1.28 13.70 -1.74
C SER A 53 -2.17 14.29 -0.65
N GLU A 54 -3.41 14.55 -1.02
CA GLU A 54 -4.37 15.12 -0.08
C GLU A 54 -4.54 14.19 1.13
N ILE A 55 -4.36 12.91 0.87
CA ILE A 55 -4.48 11.91 1.93
C ILE A 55 -3.26 11.98 2.85
N LEU A 56 -2.20 12.58 2.31
CA LEU A 56 -0.96 12.73 3.07
C LEU A 56 -0.83 14.16 3.57
N ARG A 57 -1.64 15.04 2.97
CA ARG A 57 -1.63 16.44 3.33
C ARG A 57 -2.59 16.69 4.50
N LYS A 58 -3.83 16.29 4.30
CA LYS A 58 -4.85 16.46 5.32
C LYS A 58 -4.77 15.31 6.32
N GLU A 59 -4.27 14.18 5.83
CA GLU A 59 -4.13 13.01 6.67
C GLU A 59 -5.47 12.66 7.33
N GLU A 60 -6.51 12.59 6.50
CA GLU A 60 -7.84 12.28 6.99
C GLU A 60 -7.79 11.06 7.92
N ASP A 61 -7.89 11.33 9.21
CA ASP A 61 -7.86 10.28 10.20
C ASP A 61 -8.76 9.12 9.74
N PRO A 62 -8.25 7.88 9.95
CA PRO A 62 -8.98 6.69 9.54
C PRO A 62 -10.13 6.42 10.53
N ARG A 63 -10.24 7.28 11.52
CA ARG A 63 -11.28 7.14 12.52
C ARG A 63 -12.54 7.91 12.10
N THR A 64 -12.31 9.00 11.40
CA THR A 64 -13.41 9.84 10.93
C THR A 64 -13.48 9.80 9.41
N ALA A 65 -12.36 9.45 8.80
CA ALA A 65 -12.27 9.37 7.35
C ALA A 65 -13.57 8.76 6.80
N SER A 66 -14.00 9.29 5.67
CA SER A 66 -15.22 8.80 5.03
C SER A 66 -14.95 7.44 4.35
N GLN A 67 -16.02 6.69 4.16
CA GLN A 67 -15.91 5.39 3.53
C GLN A 67 -15.07 5.48 2.26
N SER A 68 -15.38 6.48 1.45
CA SER A 68 -14.67 6.69 0.20
C SER A 68 -13.16 6.67 0.46
N LEU A 69 -12.75 7.43 1.46
CA LEU A 69 -11.35 7.50 1.82
C LEU A 69 -10.93 6.21 2.53
N LEU A 70 -11.70 5.85 3.54
CA LEU A 70 -11.42 4.65 4.30
C LEU A 70 -11.13 3.50 3.33
N VAL A 71 -11.99 3.36 2.33
CA VAL A 71 -11.82 2.32 1.34
C VAL A 71 -10.37 2.30 0.85
N ASN A 72 -9.83 3.51 0.69
CA ASN A 72 -8.46 3.65 0.23
C ASN A 72 -7.50 3.36 1.39
N LEU A 73 -7.76 4.03 2.50
CA LEU A 73 -6.93 3.86 3.69
C LEU A 73 -6.75 2.36 3.96
N ARG A 74 -7.86 1.64 3.89
CA ARG A 74 -7.83 0.20 4.13
C ARG A 74 -6.98 -0.49 3.07
N ALA A 75 -7.19 -0.09 1.82
CA ALA A 75 -6.47 -0.66 0.70
C ALA A 75 -4.96 -0.46 0.93
N MET A 76 -4.60 0.78 1.22
CA MET A 76 -3.21 1.11 1.46
C MET A 76 -2.59 0.20 2.52
N GLN A 77 -3.08 0.36 3.74
CA GLN A 77 -2.59 -0.44 4.85
C GLN A 77 -2.58 -1.93 4.47
N ASN A 78 -3.53 -2.30 3.62
CA ASN A 78 -3.64 -3.67 3.17
C ASN A 78 -2.50 -3.97 2.20
N PHE A 79 -2.15 -2.97 1.41
CA PHE A 79 -1.08 -3.12 0.43
C PHE A 79 0.29 -3.07 1.12
N LEU A 80 0.37 -2.27 2.17
CA LEU A 80 1.61 -2.12 2.91
C LEU A 80 1.88 -3.40 3.68
N ASN A 81 0.84 -4.20 3.84
CA ASN A 81 0.95 -5.46 4.57
C ASN A 81 1.69 -6.48 3.69
N LEU A 82 1.56 -6.29 2.39
CA LEU A 82 2.20 -7.19 1.44
C LEU A 82 3.68 -7.31 1.78
N PRO A 83 4.33 -8.36 1.22
CA PRO A 83 5.73 -8.60 1.46
C PRO A 83 6.60 -7.62 0.68
N GLU A 84 7.56 -7.03 1.38
CA GLU A 84 8.46 -6.07 0.76
C GLU A 84 8.93 -6.58 -0.59
N VAL A 85 9.26 -7.87 -0.64
CA VAL A 85 9.72 -8.49 -1.86
C VAL A 85 8.67 -8.31 -2.95
N GLU A 86 7.41 -8.44 -2.53
CA GLU A 86 6.30 -8.30 -3.47
C GLU A 86 6.18 -6.84 -3.93
N ARG A 87 5.99 -5.95 -2.96
CA ARG A 87 5.86 -4.53 -3.24
C ARG A 87 6.99 -4.08 -4.18
N ASP A 88 8.18 -4.58 -3.90
CA ASP A 88 9.34 -4.24 -4.71
C ASP A 88 9.05 -4.53 -6.18
N ARG A 89 8.52 -5.73 -6.41
CA ARG A 89 8.19 -6.14 -7.76
C ARG A 89 6.95 -5.38 -8.27
N ILE A 90 5.96 -5.31 -7.40
CA ILE A 90 4.73 -4.62 -7.75
C ILE A 90 5.05 -3.23 -8.29
N TYR A 91 5.82 -2.49 -7.51
CA TYR A 91 6.21 -1.14 -7.89
C TYR A 91 6.93 -1.16 -9.25
N GLN A 92 7.81 -2.14 -9.41
CA GLN A 92 8.56 -2.26 -10.65
C GLN A 92 7.60 -2.47 -11.83
N ASP A 93 6.79 -3.52 -11.72
CA ASP A 93 5.84 -3.83 -12.76
C ASP A 93 5.05 -2.57 -13.14
N GLU A 94 4.78 -1.76 -12.12
CA GLU A 94 4.05 -0.52 -12.34
C GLU A 94 4.67 0.27 -13.48
N ARG A 95 5.92 0.68 -13.26
CA ARG A 95 6.64 1.45 -14.26
C ARG A 95 7.06 0.56 -15.42
N SER A 96 7.66 -0.58 -15.07
CA SER A 96 8.11 -1.53 -16.07
C SER A 96 9.17 -0.88 -16.96
N GLY A 97 10.29 -1.58 -17.10
CA GLY A 97 11.38 -1.09 -17.92
C GLY A 97 12.71 -1.71 -17.48
N PRO A 98 13.81 -0.93 -17.69
CA PRO A 98 15.14 -1.39 -17.33
C PRO A 98 15.34 -1.32 -15.81
N SER A 99 15.43 -2.50 -15.21
CA SER A 99 15.62 -2.61 -13.77
C SER A 99 17.05 -2.19 -13.40
N SER A 100 17.15 -1.45 -12.31
CA SER A 100 18.45 -1.00 -11.83
C SER A 100 18.85 -1.77 -10.58
N GLY A 101 19.91 -2.54 -10.71
CA GLY A 101 20.41 -3.33 -9.60
C GLY A 101 21.92 -3.16 -9.44
N GLY A 1 30.53 -25.85 4.65
CA GLY A 1 29.28 -25.86 3.90
C GLY A 1 28.27 -24.88 4.50
N SER A 2 27.03 -24.99 4.03
CA SER A 2 25.97 -24.12 4.50
C SER A 2 24.67 -24.42 3.74
N SER A 3 23.57 -24.35 4.48
CA SER A 3 22.26 -24.61 3.90
C SER A 3 21.16 -24.13 4.85
N GLY A 4 19.96 -24.02 4.29
CA GLY A 4 18.82 -23.57 5.08
C GLY A 4 17.67 -23.13 4.17
N SER A 5 16.50 -23.02 4.76
CA SER A 5 15.32 -22.61 4.02
C SER A 5 14.08 -22.68 4.93
N SER A 6 13.02 -22.04 4.47
CA SER A 6 11.78 -22.01 5.21
C SER A 6 10.70 -21.28 4.43
N GLY A 7 9.48 -21.33 4.95
CA GLY A 7 8.35 -20.68 4.29
C GLY A 7 7.69 -19.68 5.23
N LYS A 8 7.09 -18.65 4.63
CA LYS A 8 6.41 -17.62 5.41
C LYS A 8 4.90 -17.87 5.36
N PRO A 9 4.22 -17.44 6.46
CA PRO A 9 2.78 -17.61 6.55
C PRO A 9 2.05 -16.61 5.65
N GLU A 10 0.73 -16.56 5.83
CA GLU A 10 -0.08 -15.64 5.05
C GLU A 10 -1.45 -15.45 5.72
N PRO A 11 -1.66 -14.21 6.23
CA PRO A 11 -2.92 -13.89 6.89
C PRO A 11 -4.04 -13.70 5.88
N THR A 12 -5.20 -13.31 6.39
CA THR A 12 -6.36 -13.11 5.55
C THR A 12 -7.47 -12.38 6.33
N ASN A 13 -8.38 -11.77 5.58
CA ASN A 13 -9.48 -11.05 6.19
C ASN A 13 -10.17 -10.19 5.13
N SER A 14 -11.25 -9.56 5.53
CA SER A 14 -12.01 -8.71 4.63
C SER A 14 -11.85 -7.24 5.03
N SER A 15 -12.17 -6.97 6.29
CA SER A 15 -12.06 -5.61 6.81
C SER A 15 -11.00 -5.55 7.91
N VAL A 16 -9.75 -5.42 7.48
CA VAL A 16 -8.64 -5.34 8.40
C VAL A 16 -8.61 -3.96 9.06
N GLU A 17 -7.69 -3.81 9.99
CA GLU A 17 -7.55 -2.54 10.70
C GLU A 17 -6.60 -1.60 9.94
N VAL A 18 -6.52 -0.37 10.42
CA VAL A 18 -5.66 0.62 9.80
C VAL A 18 -4.89 1.37 10.89
N SER A 19 -3.63 1.66 10.57
CA SER A 19 -2.79 2.38 11.51
C SER A 19 -3.00 3.89 11.37
N PRO A 20 -2.78 4.61 12.50
CA PRO A 20 -2.94 6.05 12.51
C PRO A 20 -1.78 6.74 11.80
N ASP A 21 -0.73 5.97 11.58
CA ASP A 21 0.46 6.48 10.91
C ASP A 21 0.47 6.01 9.46
N ILE A 22 -0.67 5.51 9.02
CA ILE A 22 -0.80 5.02 7.67
C ILE A 22 -0.18 6.02 6.70
N TYR A 23 -0.30 7.30 7.05
CA TYR A 23 0.25 8.36 6.24
C TYR A 23 1.78 8.29 6.20
N GLN A 24 2.36 8.28 7.38
CA GLN A 24 3.80 8.23 7.50
C GLN A 24 4.34 6.94 6.86
N GLN A 25 3.57 5.88 7.02
CA GLN A 25 3.95 4.59 6.47
C GLN A 25 4.14 4.69 4.95
N VAL A 26 3.10 5.16 4.28
CA VAL A 26 3.14 5.31 2.83
C VAL A 26 4.42 6.06 2.44
N ARG A 27 4.52 7.29 2.95
CA ARG A 27 5.69 8.11 2.66
C ARG A 27 6.97 7.28 2.73
N ASP A 28 7.21 6.73 3.92
CA ASP A 28 8.40 5.91 4.13
C ASP A 28 8.45 4.82 3.05
N GLU A 29 7.31 4.20 2.82
CA GLU A 29 7.22 3.15 1.83
C GLU A 29 7.73 3.64 0.48
N LEU A 30 7.27 4.82 0.10
CA LEU A 30 7.69 5.42 -1.17
C LEU A 30 9.19 5.72 -1.11
N LYS A 31 9.62 6.20 0.05
CA LYS A 31 11.03 6.53 0.24
C LYS A 31 11.85 5.25 0.31
N ARG A 32 11.16 4.15 0.60
CA ARG A 32 11.81 2.85 0.70
C ARG A 32 11.91 2.21 -0.69
N ALA A 33 10.79 2.21 -1.38
CA ALA A 33 10.73 1.63 -2.71
C ALA A 33 11.11 2.70 -3.75
N SER A 34 11.28 3.92 -3.26
CA SER A 34 11.63 5.03 -4.13
C SER A 34 10.69 5.08 -5.32
N VAL A 35 9.40 4.93 -5.02
CA VAL A 35 8.39 4.97 -6.06
C VAL A 35 7.63 6.29 -5.99
N SER A 36 6.77 6.50 -6.99
CA SER A 36 5.99 7.72 -7.04
C SER A 36 4.60 7.48 -6.43
N GLN A 37 4.15 8.45 -5.66
CA GLN A 37 2.86 8.37 -5.01
C GLN A 37 1.84 7.72 -5.94
N ALA A 38 1.97 8.04 -7.22
CA ALA A 38 1.08 7.49 -8.22
C ALA A 38 1.22 5.97 -8.26
N VAL A 39 2.39 5.53 -8.72
CA VAL A 39 2.68 4.11 -8.81
C VAL A 39 2.10 3.40 -7.57
N PHE A 40 2.48 3.91 -6.42
CA PHE A 40 2.02 3.34 -5.16
C PHE A 40 0.50 3.41 -5.06
N ALA A 41 -0.01 4.64 -5.02
CA ALA A 41 -1.45 4.85 -4.92
C ALA A 41 -2.17 3.87 -5.84
N ARG A 42 -1.56 3.63 -6.99
CA ARG A 42 -2.14 2.71 -7.97
C ARG A 42 -2.12 1.28 -7.42
N VAL A 43 -0.95 0.87 -6.95
CA VAL A 43 -0.79 -0.46 -6.40
C VAL A 43 -1.20 -0.46 -4.93
N ALA A 44 -1.77 0.66 -4.51
CA ALA A 44 -2.21 0.81 -3.13
C ALA A 44 -3.73 0.66 -3.07
N PHE A 45 -4.42 1.50 -3.82
CA PHE A 45 -5.87 1.46 -3.87
C PHE A 45 -6.39 1.91 -5.23
N ASN A 46 -5.55 1.74 -6.24
CA ASN A 46 -5.91 2.12 -7.59
C ASN A 46 -6.31 3.59 -7.61
N ARG A 47 -5.34 4.44 -7.33
CA ARG A 47 -5.58 5.87 -7.30
C ARG A 47 -4.39 6.62 -7.93
N THR A 48 -4.56 7.93 -8.06
CA THR A 48 -3.52 8.76 -8.63
C THR A 48 -2.66 9.36 -7.53
N GLN A 49 -1.80 10.30 -7.93
CA GLN A 49 -0.91 10.95 -6.98
C GLN A 49 -1.59 12.20 -6.41
N GLY A 50 -2.11 13.03 -7.31
CA GLY A 50 -2.77 14.25 -6.92
C GLY A 50 -3.71 14.00 -5.73
N LEU A 51 -4.20 12.77 -5.65
CA LEU A 51 -5.11 12.39 -4.58
C LEU A 51 -4.29 11.98 -3.34
N LEU A 52 -3.60 10.86 -3.50
CA LEU A 52 -2.78 10.34 -2.42
C LEU A 52 -2.06 11.50 -1.71
N SER A 53 -1.67 12.49 -2.53
CA SER A 53 -0.99 13.65 -2.00
C SER A 53 -1.86 14.35 -0.96
N GLU A 54 -3.03 14.77 -1.39
CA GLU A 54 -3.97 15.45 -0.51
C GLU A 54 -4.23 14.60 0.74
N ILE A 55 -4.23 13.30 0.54
CA ILE A 55 -4.46 12.38 1.64
C ILE A 55 -3.28 12.43 2.61
N LEU A 56 -2.10 12.64 2.04
CA LEU A 56 -0.89 12.73 2.85
C LEU A 56 -0.74 14.14 3.39
N ARG A 57 -1.50 15.06 2.79
CA ARG A 57 -1.46 16.45 3.21
C ARG A 57 -2.56 16.73 4.24
N LYS A 58 -3.73 16.19 3.97
CA LYS A 58 -4.86 16.37 4.87
C LYS A 58 -4.81 15.31 5.98
N GLU A 59 -4.36 14.13 5.59
CA GLU A 59 -4.25 13.03 6.54
C GLU A 59 -5.59 12.81 7.26
N GLU A 60 -6.57 12.36 6.49
CA GLU A 60 -7.90 12.11 7.03
C GLU A 60 -7.86 10.90 7.97
N ASP A 61 -7.92 11.20 9.26
CA ASP A 61 -7.90 10.16 10.27
C ASP A 61 -8.81 9.01 9.84
N PRO A 62 -8.31 7.77 10.03
CA PRO A 62 -9.08 6.59 9.66
C PRO A 62 -10.20 6.32 10.67
N ARG A 63 -10.28 7.20 11.66
CA ARG A 63 -11.30 7.08 12.69
C ARG A 63 -12.55 7.88 12.29
N THR A 64 -12.30 9.00 11.63
CA THR A 64 -13.39 9.86 11.20
C THR A 64 -13.46 9.92 9.68
N ALA A 65 -12.39 9.45 9.05
CA ALA A 65 -12.31 9.44 7.60
C ALA A 65 -13.66 8.98 7.03
N SER A 66 -13.87 9.30 5.77
CA SER A 66 -15.09 8.93 5.09
C SER A 66 -14.95 7.56 4.44
N GLN A 67 -16.05 6.83 4.38
CA GLN A 67 -16.06 5.51 3.79
C GLN A 67 -15.21 5.49 2.52
N SER A 68 -15.44 6.49 1.68
CA SER A 68 -14.71 6.60 0.43
C SER A 68 -13.21 6.56 0.70
N LEU A 69 -12.80 7.30 1.71
CA LEU A 69 -11.40 7.36 2.08
C LEU A 69 -11.01 6.06 2.79
N LEU A 70 -11.78 5.71 3.80
CA LEU A 70 -11.52 4.50 4.57
C LEU A 70 -11.24 3.35 3.59
N VAL A 71 -12.04 3.29 2.55
CA VAL A 71 -11.89 2.25 1.54
C VAL A 71 -10.44 2.24 1.04
N ASN A 72 -9.91 3.44 0.86
CA ASN A 72 -8.54 3.58 0.40
C ASN A 72 -7.58 3.31 1.56
N LEU A 73 -7.83 3.98 2.67
CA LEU A 73 -7.00 3.82 3.84
C LEU A 73 -6.85 2.33 4.17
N ARG A 74 -7.95 1.61 3.99
CA ARG A 74 -7.96 0.19 4.26
C ARG A 74 -7.09 -0.55 3.22
N ALA A 75 -7.26 -0.15 1.98
CA ALA A 75 -6.50 -0.76 0.89
C ALA A 75 -5.01 -0.55 1.13
N MET A 76 -4.64 0.72 1.25
CA MET A 76 -3.25 1.07 1.49
C MET A 76 -2.62 0.17 2.55
N GLN A 77 -3.18 0.23 3.75
CA GLN A 77 -2.69 -0.58 4.85
C GLN A 77 -2.58 -2.03 4.43
N ASN A 78 -3.48 -2.44 3.55
CA ASN A 78 -3.50 -3.80 3.06
C ASN A 78 -2.30 -4.03 2.15
N PHE A 79 -2.02 -3.02 1.34
CA PHE A 79 -0.91 -3.09 0.41
C PHE A 79 0.44 -2.97 1.14
N LEU A 80 0.41 -2.19 2.22
CA LEU A 80 1.61 -1.97 3.01
C LEU A 80 1.91 -3.25 3.81
N ASN A 81 0.93 -4.14 3.83
CA ASN A 81 1.08 -5.39 4.55
C ASN A 81 1.73 -6.44 3.65
N LEU A 82 1.59 -6.20 2.34
CA LEU A 82 2.16 -7.11 1.37
C LEU A 82 3.63 -7.35 1.68
N PRO A 83 4.20 -8.41 1.04
CA PRO A 83 5.59 -8.74 1.26
C PRO A 83 6.52 -7.76 0.52
N GLU A 84 7.52 -7.30 1.24
CA GLU A 84 8.48 -6.36 0.67
C GLU A 84 8.89 -6.80 -0.73
N VAL A 85 9.07 -8.11 -0.87
CA VAL A 85 9.46 -8.68 -2.14
C VAL A 85 8.42 -8.33 -3.20
N GLU A 86 7.16 -8.38 -2.78
CA GLU A 86 6.05 -8.07 -3.69
C GLU A 86 6.06 -6.58 -4.03
N ARG A 87 5.94 -5.76 -3.01
CA ARG A 87 5.92 -4.32 -3.19
C ARG A 87 7.05 -3.90 -4.13
N ASP A 88 8.24 -4.44 -3.86
CA ASP A 88 9.41 -4.12 -4.66
C ASP A 88 9.11 -4.46 -6.13
N ARG A 89 8.48 -5.61 -6.33
CA ARG A 89 8.14 -6.05 -7.67
C ARG A 89 6.97 -5.23 -8.21
N ILE A 90 5.90 -5.20 -7.45
CA ILE A 90 4.71 -4.46 -7.85
C ILE A 90 5.13 -3.11 -8.41
N TYR A 91 5.91 -2.39 -7.61
CA TYR A 91 6.39 -1.07 -8.01
C TYR A 91 7.12 -1.14 -9.36
N GLN A 92 7.99 -2.13 -9.47
CA GLN A 92 8.76 -2.32 -10.69
C GLN A 92 7.82 -2.44 -11.89
N ASP A 93 7.00 -3.49 -11.86
CA ASP A 93 6.06 -3.73 -12.94
C ASP A 93 5.39 -2.41 -13.33
N GLU A 94 4.71 -1.82 -12.37
CA GLU A 94 4.02 -0.56 -12.59
C GLU A 94 4.92 0.40 -13.37
N ARG A 95 6.03 0.76 -12.75
CA ARG A 95 6.98 1.67 -13.38
C ARG A 95 7.30 1.20 -14.80
N SER A 96 7.54 -0.10 -14.91
CA SER A 96 7.88 -0.68 -16.20
C SER A 96 9.10 0.00 -16.79
N GLY A 97 10.26 -0.32 -16.22
CA GLY A 97 11.51 0.26 -16.68
C GLY A 97 12.60 -0.81 -16.76
N PRO A 98 13.88 -0.33 -16.70
CA PRO A 98 15.02 -1.22 -16.77
C PRO A 98 15.20 -1.98 -15.45
N SER A 99 15.32 -1.20 -14.38
CA SER A 99 15.50 -1.78 -13.06
C SER A 99 15.13 -0.75 -11.99
N SER A 100 15.07 -1.23 -10.75
CA SER A 100 14.73 -0.37 -9.63
C SER A 100 16.00 -0.02 -8.84
N GLY A 101 15.85 0.96 -7.96
CA GLY A 101 16.97 1.40 -7.14
C GLY A 101 16.78 0.98 -5.68
N GLY A 1 20.91 -23.61 -9.39
CA GLY A 1 19.65 -23.82 -8.70
C GLY A 1 19.15 -22.51 -8.07
N SER A 2 17.92 -22.57 -7.55
CA SER A 2 17.32 -21.41 -6.92
C SER A 2 15.91 -21.75 -6.46
N SER A 3 15.69 -21.60 -5.16
CA SER A 3 14.39 -21.87 -4.58
C SER A 3 14.42 -21.63 -3.06
N GLY A 4 13.31 -21.11 -2.56
CA GLY A 4 13.21 -20.83 -1.14
C GLY A 4 12.23 -19.67 -0.88
N SER A 5 11.36 -19.89 0.11
CA SER A 5 10.38 -18.88 0.46
C SER A 5 9.62 -19.32 1.72
N SER A 6 8.84 -18.38 2.24
CA SER A 6 8.06 -18.66 3.44
C SER A 6 7.13 -17.48 3.74
N GLY A 7 6.02 -17.78 4.39
CA GLY A 7 5.06 -16.77 4.75
C GLY A 7 3.74 -16.99 4.00
N LYS A 8 2.67 -16.45 4.57
CA LYS A 8 1.35 -16.57 3.98
C LYS A 8 0.36 -15.70 4.75
N PRO A 9 -0.20 -14.69 4.04
CA PRO A 9 -1.16 -13.79 4.65
C PRO A 9 -2.52 -14.46 4.81
N GLU A 10 -3.47 -13.71 5.36
CA GLU A 10 -4.81 -14.22 5.58
C GLU A 10 -5.65 -14.04 4.30
N PRO A 11 -6.50 -15.07 4.04
CA PRO A 11 -7.36 -15.03 2.86
C PRO A 11 -8.53 -14.07 3.08
N THR A 12 -9.33 -14.37 4.09
CA THR A 12 -10.47 -13.54 4.41
C THR A 12 -10.05 -12.33 5.24
N ASN A 13 -10.73 -11.21 5.00
CA ASN A 13 -10.43 -9.99 5.71
C ASN A 13 -11.67 -9.09 5.71
N SER A 14 -12.17 -8.83 4.51
CA SER A 14 -13.35 -7.99 4.36
C SER A 14 -12.99 -6.53 4.64
N SER A 15 -12.66 -6.26 5.88
CA SER A 15 -12.29 -4.92 6.29
C SER A 15 -11.27 -4.97 7.43
N VAL A 16 -10.00 -4.99 7.05
CA VAL A 16 -8.93 -5.04 8.03
C VAL A 16 -8.83 -3.69 8.74
N GLU A 17 -7.94 -3.64 9.72
CA GLU A 17 -7.74 -2.42 10.50
C GLU A 17 -6.80 -1.47 9.74
N VAL A 18 -6.72 -0.24 10.25
CA VAL A 18 -5.86 0.75 9.63
C VAL A 18 -5.07 1.47 10.73
N SER A 19 -3.80 1.70 10.45
CA SER A 19 -2.92 2.37 11.38
C SER A 19 -3.08 3.88 11.26
N PRO A 20 -2.84 4.58 12.40
CA PRO A 20 -2.96 6.04 12.43
C PRO A 20 -1.77 6.69 11.74
N ASP A 21 -0.71 5.91 11.56
CA ASP A 21 0.49 6.39 10.92
C ASP A 21 0.51 5.94 9.46
N ILE A 22 -0.64 5.44 9.01
CA ILE A 22 -0.77 4.96 7.65
C ILE A 22 -0.12 5.97 6.70
N TYR A 23 -0.16 7.23 7.10
CA TYR A 23 0.42 8.29 6.30
C TYR A 23 1.95 8.21 6.30
N GLN A 24 2.51 8.35 7.49
CA GLN A 24 3.95 8.29 7.65
C GLN A 24 4.49 6.97 7.11
N GLN A 25 3.64 5.96 7.15
CA GLN A 25 4.02 4.64 6.67
C GLN A 25 4.21 4.66 5.15
N VAL A 26 3.28 5.32 4.48
CA VAL A 26 3.32 5.42 3.03
C VAL A 26 4.58 6.20 2.63
N ARG A 27 4.63 7.45 3.07
CA ARG A 27 5.77 8.30 2.75
C ARG A 27 7.08 7.53 2.91
N ASP A 28 7.20 6.88 4.07
CA ASP A 28 8.40 6.10 4.35
C ASP A 28 8.50 4.95 3.35
N GLU A 29 7.34 4.42 2.98
CA GLU A 29 7.29 3.32 2.04
C GLU A 29 7.77 3.77 0.67
N LEU A 30 7.26 4.92 0.25
CA LEU A 30 7.64 5.47 -1.05
C LEU A 30 9.15 5.74 -1.08
N LYS A 31 9.62 6.36 0.00
CA LYS A 31 11.04 6.68 0.11
C LYS A 31 11.84 5.39 0.21
N ARG A 32 11.11 4.29 0.41
CA ARG A 32 11.74 2.99 0.52
C ARG A 32 11.86 2.33 -0.87
N ALA A 33 10.72 2.26 -1.54
CA ALA A 33 10.68 1.66 -2.87
C ALA A 33 11.06 2.72 -3.91
N SER A 34 11.21 3.94 -3.44
CA SER A 34 11.56 5.06 -4.31
C SER A 34 10.62 5.09 -5.51
N VAL A 35 9.33 4.94 -5.23
CA VAL A 35 8.32 4.96 -6.27
C VAL A 35 7.61 6.30 -6.26
N SER A 36 6.70 6.46 -7.22
CA SER A 36 5.94 7.70 -7.33
C SER A 36 4.60 7.54 -6.62
N GLN A 37 4.22 8.60 -5.90
CA GLN A 37 2.96 8.60 -5.18
C GLN A 37 1.87 7.92 -6.01
N ALA A 38 1.89 8.19 -7.30
CA ALA A 38 0.92 7.62 -8.21
C ALA A 38 1.15 6.10 -8.31
N VAL A 39 2.34 5.74 -8.76
CA VAL A 39 2.69 4.33 -8.90
C VAL A 39 2.15 3.56 -7.69
N PHE A 40 2.50 4.05 -6.51
CA PHE A 40 2.07 3.41 -5.28
C PHE A 40 0.54 3.45 -5.16
N ALA A 41 0.02 4.67 -5.06
CA ALA A 41 -1.41 4.86 -4.94
C ALA A 41 -2.14 3.89 -5.88
N ARG A 42 -1.54 3.68 -7.04
CA ARG A 42 -2.12 2.78 -8.03
C ARG A 42 -2.04 1.34 -7.53
N VAL A 43 -0.85 0.95 -7.11
CA VAL A 43 -0.64 -0.41 -6.62
C VAL A 43 -1.06 -0.47 -5.15
N ALA A 44 -1.62 0.62 -4.67
CA ALA A 44 -2.07 0.71 -3.29
C ALA A 44 -3.58 0.52 -3.24
N PHE A 45 -4.27 1.40 -3.95
CA PHE A 45 -5.73 1.35 -4.00
C PHE A 45 -6.26 1.84 -5.35
N ASN A 46 -5.40 1.72 -6.36
CA ASN A 46 -5.77 2.15 -7.70
C ASN A 46 -6.22 3.60 -7.66
N ARG A 47 -5.29 4.47 -7.33
CA ARG A 47 -5.58 5.89 -7.26
C ARG A 47 -4.45 6.71 -7.90
N THR A 48 -4.66 8.01 -7.97
CA THR A 48 -3.67 8.90 -8.56
C THR A 48 -2.78 9.48 -7.47
N GLN A 49 -1.91 10.40 -7.89
CA GLN A 49 -0.99 11.05 -6.96
C GLN A 49 -1.65 12.25 -6.30
N GLY A 50 -2.22 13.11 -7.14
CA GLY A 50 -2.88 14.30 -6.66
C GLY A 50 -3.79 13.98 -5.47
N LEU A 51 -4.28 12.75 -5.46
CA LEU A 51 -5.16 12.31 -4.39
C LEU A 51 -4.32 11.91 -3.19
N LEU A 52 -3.57 10.83 -3.34
CA LEU A 52 -2.73 10.33 -2.28
C LEU A 52 -2.06 11.51 -1.57
N SER A 53 -1.69 12.51 -2.38
CA SER A 53 -1.04 13.70 -1.85
C SER A 53 -1.97 14.40 -0.85
N GLU A 54 -3.17 14.72 -1.33
CA GLU A 54 -4.15 15.39 -0.51
C GLU A 54 -4.38 14.62 0.78
N ILE A 55 -4.25 13.30 0.67
CA ILE A 55 -4.45 12.43 1.82
C ILE A 55 -3.25 12.58 2.77
N LEU A 56 -2.08 12.62 2.19
CA LEU A 56 -0.85 12.77 2.96
C LEU A 56 -0.73 14.21 3.46
N ARG A 57 -1.56 15.06 2.90
CA ARG A 57 -1.56 16.47 3.27
C ARG A 57 -2.56 16.72 4.41
N LYS A 58 -3.77 16.20 4.21
CA LYS A 58 -4.81 16.36 5.20
C LYS A 58 -4.69 15.26 6.26
N GLU A 59 -4.41 14.05 5.77
CA GLU A 59 -4.26 12.91 6.65
C GLU A 59 -5.58 12.62 7.36
N GLU A 60 -6.65 12.59 6.58
CA GLU A 60 -7.96 12.33 7.13
C GLU A 60 -7.92 11.11 8.06
N ASP A 61 -7.98 11.40 9.35
CA ASP A 61 -7.95 10.35 10.36
C ASP A 61 -8.85 9.19 9.91
N PRO A 62 -8.32 7.95 10.08
CA PRO A 62 -9.07 6.77 9.70
C PRO A 62 -10.19 6.47 10.71
N ARG A 63 -10.29 7.35 11.70
CA ARG A 63 -11.30 7.20 12.72
C ARG A 63 -12.61 7.85 12.28
N THR A 64 -12.47 8.98 11.59
CA THR A 64 -13.63 9.71 11.11
C THR A 64 -13.66 9.69 9.57
N ALA A 65 -12.51 9.38 8.99
CA ALA A 65 -12.40 9.33 7.54
C ALA A 65 -13.68 8.73 6.96
N SER A 66 -14.09 9.28 5.82
CA SER A 66 -15.30 8.82 5.16
C SER A 66 -15.01 7.51 4.42
N GLN A 67 -16.03 6.66 4.38
CA GLN A 67 -15.90 5.37 3.73
C GLN A 67 -15.06 5.50 2.46
N SER A 68 -15.36 6.55 1.70
CA SER A 68 -14.64 6.80 0.46
C SER A 68 -13.13 6.73 0.71
N LEU A 69 -12.70 7.45 1.72
CA LEU A 69 -11.28 7.48 2.06
C LEU A 69 -10.90 6.15 2.72
N LEU A 70 -11.64 5.81 3.77
CA LEU A 70 -11.39 4.58 4.49
C LEU A 70 -11.19 3.44 3.48
N VAL A 71 -12.00 3.46 2.44
CA VAL A 71 -11.91 2.45 1.40
C VAL A 71 -10.48 2.37 0.87
N ASN A 72 -9.88 3.55 0.71
CA ASN A 72 -8.52 3.63 0.21
C ASN A 72 -7.55 3.30 1.35
N LEU A 73 -7.75 3.98 2.48
CA LEU A 73 -6.90 3.77 3.64
C LEU A 73 -6.76 2.27 3.90
N ARG A 74 -7.90 1.62 3.99
CA ARG A 74 -7.93 0.18 4.23
C ARG A 74 -7.12 -0.55 3.17
N ALA A 75 -7.36 -0.17 1.92
CA ALA A 75 -6.67 -0.79 0.81
C ALA A 75 -5.15 -0.66 1.02
N MET A 76 -4.72 0.58 1.19
CA MET A 76 -3.30 0.85 1.41
C MET A 76 -2.72 -0.08 2.48
N GLN A 77 -3.28 0.02 3.67
CA GLN A 77 -2.83 -0.80 4.78
C GLN A 77 -2.75 -2.27 4.36
N ASN A 78 -3.57 -2.61 3.39
CA ASN A 78 -3.61 -3.98 2.88
C ASN A 78 -2.40 -4.21 1.99
N PHE A 79 -2.00 -3.17 1.28
CA PHE A 79 -0.86 -3.25 0.39
C PHE A 79 0.46 -3.22 1.18
N LEU A 80 0.52 -2.27 2.11
CA LEU A 80 1.71 -2.12 2.93
C LEU A 80 1.91 -3.39 3.76
N ASN A 81 0.88 -4.21 3.79
CA ASN A 81 0.93 -5.46 4.54
C ASN A 81 1.66 -6.51 3.71
N LEU A 82 1.66 -6.30 2.40
CA LEU A 82 2.32 -7.22 1.49
C LEU A 82 3.82 -7.25 1.80
N PRO A 83 4.48 -8.34 1.34
CA PRO A 83 5.90 -8.51 1.56
C PRO A 83 6.71 -7.60 0.64
N GLU A 84 7.79 -7.06 1.16
CA GLU A 84 8.65 -6.18 0.40
C GLU A 84 8.86 -6.73 -1.01
N VAL A 85 9.06 -8.04 -1.08
CA VAL A 85 9.27 -8.70 -2.35
C VAL A 85 8.12 -8.37 -3.29
N GLU A 86 6.92 -8.37 -2.73
CA GLU A 86 5.72 -8.07 -3.51
C GLU A 86 5.73 -6.60 -3.94
N ARG A 87 5.76 -5.72 -2.96
CA ARG A 87 5.77 -4.30 -3.24
C ARG A 87 6.95 -3.94 -4.15
N ASP A 88 8.10 -4.50 -3.82
CA ASP A 88 9.30 -4.26 -4.61
C ASP A 88 9.00 -4.52 -6.09
N ARG A 89 8.51 -5.72 -6.36
CA ARG A 89 8.18 -6.10 -7.72
C ARG A 89 6.98 -5.31 -8.22
N ILE A 90 5.94 -5.30 -7.39
CA ILE A 90 4.72 -4.58 -7.74
C ILE A 90 5.08 -3.20 -8.29
N TYR A 91 5.88 -2.48 -7.52
CA TYR A 91 6.30 -1.15 -7.92
C TYR A 91 7.03 -1.20 -9.27
N GLN A 92 7.95 -2.13 -9.37
CA GLN A 92 8.72 -2.29 -10.60
C GLN A 92 7.80 -2.59 -11.78
N ASP A 93 6.87 -3.51 -11.54
CA ASP A 93 5.92 -3.90 -12.56
C ASP A 93 5.17 -2.65 -13.05
N GLU A 94 4.83 -1.80 -12.10
CA GLU A 94 4.11 -0.58 -12.41
C GLU A 94 4.83 0.19 -13.52
N ARG A 95 6.01 0.68 -13.20
CA ARG A 95 6.81 1.43 -14.16
C ARG A 95 7.27 0.52 -15.29
N SER A 96 7.90 -0.58 -14.90
CA SER A 96 8.39 -1.54 -15.87
C SER A 96 9.54 -0.92 -16.68
N GLY A 97 10.71 -0.92 -16.07
CA GLY A 97 11.89 -0.37 -16.71
C GLY A 97 13.12 -0.47 -15.80
N PRO A 98 14.30 -0.56 -16.45
CA PRO A 98 15.56 -0.66 -15.70
C PRO A 98 15.95 0.70 -15.11
N SER A 99 15.96 0.74 -13.79
CA SER A 99 16.31 1.95 -13.08
C SER A 99 16.59 1.65 -11.61
N SER A 100 17.85 1.81 -11.23
CA SER A 100 18.27 1.55 -9.86
C SER A 100 19.75 1.88 -9.69
N GLY A 101 20.01 2.85 -8.84
CA GLY A 101 21.38 3.27 -8.57
C GLY A 101 21.51 3.90 -7.19
N GLY A 1 23.10 -30.11 3.84
CA GLY A 1 22.50 -29.36 2.76
C GLY A 1 21.04 -29.80 2.54
N SER A 2 20.16 -29.21 3.34
CA SER A 2 18.74 -29.52 3.24
C SER A 2 17.98 -28.80 4.34
N SER A 3 17.12 -27.88 3.92
CA SER A 3 16.32 -27.11 4.86
C SER A 3 15.38 -26.16 4.10
N GLY A 4 14.30 -26.74 3.59
CA GLY A 4 13.33 -25.96 2.84
C GLY A 4 11.99 -26.67 2.78
N SER A 5 11.07 -26.21 3.63
CA SER A 5 9.75 -26.80 3.69
C SER A 5 8.89 -26.06 4.72
N SER A 6 7.92 -25.32 4.22
CA SER A 6 7.03 -24.56 5.09
C SER A 6 6.14 -23.64 4.25
N GLY A 7 5.01 -23.28 4.83
CA GLY A 7 4.05 -22.41 4.15
C GLY A 7 2.64 -23.01 4.19
N LYS A 8 1.70 -22.19 4.59
CA LYS A 8 0.31 -22.61 4.67
C LYS A 8 -0.61 -21.39 4.63
N PRO A 9 -1.38 -21.28 3.52
CA PRO A 9 -2.30 -20.18 3.35
C PRO A 9 -3.53 -20.34 4.24
N GLU A 10 -4.36 -19.31 4.25
CA GLU A 10 -5.57 -19.32 5.05
C GLU A 10 -6.47 -18.13 4.69
N PRO A 11 -7.43 -18.39 3.77
CA PRO A 11 -8.34 -17.35 3.33
C PRO A 11 -9.41 -17.07 4.41
N THR A 12 -9.39 -15.83 4.89
CA THR A 12 -10.33 -15.42 5.91
C THR A 12 -10.18 -13.92 6.19
N ASN A 13 -10.61 -13.12 5.22
CA ASN A 13 -10.52 -11.67 5.36
C ASN A 13 -11.87 -11.14 5.86
N SER A 14 -11.85 -9.89 6.29
CA SER A 14 -13.06 -9.25 6.79
C SER A 14 -12.73 -7.85 7.32
N SER A 15 -12.50 -6.94 6.39
CA SER A 15 -12.18 -5.57 6.75
C SER A 15 -11.00 -5.55 7.72
N VAL A 16 -9.82 -5.28 7.17
CA VAL A 16 -8.62 -5.22 7.98
C VAL A 16 -8.59 -3.92 8.77
N GLU A 17 -7.59 -3.80 9.63
CA GLU A 17 -7.44 -2.61 10.45
C GLU A 17 -6.59 -1.57 9.72
N VAL A 18 -6.56 -0.38 10.29
CA VAL A 18 -5.79 0.72 9.72
C VAL A 18 -5.02 1.44 10.82
N SER A 19 -3.77 1.74 10.52
CA SER A 19 -2.92 2.43 11.49
C SER A 19 -3.10 3.94 11.35
N PRO A 20 -2.90 4.64 12.49
CA PRO A 20 -3.03 6.09 12.51
C PRO A 20 -1.84 6.77 11.84
N ASP A 21 -0.82 5.96 11.58
CA ASP A 21 0.38 6.47 10.94
C ASP A 21 0.43 5.99 9.49
N ILE A 22 -0.71 5.47 9.03
CA ILE A 22 -0.80 4.98 7.67
C ILE A 22 -0.17 5.98 6.71
N TYR A 23 -0.33 7.25 7.05
CA TYR A 23 0.22 8.32 6.24
C TYR A 23 1.75 8.24 6.18
N GLN A 24 2.35 8.32 7.35
CA GLN A 24 3.81 8.26 7.46
C GLN A 24 4.32 6.99 6.78
N GLN A 25 3.60 5.90 7.00
CA GLN A 25 3.98 4.62 6.42
C GLN A 25 4.20 4.75 4.91
N VAL A 26 3.17 5.28 4.25
CA VAL A 26 3.23 5.47 2.81
C VAL A 26 4.55 6.16 2.45
N ARG A 27 4.67 7.40 2.90
CA ARG A 27 5.86 8.19 2.64
C ARG A 27 7.11 7.31 2.78
N ASP A 28 7.20 6.65 3.93
CA ASP A 28 8.34 5.79 4.21
C ASP A 28 8.41 4.70 3.14
N GLU A 29 7.25 4.15 2.81
CA GLU A 29 7.17 3.10 1.81
C GLU A 29 7.70 3.60 0.47
N LEU A 30 7.24 4.78 0.10
CA LEU A 30 7.66 5.39 -1.15
C LEU A 30 9.18 5.60 -1.14
N LYS A 31 9.65 6.13 -0.03
CA LYS A 31 11.08 6.39 0.14
C LYS A 31 11.83 5.05 0.19
N ARG A 32 11.05 3.98 0.30
CA ARG A 32 11.62 2.65 0.37
C ARG A 32 11.74 2.05 -1.04
N ALA A 33 10.62 2.08 -1.75
CA ALA A 33 10.58 1.54 -3.10
C ALA A 33 10.98 2.64 -4.09
N SER A 34 11.16 3.84 -3.55
CA SER A 34 11.54 4.98 -4.37
C SER A 34 10.57 5.14 -5.53
N VAL A 35 9.28 4.99 -5.22
CA VAL A 35 8.24 5.11 -6.23
C VAL A 35 7.51 6.44 -6.04
N SER A 36 6.66 6.74 -7.02
CA SER A 36 5.88 7.98 -6.97
C SER A 36 4.51 7.71 -6.35
N GLN A 37 4.07 8.65 -5.53
CA GLN A 37 2.78 8.53 -4.87
C GLN A 37 1.76 7.92 -5.82
N ALA A 38 1.90 8.25 -7.09
CA ALA A 38 1.00 7.74 -8.11
C ALA A 38 1.18 6.22 -8.23
N VAL A 39 2.36 5.84 -8.70
CA VAL A 39 2.68 4.43 -8.87
C VAL A 39 2.13 3.63 -7.68
N PHE A 40 2.42 4.14 -6.50
CA PHE A 40 1.95 3.50 -5.28
C PHE A 40 0.43 3.56 -5.16
N ALA A 41 -0.08 4.78 -5.10
CA ALA A 41 -1.51 4.98 -4.99
C ALA A 41 -2.23 4.07 -5.99
N ARG A 42 -1.52 3.73 -7.05
CA ARG A 42 -2.07 2.87 -8.08
C ARG A 42 -2.04 1.41 -7.61
N VAL A 43 -0.94 1.04 -6.99
CA VAL A 43 -0.77 -0.31 -6.49
C VAL A 43 -1.16 -0.36 -5.01
N ALA A 44 -1.72 0.75 -4.53
CA ALA A 44 -2.15 0.84 -3.15
C ALA A 44 -3.67 0.68 -3.08
N PHE A 45 -4.35 1.55 -3.80
CA PHE A 45 -5.80 1.52 -3.82
C PHE A 45 -6.35 1.94 -5.19
N ASN A 46 -5.49 1.82 -6.19
CA ASN A 46 -5.86 2.19 -7.54
C ASN A 46 -6.24 3.66 -7.58
N ARG A 47 -5.26 4.51 -7.30
CA ARG A 47 -5.47 5.94 -7.30
C ARG A 47 -4.25 6.66 -7.86
N THR A 48 -4.41 7.97 -8.05
CA THR A 48 -3.33 8.79 -8.58
C THR A 48 -2.56 9.45 -7.43
N GLN A 49 -1.57 10.25 -7.82
CA GLN A 49 -0.75 10.94 -6.84
C GLN A 49 -1.49 12.17 -6.31
N GLY A 50 -1.94 13.00 -7.23
CA GLY A 50 -2.66 14.21 -6.86
C GLY A 50 -3.64 13.93 -5.72
N LEU A 51 -4.14 12.72 -5.69
CA LEU A 51 -5.08 12.31 -4.66
C LEU A 51 -4.31 11.90 -3.40
N LEU A 52 -3.51 10.86 -3.56
CA LEU A 52 -2.71 10.36 -2.45
C LEU A 52 -2.04 11.54 -1.73
N SER A 53 -1.72 12.56 -2.52
CA SER A 53 -1.08 13.74 -1.98
C SER A 53 -2.01 14.44 -0.99
N GLU A 54 -3.17 14.83 -1.50
CA GLU A 54 -4.15 15.51 -0.67
C GLU A 54 -4.43 14.70 0.60
N ILE A 55 -4.20 13.40 0.50
CA ILE A 55 -4.41 12.52 1.63
C ILE A 55 -3.25 12.66 2.61
N LEU A 56 -2.05 12.75 2.05
CA LEU A 56 -0.85 12.89 2.86
C LEU A 56 -0.76 14.31 3.39
N ARG A 57 -1.56 15.18 2.78
CA ARG A 57 -1.57 16.58 3.18
C ARG A 57 -2.66 16.83 4.22
N LYS A 58 -3.84 16.28 3.94
CA LYS A 58 -4.97 16.42 4.85
C LYS A 58 -4.88 15.37 5.95
N GLU A 59 -4.45 14.18 5.56
CA GLU A 59 -4.32 13.08 6.49
C GLU A 59 -5.64 12.86 7.23
N GLU A 60 -6.63 12.40 6.49
CA GLU A 60 -7.95 12.15 7.05
C GLU A 60 -7.89 10.94 7.99
N ASP A 61 -7.93 11.22 9.27
CA ASP A 61 -7.88 10.18 10.29
C ASP A 61 -8.80 9.03 9.85
N PRO A 62 -8.30 7.78 10.08
CA PRO A 62 -9.06 6.60 9.72
C PRO A 62 -10.20 6.36 10.73
N ARG A 63 -10.28 7.24 11.70
CA ARG A 63 -11.31 7.14 12.72
C ARG A 63 -12.56 7.91 12.29
N THR A 64 -12.33 9.00 11.59
CA THR A 64 -13.42 9.84 11.12
C THR A 64 -13.49 9.81 9.59
N ALA A 65 -12.38 9.41 8.98
CA ALA A 65 -12.30 9.32 7.54
C ALA A 65 -13.59 8.70 7.00
N SER A 66 -14.06 9.24 5.88
CA SER A 66 -15.27 8.75 5.25
C SER A 66 -15.00 7.40 4.60
N GLN A 67 -16.06 6.61 4.47
CA GLN A 67 -15.96 5.29 3.87
C GLN A 67 -15.11 5.36 2.59
N SER A 68 -15.47 6.31 1.74
CA SER A 68 -14.75 6.48 0.49
C SER A 68 -13.23 6.48 0.74
N LEU A 69 -12.82 7.31 1.70
CA LEU A 69 -11.42 7.40 2.05
C LEU A 69 -10.98 6.11 2.74
N LEU A 70 -11.73 5.75 3.77
CA LEU A 70 -11.43 4.55 4.53
C LEU A 70 -11.11 3.41 3.56
N VAL A 71 -11.94 3.30 2.54
CA VAL A 71 -11.76 2.26 1.53
C VAL A 71 -10.31 2.27 1.05
N ASN A 72 -9.80 3.48 0.85
CA ASN A 72 -8.43 3.65 0.39
C ASN A 72 -7.46 3.35 1.54
N LEU A 73 -7.76 3.94 2.69
CA LEU A 73 -6.93 3.74 3.86
C LEU A 73 -6.82 2.23 4.16
N ARG A 74 -7.92 1.54 3.92
CA ARG A 74 -7.96 0.10 4.14
C ARG A 74 -7.07 -0.62 3.14
N ALA A 75 -7.18 -0.21 1.89
CA ALA A 75 -6.40 -0.81 0.82
C ALA A 75 -4.92 -0.57 1.09
N MET A 76 -4.57 0.70 1.24
CA MET A 76 -3.19 1.07 1.50
C MET A 76 -2.57 0.18 2.57
N GLN A 77 -3.19 0.20 3.75
CA GLN A 77 -2.71 -0.61 4.86
C GLN A 77 -2.62 -2.08 4.45
N ASN A 78 -3.54 -2.48 3.58
CA ASN A 78 -3.57 -3.85 3.10
C ASN A 78 -2.41 -4.08 2.13
N PHE A 79 -2.06 -3.02 1.42
CA PHE A 79 -0.97 -3.09 0.45
C PHE A 79 0.38 -3.07 1.17
N LEU A 80 0.46 -2.27 2.21
CA LEU A 80 1.68 -2.15 2.98
C LEU A 80 1.92 -3.46 3.74
N ASN A 81 0.87 -4.26 3.83
CA ASN A 81 0.97 -5.54 4.53
C ASN A 81 1.68 -6.55 3.63
N LEU A 82 1.48 -6.39 2.33
CA LEU A 82 2.10 -7.28 1.37
C LEU A 82 3.57 -7.47 1.71
N PRO A 83 4.18 -8.53 1.12
CA PRO A 83 5.58 -8.83 1.36
C PRO A 83 6.49 -7.85 0.61
N GLU A 84 7.46 -7.33 1.33
CA GLU A 84 8.40 -6.39 0.74
C GLU A 84 8.86 -6.87 -0.63
N VAL A 85 9.14 -8.16 -0.70
CA VAL A 85 9.59 -8.77 -1.95
C VAL A 85 8.54 -8.51 -3.03
N GLU A 86 7.28 -8.60 -2.63
CA GLU A 86 6.18 -8.39 -3.55
C GLU A 86 6.11 -6.92 -3.96
N ARG A 87 5.95 -6.06 -2.96
CA ARG A 87 5.88 -4.64 -3.20
C ARG A 87 7.03 -4.18 -4.10
N ASP A 88 8.20 -4.74 -3.83
CA ASP A 88 9.38 -4.41 -4.60
C ASP A 88 9.09 -4.61 -6.09
N ARG A 89 8.55 -5.79 -6.40
CA ARG A 89 8.22 -6.12 -7.77
C ARG A 89 7.03 -5.27 -8.25
N ILE A 90 6.00 -5.22 -7.42
CA ILE A 90 4.82 -4.47 -7.75
C ILE A 90 5.22 -3.08 -8.24
N TYR A 91 5.95 -2.38 -7.39
CA TYR A 91 6.41 -1.04 -7.73
C TYR A 91 7.13 -1.02 -9.08
N GLN A 92 8.08 -1.93 -9.22
CA GLN A 92 8.84 -2.03 -10.44
C GLN A 92 7.91 -2.25 -11.63
N ASP A 93 7.07 -3.26 -11.50
CA ASP A 93 6.12 -3.58 -12.55
C ASP A 93 5.43 -2.30 -13.03
N GLU A 94 4.91 -1.56 -12.07
CA GLU A 94 4.22 -0.31 -12.37
C GLU A 94 5.09 0.56 -13.29
N ARG A 95 6.31 0.81 -12.83
CA ARG A 95 7.24 1.62 -13.59
C ARG A 95 7.49 1.00 -14.96
N SER A 96 7.86 -0.27 -14.94
CA SER A 96 8.13 -0.99 -16.17
C SER A 96 7.02 -0.72 -17.19
N GLY A 97 5.80 -1.04 -16.78
CA GLY A 97 4.66 -0.84 -17.64
C GLY A 97 4.84 -1.57 -18.98
N PRO A 98 5.04 -0.76 -20.06
CA PRO A 98 5.23 -1.31 -21.39
C PRO A 98 6.63 -1.91 -21.53
N SER A 99 6.86 -2.98 -20.78
CA SER A 99 8.14 -3.66 -20.81
C SER A 99 9.22 -2.79 -20.16
N SER A 100 10.25 -3.45 -19.66
CA SER A 100 11.34 -2.75 -19.01
C SER A 100 12.34 -2.26 -20.06
N GLY A 101 12.73 -1.00 -19.90
CA GLY A 101 13.68 -0.40 -20.83
C GLY A 101 14.32 0.85 -20.22
N GLY A 1 -6.47 -50.08 9.77
CA GLY A 1 -6.01 -48.72 9.96
C GLY A 1 -7.21 -47.79 10.24
N SER A 2 -6.88 -46.62 10.76
CA SER A 2 -7.90 -45.64 11.08
C SER A 2 -7.27 -44.27 11.36
N SER A 3 -7.02 -43.55 10.28
CA SER A 3 -6.41 -42.23 10.39
C SER A 3 -7.48 -41.15 10.23
N GLY A 4 -8.17 -41.19 9.10
CA GLY A 4 -9.21 -40.22 8.81
C GLY A 4 -8.81 -38.83 9.31
N SER A 5 -8.16 -38.09 8.42
CA SER A 5 -7.72 -36.75 8.76
C SER A 5 -7.16 -36.06 7.50
N SER A 6 -7.88 -35.02 7.08
CA SER A 6 -7.49 -34.27 5.90
C SER A 6 -8.52 -33.19 5.59
N GLY A 7 -8.03 -31.97 5.43
CA GLY A 7 -8.90 -30.85 5.14
C GLY A 7 -8.91 -29.84 6.29
N LYS A 8 -8.93 -28.57 5.93
CA LYS A 8 -8.95 -27.50 6.91
C LYS A 8 -9.19 -26.16 6.21
N PRO A 9 -10.49 -25.77 6.17
CA PRO A 9 -10.88 -24.53 5.53
C PRO A 9 -10.52 -23.33 6.42
N GLU A 10 -10.62 -22.15 5.82
CA GLU A 10 -10.29 -20.92 6.54
C GLU A 10 -10.79 -19.71 5.76
N PRO A 11 -11.04 -18.60 6.51
CA PRO A 11 -11.51 -17.37 5.90
C PRO A 11 -10.38 -16.66 5.16
N THR A 12 -10.74 -15.54 4.54
CA THR A 12 -9.76 -14.75 3.79
C THR A 12 -9.54 -13.39 4.46
N ASN A 13 -10.55 -12.54 4.35
CA ASN A 13 -10.48 -11.22 4.94
C ASN A 13 -11.85 -10.57 4.89
N SER A 14 -11.94 -9.38 5.46
CA SER A 14 -13.19 -8.64 5.50
C SER A 14 -12.94 -7.19 5.94
N SER A 15 -12.43 -7.06 7.15
CA SER A 15 -12.14 -5.75 7.70
C SER A 15 -10.80 -5.78 8.43
N VAL A 16 -9.76 -5.42 7.70
CA VAL A 16 -8.42 -5.39 8.25
C VAL A 16 -8.24 -4.12 9.08
N GLU A 17 -7.22 -4.14 9.93
CA GLU A 17 -6.93 -3.00 10.78
C GLU A 17 -6.03 -2.00 10.03
N VAL A 18 -6.29 -0.72 10.29
CA VAL A 18 -5.52 0.34 9.66
C VAL A 18 -4.79 1.15 10.73
N SER A 19 -3.52 1.40 10.48
CA SER A 19 -2.71 2.16 11.41
C SER A 19 -2.99 3.66 11.25
N PRO A 20 -2.78 4.40 12.37
CA PRO A 20 -3.01 5.84 12.36
C PRO A 20 -1.89 6.57 11.63
N ASP A 21 -0.75 5.90 11.54
CA ASP A 21 0.40 6.47 10.87
C ASP A 21 0.42 6.01 9.41
N ILE A 22 -0.69 5.42 9.00
CA ILE A 22 -0.82 4.92 7.64
C ILE A 22 -0.20 5.93 6.67
N TYR A 23 -0.30 7.20 7.06
CA TYR A 23 0.25 8.27 6.24
C TYR A 23 1.77 8.19 6.16
N GLN A 24 2.39 8.30 7.33
CA GLN A 24 3.85 8.23 7.41
C GLN A 24 4.36 6.93 6.78
N GLN A 25 3.59 5.87 7.00
CA GLN A 25 3.95 4.56 6.46
C GLN A 25 4.09 4.63 4.94
N VAL A 26 3.11 5.26 4.31
CA VAL A 26 3.13 5.40 2.86
C VAL A 26 4.42 6.09 2.43
N ARG A 27 4.55 7.34 2.82
CA ARG A 27 5.73 8.11 2.48
C ARG A 27 6.99 7.27 2.68
N ASP A 28 7.08 6.65 3.86
CA ASP A 28 8.22 5.82 4.18
C ASP A 28 8.34 4.70 3.15
N GLU A 29 7.19 4.15 2.79
CA GLU A 29 7.15 3.07 1.82
C GLU A 29 7.65 3.57 0.45
N LEU A 30 7.16 4.73 0.07
CA LEU A 30 7.53 5.33 -1.19
C LEU A 30 9.03 5.63 -1.18
N LYS A 31 9.48 6.20 -0.07
CA LYS A 31 10.88 6.54 0.08
C LYS A 31 11.71 5.26 0.12
N ARG A 32 11.02 4.14 0.25
CA ARG A 32 11.68 2.84 0.29
C ARG A 32 11.83 2.27 -1.12
N ALA A 33 10.70 2.22 -1.82
CA ALA A 33 10.69 1.70 -3.17
C ALA A 33 11.06 2.81 -4.15
N SER A 34 11.17 4.01 -3.61
CA SER A 34 11.52 5.17 -4.41
C SER A 34 10.56 5.28 -5.61
N VAL A 35 9.28 5.08 -5.33
CA VAL A 35 8.26 5.15 -6.36
C VAL A 35 7.45 6.44 -6.17
N SER A 36 6.79 6.83 -7.24
CA SER A 36 5.97 8.04 -7.21
C SER A 36 4.63 7.74 -6.54
N GLN A 37 4.20 8.69 -5.72
CA GLN A 37 2.93 8.54 -5.02
C GLN A 37 1.88 7.91 -5.93
N ALA A 38 1.95 8.28 -7.20
CA ALA A 38 1.02 7.75 -8.18
C ALA A 38 1.23 6.25 -8.34
N VAL A 39 2.43 5.90 -8.79
CA VAL A 39 2.78 4.50 -8.99
C VAL A 39 2.22 3.67 -7.82
N PHE A 40 2.52 4.14 -6.61
CA PHE A 40 2.07 3.46 -5.42
C PHE A 40 0.55 3.50 -5.30
N ALA A 41 0.02 4.71 -5.19
CA ALA A 41 -1.41 4.90 -5.08
C ALA A 41 -2.13 3.92 -6.01
N ARG A 42 -1.48 3.63 -7.12
CA ARG A 42 -2.03 2.71 -8.10
C ARG A 42 -1.99 1.27 -7.55
N VAL A 43 -0.81 0.87 -7.11
CA VAL A 43 -0.63 -0.45 -6.56
C VAL A 43 -1.04 -0.47 -5.10
N ALA A 44 -1.60 0.65 -4.66
CA ALA A 44 -2.04 0.79 -3.27
C ALA A 44 -3.55 0.62 -3.21
N PHE A 45 -4.25 1.46 -3.96
CA PHE A 45 -5.70 1.42 -4.00
C PHE A 45 -6.23 1.86 -5.36
N ASN A 46 -5.38 1.71 -6.36
CA ASN A 46 -5.75 2.09 -7.72
C ASN A 46 -6.16 3.56 -7.74
N ARG A 47 -5.20 4.42 -7.44
CA ARG A 47 -5.46 5.85 -7.42
C ARG A 47 -4.29 6.61 -8.04
N THR A 48 -4.41 7.93 -8.03
CA THR A 48 -3.36 8.78 -8.58
C THR A 48 -2.54 9.42 -7.47
N GLN A 49 -1.71 10.38 -7.85
CA GLN A 49 -0.87 11.07 -6.89
C GLN A 49 -1.60 12.28 -6.31
N GLY A 50 -2.06 13.14 -7.20
CA GLY A 50 -2.77 14.34 -6.80
C GLY A 50 -3.72 14.03 -5.63
N LEU A 51 -4.26 12.82 -5.65
CA LEU A 51 -5.17 12.39 -4.61
C LEU A 51 -4.37 11.99 -3.37
N LEU A 52 -3.65 10.88 -3.50
CA LEU A 52 -2.85 10.38 -2.41
C LEU A 52 -2.18 11.55 -1.68
N SER A 53 -1.79 12.55 -2.46
CA SER A 53 -1.15 13.72 -1.91
C SER A 53 -2.07 14.39 -0.89
N GLU A 54 -3.22 14.82 -1.39
CA GLU A 54 -4.20 15.48 -0.54
C GLU A 54 -4.45 14.66 0.73
N ILE A 55 -4.34 13.34 0.56
CA ILE A 55 -4.55 12.44 1.68
C ILE A 55 -3.37 12.54 2.65
N LEU A 56 -2.18 12.58 2.08
CA LEU A 56 -0.97 12.68 2.87
C LEU A 56 -0.82 14.11 3.38
N ARG A 57 -1.61 15.00 2.81
CA ARG A 57 -1.58 16.40 3.20
C ARG A 57 -2.56 16.64 4.35
N LYS A 58 -3.77 16.17 4.17
CA LYS A 58 -4.80 16.34 5.17
C LYS A 58 -4.67 15.23 6.22
N GLU A 59 -4.33 14.04 5.74
CA GLU A 59 -4.16 12.90 6.62
C GLU A 59 -5.46 12.60 7.36
N GLU A 60 -6.55 12.61 6.61
CA GLU A 60 -7.86 12.34 7.18
C GLU A 60 -7.80 11.12 8.10
N ASP A 61 -7.83 11.40 9.39
CA ASP A 61 -7.77 10.33 10.39
C ASP A 61 -8.72 9.21 9.96
N PRO A 62 -8.24 7.95 10.16
CA PRO A 62 -9.03 6.78 9.81
C PRO A 62 -10.16 6.55 10.82
N ARG A 63 -10.21 7.43 11.80
CA ARG A 63 -11.23 7.33 12.83
C ARG A 63 -12.43 8.21 12.47
N THR A 64 -12.15 9.27 11.73
CA THR A 64 -13.20 10.19 11.31
C THR A 64 -13.34 10.18 9.79
N ALA A 65 -12.35 9.58 9.14
CA ALA A 65 -12.36 9.49 7.70
C ALA A 65 -13.73 9.01 7.22
N SER A 66 -13.91 9.05 5.90
CA SER A 66 -15.16 8.62 5.30
C SER A 66 -14.96 7.31 4.54
N GLN A 67 -16.05 6.57 4.41
CA GLN A 67 -16.01 5.30 3.71
C GLN A 67 -15.15 5.42 2.44
N SER A 68 -15.35 6.52 1.73
CA SER A 68 -14.61 6.76 0.51
C SER A 68 -13.11 6.66 0.78
N LEU A 69 -12.66 7.46 1.74
CA LEU A 69 -11.25 7.48 2.11
C LEU A 69 -10.88 6.15 2.78
N LEU A 70 -11.65 5.82 3.81
CA LEU A 70 -11.41 4.58 4.54
C LEU A 70 -11.17 3.45 3.55
N VAL A 71 -12.01 3.40 2.53
CA VAL A 71 -11.89 2.38 1.51
C VAL A 71 -10.45 2.33 0.99
N ASN A 72 -9.89 3.51 0.79
CA ASN A 72 -8.52 3.62 0.32
C ASN A 72 -7.55 3.28 1.46
N LEU A 73 -7.78 3.93 2.59
CA LEU A 73 -6.94 3.72 3.76
C LEU A 73 -6.79 2.21 3.99
N ARG A 74 -7.91 1.51 3.94
CA ARG A 74 -7.92 0.08 4.14
C ARG A 74 -7.15 -0.62 3.02
N ALA A 75 -7.38 -0.15 1.80
CA ALA A 75 -6.72 -0.71 0.64
C ALA A 75 -5.20 -0.60 0.81
N MET A 76 -4.76 0.62 1.06
CA MET A 76 -3.34 0.88 1.25
C MET A 76 -2.73 -0.11 2.26
N GLN A 77 -3.22 -0.01 3.49
CA GLN A 77 -2.74 -0.88 4.56
C GLN A 77 -2.64 -2.32 4.05
N ASN A 78 -3.57 -2.67 3.17
CA ASN A 78 -3.59 -4.02 2.62
C ASN A 78 -2.33 -4.24 1.77
N PHE A 79 -1.98 -3.23 0.99
CA PHE A 79 -0.80 -3.30 0.15
C PHE A 79 0.48 -3.22 0.98
N LEU A 80 0.42 -2.40 2.02
CA LEU A 80 1.55 -2.23 2.91
C LEU A 80 1.74 -3.49 3.75
N ASN A 81 0.71 -4.32 3.76
CA ASN A 81 0.75 -5.56 4.52
C ASN A 81 1.47 -6.63 3.70
N LEU A 82 1.61 -6.35 2.41
CA LEU A 82 2.27 -7.27 1.52
C LEU A 82 3.77 -7.31 1.84
N PRO A 83 4.43 -8.41 1.37
CA PRO A 83 5.85 -8.57 1.61
C PRO A 83 6.68 -7.64 0.72
N GLU A 84 7.74 -7.09 1.28
CA GLU A 84 8.61 -6.19 0.56
C GLU A 84 8.86 -6.72 -0.86
N VAL A 85 9.07 -8.03 -0.93
CA VAL A 85 9.33 -8.68 -2.20
C VAL A 85 8.19 -8.36 -3.17
N GLU A 86 6.98 -8.39 -2.64
CA GLU A 86 5.80 -8.10 -3.44
C GLU A 86 5.80 -6.64 -3.88
N ARG A 87 5.77 -5.75 -2.90
CA ARG A 87 5.76 -4.33 -3.16
C ARG A 87 6.96 -3.95 -4.04
N ASP A 88 8.12 -4.47 -3.65
CA ASP A 88 9.34 -4.19 -4.38
C ASP A 88 9.13 -4.51 -5.86
N ARG A 89 8.64 -5.71 -6.11
CA ARG A 89 8.38 -6.15 -7.48
C ARG A 89 7.19 -5.37 -8.07
N ILE A 90 6.15 -5.25 -7.27
CA ILE A 90 4.96 -4.54 -7.70
C ILE A 90 5.36 -3.16 -8.23
N TYR A 91 6.18 -2.48 -7.44
CA TYR A 91 6.63 -1.15 -7.81
C TYR A 91 7.38 -1.18 -9.16
N GLN A 92 8.29 -2.14 -9.27
CA GLN A 92 9.07 -2.29 -10.48
C GLN A 92 8.16 -2.74 -11.63
N ASP A 93 7.23 -3.61 -11.31
CA ASP A 93 6.29 -4.13 -12.30
C ASP A 93 5.28 -3.04 -12.67
N GLU A 94 4.99 -2.20 -11.68
CA GLU A 94 4.05 -1.11 -11.89
C GLU A 94 4.74 0.08 -12.55
N ARG A 95 5.97 0.33 -12.13
CA ARG A 95 6.75 1.43 -12.68
C ARG A 95 6.89 1.27 -14.20
N SER A 96 7.09 0.03 -14.61
CA SER A 96 7.24 -0.27 -16.02
C SER A 96 8.31 0.64 -16.64
N GLY A 97 9.56 0.25 -16.44
CA GLY A 97 10.67 1.02 -16.98
C GLY A 97 12.01 0.52 -16.41
N PRO A 98 13.10 1.13 -16.93
CA PRO A 98 14.44 0.75 -16.49
C PRO A 98 14.74 1.30 -15.09
N SER A 99 14.58 2.61 -14.97
CA SER A 99 14.83 3.27 -13.69
C SER A 99 14.40 4.73 -13.77
N SER A 100 14.36 5.37 -12.61
CA SER A 100 13.97 6.77 -12.54
C SER A 100 14.68 7.57 -13.63
N GLY A 101 14.12 8.74 -13.93
CA GLY A 101 14.70 9.60 -14.95
C GLY A 101 14.13 9.27 -16.32
N GLY A 1 15.20 -46.84 -6.02
CA GLY A 1 14.22 -45.97 -6.65
C GLY A 1 14.00 -44.70 -5.84
N SER A 2 13.27 -43.76 -6.44
CA SER A 2 12.98 -42.50 -5.76
C SER A 2 11.49 -42.42 -5.43
N SER A 3 11.18 -41.51 -4.51
CA SER A 3 9.80 -41.32 -4.10
C SER A 3 9.19 -40.11 -4.81
N GLY A 4 9.74 -38.94 -4.49
CA GLY A 4 9.26 -37.71 -5.10
C GLY A 4 7.97 -37.24 -4.43
N SER A 5 7.99 -35.99 -4.02
CA SER A 5 6.82 -35.39 -3.37
C SER A 5 7.08 -33.92 -3.07
N SER A 6 6.00 -33.17 -2.95
CA SER A 6 6.09 -31.75 -2.66
C SER A 6 4.69 -31.15 -2.52
N GLY A 7 4.51 -30.40 -1.43
CA GLY A 7 3.23 -29.77 -1.16
C GLY A 7 3.32 -28.85 0.05
N LYS A 8 3.69 -27.61 -0.21
CA LYS A 8 3.82 -26.62 0.86
C LYS A 8 2.68 -25.61 0.75
N PRO A 9 1.66 -25.80 1.63
CA PRO A 9 0.51 -24.91 1.65
C PRO A 9 0.87 -23.56 2.28
N GLU A 10 -0.15 -22.73 2.43
CA GLU A 10 0.04 -21.41 3.01
C GLU A 10 -1.32 -20.73 3.23
N PRO A 11 -1.34 -19.79 4.21
CA PRO A 11 -2.55 -19.06 4.54
C PRO A 11 -2.85 -18.00 3.47
N THR A 12 -3.75 -17.10 3.82
CA THR A 12 -4.14 -16.04 2.91
C THR A 12 -4.21 -14.70 3.65
N ASN A 13 -5.15 -14.62 4.58
CA ASN A 13 -5.34 -13.41 5.36
C ASN A 13 -6.56 -13.58 6.26
N SER A 14 -6.72 -12.62 7.17
CA SER A 14 -7.84 -12.65 8.10
C SER A 14 -7.95 -11.30 8.82
N SER A 15 -9.05 -10.62 8.53
CA SER A 15 -9.29 -9.31 9.14
C SER A 15 -8.19 -8.34 8.74
N VAL A 16 -8.57 -7.08 8.63
CA VAL A 16 -7.63 -6.03 8.25
C VAL A 16 -7.90 -4.78 9.10
N GLU A 17 -6.81 -4.15 9.52
CA GLU A 17 -6.92 -2.94 10.33
C GLU A 17 -6.28 -1.75 9.60
N VAL A 18 -6.31 -0.61 10.26
CA VAL A 18 -5.73 0.60 9.69
C VAL A 18 -4.99 1.36 10.79
N SER A 19 -3.72 1.66 10.50
CA SER A 19 -2.90 2.39 11.45
C SER A 19 -3.10 3.89 11.28
N PRO A 20 -2.91 4.63 12.41
CA PRO A 20 -3.07 6.08 12.39
C PRO A 20 -1.89 6.75 11.70
N ASP A 21 -0.81 6.00 11.58
CA ASP A 21 0.40 6.52 10.95
C ASP A 21 0.43 6.07 9.49
N ILE A 22 -0.70 5.55 9.03
CA ILE A 22 -0.81 5.08 7.66
C ILE A 22 -0.19 6.11 6.72
N TYR A 23 -0.31 7.37 7.11
CA TYR A 23 0.24 8.46 6.31
C TYR A 23 1.78 8.40 6.28
N GLN A 24 2.36 8.48 7.47
CA GLN A 24 3.80 8.43 7.58
C GLN A 24 4.34 7.12 6.99
N GLN A 25 3.55 6.07 7.13
CA GLN A 25 3.94 4.77 6.62
C GLN A 25 4.13 4.84 5.10
N VAL A 26 3.16 5.45 4.43
CA VAL A 26 3.21 5.59 2.98
C VAL A 26 4.52 6.28 2.59
N ARG A 27 4.64 7.53 3.04
CA ARG A 27 5.82 8.31 2.73
C ARG A 27 7.09 7.47 2.95
N ASP A 28 7.11 6.77 4.08
CA ASP A 28 8.23 5.93 4.42
C ASP A 28 8.32 4.77 3.42
N GLU A 29 7.16 4.31 2.99
CA GLU A 29 7.08 3.21 2.04
C GLU A 29 7.64 3.65 0.69
N LEU A 30 7.23 4.84 0.27
CA LEU A 30 7.67 5.38 -1.01
C LEU A 30 9.19 5.60 -0.96
N LYS A 31 9.64 6.16 0.15
CA LYS A 31 11.05 6.43 0.34
C LYS A 31 11.81 5.10 0.45
N ARG A 32 11.03 4.04 0.59
CA ARG A 32 11.62 2.71 0.71
C ARG A 32 11.77 2.06 -0.67
N ALA A 33 10.67 2.05 -1.41
CA ALA A 33 10.67 1.47 -2.74
C ALA A 33 11.08 2.54 -3.75
N SER A 34 11.28 3.75 -3.25
CA SER A 34 11.68 4.87 -4.09
C SER A 34 10.76 4.93 -5.32
N VAL A 35 9.47 4.83 -5.06
CA VAL A 35 8.49 4.87 -6.13
C VAL A 35 7.80 6.24 -6.13
N SER A 36 6.89 6.41 -7.07
CA SER A 36 6.17 7.67 -7.19
C SER A 36 4.79 7.54 -6.53
N GLN A 37 4.41 8.59 -5.82
CA GLN A 37 3.13 8.61 -5.14
C GLN A 37 2.04 8.01 -6.03
N ALA A 38 2.26 8.14 -7.34
CA ALA A 38 1.31 7.62 -8.30
C ALA A 38 1.48 6.10 -8.42
N VAL A 39 2.70 5.70 -8.75
CA VAL A 39 3.01 4.29 -8.89
C VAL A 39 2.48 3.52 -7.68
N PHE A 40 2.73 4.09 -6.50
CA PHE A 40 2.29 3.48 -5.27
C PHE A 40 0.76 3.50 -5.16
N ALA A 41 0.22 4.70 -5.11
CA ALA A 41 -1.23 4.87 -5.00
C ALA A 41 -1.91 4.01 -6.08
N ARG A 42 -1.15 3.70 -7.11
CA ARG A 42 -1.67 2.90 -8.20
C ARG A 42 -1.72 1.43 -7.80
N VAL A 43 -0.77 1.03 -6.98
CA VAL A 43 -0.70 -0.35 -6.51
C VAL A 43 -1.22 -0.41 -5.08
N ALA A 44 -1.43 0.76 -4.50
CA ALA A 44 -1.92 0.85 -3.15
C ALA A 44 -3.44 0.66 -3.13
N PHE A 45 -4.12 1.52 -3.89
CA PHE A 45 -5.57 1.44 -3.98
C PHE A 45 -6.04 1.95 -5.35
N ASN A 46 -5.20 1.77 -6.35
CA ASN A 46 -5.53 2.20 -7.70
C ASN A 46 -5.98 3.65 -7.67
N ARG A 47 -5.04 4.53 -7.32
CA ARG A 47 -5.32 5.94 -7.24
C ARG A 47 -4.18 6.75 -7.88
N THR A 48 -4.40 8.06 -7.95
CA THR A 48 -3.40 8.94 -8.53
C THR A 48 -2.57 9.60 -7.44
N GLN A 49 -1.82 10.62 -7.83
CA GLN A 49 -0.98 11.35 -6.90
C GLN A 49 -1.74 12.54 -6.32
N GLY A 50 -2.36 13.31 -7.21
CA GLY A 50 -3.11 14.48 -6.80
C GLY A 50 -4.05 14.15 -5.65
N LEU A 51 -4.42 12.87 -5.57
CA LEU A 51 -5.32 12.42 -4.52
C LEU A 51 -4.49 11.99 -3.30
N LEU A 52 -3.68 10.96 -3.50
CA LEU A 52 -2.84 10.44 -2.43
C LEU A 52 -2.16 11.62 -1.71
N SER A 53 -1.85 12.64 -2.49
CA SER A 53 -1.22 13.83 -1.95
C SER A 53 -2.14 14.50 -0.92
N GLU A 54 -3.32 14.86 -1.40
CA GLU A 54 -4.30 15.51 -0.53
C GLU A 54 -4.53 14.67 0.73
N ILE A 55 -4.37 13.37 0.57
CA ILE A 55 -4.57 12.45 1.68
C ILE A 55 -3.38 12.57 2.64
N LEU A 56 -2.19 12.64 2.06
CA LEU A 56 -0.98 12.76 2.86
C LEU A 56 -0.86 14.19 3.38
N ARG A 57 -1.65 15.07 2.80
CA ARG A 57 -1.65 16.47 3.20
C ARG A 57 -2.67 16.72 4.31
N LYS A 58 -3.86 16.19 4.09
CA LYS A 58 -4.94 16.33 5.05
C LYS A 58 -4.81 15.26 6.13
N GLU A 59 -4.41 14.07 5.68
CA GLU A 59 -4.24 12.95 6.60
C GLU A 59 -5.56 12.64 7.31
N GLU A 60 -6.62 12.60 6.52
CA GLU A 60 -7.95 12.32 7.06
C GLU A 60 -7.89 11.12 8.02
N ASP A 61 -7.95 11.43 9.30
CA ASP A 61 -7.90 10.39 10.32
C ASP A 61 -8.81 9.24 9.91
N PRO A 62 -8.31 7.99 10.12
CA PRO A 62 -9.06 6.81 9.77
C PRO A 62 -10.19 6.56 10.78
N ARG A 63 -10.27 7.45 11.76
CA ARG A 63 -11.29 7.34 12.78
C ARG A 63 -12.51 8.19 12.41
N THR A 64 -12.26 9.24 11.65
CA THR A 64 -13.32 10.13 11.22
C THR A 64 -13.50 10.05 9.70
N ALA A 65 -12.50 9.49 9.04
CA ALA A 65 -12.53 9.35 7.60
C ALA A 65 -13.88 8.76 7.19
N SER A 66 -14.10 8.70 5.88
CA SER A 66 -15.34 8.16 5.34
C SER A 66 -15.04 6.90 4.53
N GLN A 67 -16.05 6.04 4.46
CA GLN A 67 -15.92 4.79 3.73
C GLN A 67 -15.11 5.02 2.44
N SER A 68 -15.43 6.11 1.77
CA SER A 68 -14.74 6.45 0.53
C SER A 68 -13.24 6.45 0.76
N LEU A 69 -12.81 7.26 1.72
CA LEU A 69 -11.39 7.37 2.04
C LEU A 69 -10.93 6.07 2.70
N LEU A 70 -11.66 5.66 3.72
CA LEU A 70 -11.33 4.44 4.45
C LEU A 70 -11.03 3.33 3.44
N VAL A 71 -11.87 3.25 2.41
CA VAL A 71 -11.71 2.24 1.39
C VAL A 71 -10.27 2.27 0.88
N ASN A 72 -9.75 3.48 0.73
CA ASN A 72 -8.39 3.66 0.25
C ASN A 72 -7.40 3.34 1.38
N LEU A 73 -7.71 3.90 2.56
CA LEU A 73 -6.87 3.68 3.72
C LEU A 73 -6.69 2.18 3.94
N ARG A 74 -7.80 1.47 3.94
CA ARG A 74 -7.78 0.04 4.14
C ARG A 74 -6.90 -0.64 3.07
N ALA A 75 -7.13 -0.22 1.82
CA ALA A 75 -6.37 -0.78 0.71
C ALA A 75 -4.88 -0.55 0.96
N MET A 76 -4.53 0.72 1.19
CA MET A 76 -3.15 1.08 1.43
C MET A 76 -2.52 0.17 2.49
N GLN A 77 -3.05 0.27 3.70
CA GLN A 77 -2.54 -0.54 4.81
C GLN A 77 -2.51 -2.01 4.40
N ASN A 78 -3.47 -2.39 3.57
CA ASN A 78 -3.56 -3.77 3.11
C ASN A 78 -2.39 -4.06 2.15
N PHE A 79 -2.05 -3.04 1.37
CA PHE A 79 -0.96 -3.17 0.42
C PHE A 79 0.40 -3.05 1.12
N LEU A 80 0.42 -2.28 2.19
CA LEU A 80 1.63 -2.08 2.95
C LEU A 80 1.94 -3.34 3.77
N ASN A 81 0.93 -4.19 3.88
CA ASN A 81 1.08 -5.43 4.63
C ASN A 81 1.72 -6.48 3.73
N LEU A 82 1.56 -6.28 2.42
CA LEU A 82 2.12 -7.20 1.44
C LEU A 82 3.60 -7.42 1.74
N PRO A 83 4.17 -8.49 1.12
CA PRO A 83 5.57 -8.81 1.31
C PRO A 83 6.46 -7.84 0.53
N GLU A 84 7.52 -7.38 1.21
CA GLU A 84 8.45 -6.46 0.60
C GLU A 84 8.81 -6.92 -0.81
N VAL A 85 9.05 -8.22 -0.93
CA VAL A 85 9.42 -8.80 -2.21
C VAL A 85 8.31 -8.51 -3.22
N GLU A 86 7.08 -8.52 -2.74
CA GLU A 86 5.94 -8.25 -3.60
C GLU A 86 5.91 -6.77 -4.00
N ARG A 87 5.83 -5.92 -2.99
CA ARG A 87 5.79 -4.48 -3.22
C ARG A 87 6.93 -4.07 -4.16
N ASP A 88 8.10 -4.63 -3.91
CA ASP A 88 9.26 -4.32 -4.71
C ASP A 88 8.94 -4.59 -6.19
N ARG A 89 8.38 -5.77 -6.42
CA ARG A 89 8.03 -6.16 -7.77
C ARG A 89 6.83 -5.34 -8.27
N ILE A 90 5.82 -5.25 -7.41
CA ILE A 90 4.63 -4.50 -7.75
C ILE A 90 5.03 -3.12 -8.27
N TYR A 91 5.85 -2.44 -7.48
CA TYR A 91 6.31 -1.11 -7.85
C TYR A 91 7.03 -1.13 -9.20
N GLN A 92 7.84 -2.17 -9.38
CA GLN A 92 8.58 -2.33 -10.62
C GLN A 92 7.62 -2.52 -11.80
N ASP A 93 6.73 -3.49 -11.64
CA ASP A 93 5.76 -3.80 -12.68
C ASP A 93 5.02 -2.52 -13.06
N GLU A 94 4.73 -1.71 -12.06
CA GLU A 94 4.03 -0.46 -12.28
C GLU A 94 4.77 0.39 -13.33
N ARG A 95 6.03 0.65 -13.04
CA ARG A 95 6.86 1.44 -13.94
C ARG A 95 6.87 0.82 -15.34
N SER A 96 7.14 -0.48 -15.37
CA SER A 96 7.19 -1.20 -16.63
C SER A 96 8.24 -0.58 -17.55
N GLY A 97 9.49 -0.93 -17.29
CA GLY A 97 10.59 -0.42 -18.08
C GLY A 97 11.94 -0.76 -17.43
N PRO A 98 13.00 -0.72 -18.28
CA PRO A 98 14.35 -1.02 -17.80
C PRO A 98 14.91 0.15 -16.98
N SER A 99 16.00 -0.14 -16.29
CA SER A 99 16.65 0.87 -15.46
C SER A 99 15.73 1.26 -14.30
N SER A 100 16.25 1.06 -13.09
CA SER A 100 15.49 1.38 -11.89
C SER A 100 16.45 1.62 -10.73
N GLY A 101 17.23 0.60 -10.42
CA GLY A 101 18.19 0.68 -9.34
C GLY A 101 19.60 0.31 -9.81
N GLY A 1 9.67 -50.49 7.61
CA GLY A 1 9.61 -49.50 6.54
C GLY A 1 8.54 -48.45 6.83
N SER A 2 8.90 -47.49 7.67
CA SER A 2 7.99 -46.41 8.03
C SER A 2 8.75 -45.10 8.15
N SER A 3 8.76 -44.35 7.05
CA SER A 3 9.44 -43.07 7.04
C SER A 3 9.24 -42.39 5.67
N GLY A 4 8.60 -41.23 5.72
CA GLY A 4 8.33 -40.49 4.50
C GLY A 4 7.09 -39.60 4.66
N SER A 5 7.34 -38.31 4.79
CA SER A 5 6.27 -37.35 4.96
C SER A 5 6.84 -35.96 5.22
N SER A 6 6.08 -34.95 4.82
CA SER A 6 6.49 -33.57 4.99
C SER A 6 5.49 -32.63 4.32
N GLY A 7 5.06 -31.63 5.09
CA GLY A 7 4.11 -30.66 4.58
C GLY A 7 4.75 -29.28 4.46
N LYS A 8 3.95 -28.32 4.01
CA LYS A 8 4.42 -26.95 3.83
C LYS A 8 3.47 -26.00 4.54
N PRO A 9 4.06 -24.92 5.11
CA PRO A 9 3.26 -23.92 5.82
C PRO A 9 2.52 -23.02 4.84
N GLU A 10 1.89 -21.99 5.38
CA GLU A 10 1.14 -21.05 4.57
C GLU A 10 0.57 -19.93 5.44
N PRO A 11 0.49 -18.72 4.84
CA PRO A 11 -0.05 -17.57 5.54
C PRO A 11 -1.57 -17.65 5.66
N THR A 12 -2.09 -17.01 6.70
CA THR A 12 -3.53 -17.00 6.93
C THR A 12 -3.97 -15.65 7.51
N ASN A 13 -4.99 -15.08 6.88
CA ASN A 13 -5.51 -13.79 7.31
C ASN A 13 -7.04 -13.81 7.21
N SER A 14 -7.66 -12.80 7.81
CA SER A 14 -9.10 -12.69 7.78
C SER A 14 -9.52 -11.24 8.06
N SER A 15 -9.14 -10.77 9.24
CA SER A 15 -9.47 -9.41 9.63
C SER A 15 -8.33 -8.46 9.24
N VAL A 16 -8.70 -7.20 9.04
CA VAL A 16 -7.72 -6.19 8.65
C VAL A 16 -7.95 -4.93 9.48
N GLU A 17 -6.86 -4.27 9.80
CA GLU A 17 -6.93 -3.04 10.59
C GLU A 17 -6.25 -1.90 9.84
N VAL A 18 -6.28 -0.72 10.46
CA VAL A 18 -5.67 0.46 9.87
C VAL A 18 -4.93 1.23 10.95
N SER A 19 -3.71 1.64 10.62
CA SER A 19 -2.89 2.39 11.55
C SER A 19 -3.06 3.89 11.31
N PRO A 20 -2.90 4.68 12.41
CA PRO A 20 -3.04 6.12 12.32
C PRO A 20 -1.81 6.75 11.66
N ASP A 21 -0.75 5.95 11.56
CA ASP A 21 0.48 6.41 10.95
C ASP A 21 0.54 5.94 9.49
N ILE A 22 -0.59 5.41 9.04
CA ILE A 22 -0.69 4.92 7.67
C ILE A 22 -0.02 5.92 6.73
N TYR A 23 -0.12 7.18 7.08
CA TYR A 23 0.47 8.24 6.28
C TYR A 23 2.00 8.13 6.27
N GLN A 24 2.57 8.18 7.47
CA GLN A 24 4.01 8.09 7.61
C GLN A 24 4.53 6.80 6.98
N GLN A 25 3.68 5.78 7.00
CA GLN A 25 4.04 4.50 6.42
C GLN A 25 4.23 4.63 4.91
N VAL A 26 3.26 5.26 4.27
CA VAL A 26 3.31 5.47 2.84
C VAL A 26 4.59 6.22 2.48
N ARG A 27 4.67 7.44 2.99
CA ARG A 27 5.83 8.28 2.72
C ARG A 27 7.12 7.46 2.86
N ASP A 28 7.16 6.64 3.91
CA ASP A 28 8.32 5.81 4.15
C ASP A 28 8.39 4.70 3.09
N GLU A 29 7.22 4.19 2.76
CA GLU A 29 7.13 3.12 1.77
C GLU A 29 7.61 3.62 0.41
N LEU A 30 7.12 4.80 0.03
CA LEU A 30 7.49 5.39 -1.25
C LEU A 30 9.00 5.62 -1.26
N LYS A 31 9.50 6.19 -0.18
CA LYS A 31 10.92 6.47 -0.06
C LYS A 31 11.69 5.15 0.01
N ARG A 32 10.94 4.07 0.17
CA ARG A 32 11.54 2.75 0.24
C ARG A 32 11.63 2.12 -1.15
N ALA A 33 10.50 2.12 -1.83
CA ALA A 33 10.45 1.56 -3.17
C ALA A 33 10.85 2.63 -4.19
N SER A 34 11.03 3.84 -3.68
CA SER A 34 11.43 4.95 -4.53
C SER A 34 10.46 5.09 -5.70
N VAL A 35 9.17 4.95 -5.39
CA VAL A 35 8.14 5.06 -6.40
C VAL A 35 7.41 6.39 -6.25
N SER A 36 6.60 6.71 -7.25
CA SER A 36 5.85 7.95 -7.24
C SER A 36 4.53 7.76 -6.50
N GLN A 37 4.09 8.82 -5.83
CA GLN A 37 2.85 8.77 -5.08
C GLN A 37 1.73 8.17 -5.93
N ALA A 38 1.93 8.27 -7.24
CA ALA A 38 0.95 7.74 -8.18
C ALA A 38 1.16 6.24 -8.35
N VAL A 39 2.35 5.89 -8.82
CA VAL A 39 2.69 4.49 -9.03
C VAL A 39 2.15 3.66 -7.87
N PHE A 40 2.38 4.16 -6.66
CA PHE A 40 1.92 3.46 -5.46
C PHE A 40 0.40 3.47 -5.38
N ALA A 41 -0.15 4.67 -5.28
CA ALA A 41 -1.60 4.83 -5.20
C ALA A 41 -2.27 3.82 -6.12
N ARG A 42 -1.58 3.50 -7.21
CA ARG A 42 -2.10 2.55 -8.18
C ARG A 42 -2.04 1.13 -7.61
N VAL A 43 -0.86 0.75 -7.16
CA VAL A 43 -0.65 -0.56 -6.60
C VAL A 43 -1.07 -0.55 -5.13
N ALA A 44 -1.64 0.57 -4.71
CA ALA A 44 -2.08 0.72 -3.33
C ALA A 44 -3.60 0.56 -3.27
N PHE A 45 -4.29 1.40 -4.04
CA PHE A 45 -5.74 1.35 -4.09
C PHE A 45 -6.27 1.87 -5.43
N ASN A 46 -5.47 1.64 -6.46
CA ASN A 46 -5.84 2.07 -7.80
C ASN A 46 -6.23 3.55 -7.77
N ARG A 47 -5.24 4.38 -7.46
CA ARG A 47 -5.46 5.81 -7.38
C ARG A 47 -4.29 6.56 -8.03
N THR A 48 -4.38 7.89 -7.99
CA THR A 48 -3.35 8.73 -8.56
C THR A 48 -2.47 9.32 -7.45
N GLN A 49 -1.93 10.49 -7.74
CA GLN A 49 -1.08 11.18 -6.79
C GLN A 49 -1.83 12.35 -6.14
N GLY A 50 -2.39 13.18 -6.99
CA GLY A 50 -3.14 14.35 -6.52
C GLY A 50 -4.01 13.98 -5.31
N LEU A 51 -4.43 12.73 -5.29
CA LEU A 51 -5.26 12.25 -4.20
C LEU A 51 -4.37 11.82 -3.03
N LEU A 52 -3.64 10.73 -3.27
CA LEU A 52 -2.74 10.21 -2.24
C LEU A 52 -2.04 11.38 -1.55
N SER A 53 -1.85 12.45 -2.30
CA SER A 53 -1.19 13.63 -1.77
C SER A 53 -2.04 14.26 -0.66
N GLU A 54 -3.31 14.50 -1.00
CA GLU A 54 -4.23 15.09 -0.04
C GLU A 54 -4.36 14.21 1.20
N ILE A 55 -4.31 12.90 0.96
CA ILE A 55 -4.42 11.93 2.04
C ILE A 55 -3.15 12.01 2.90
N LEU A 56 -2.13 12.65 2.35
CA LEU A 56 -0.87 12.78 3.06
C LEU A 56 -0.73 14.22 3.57
N ARG A 57 -1.58 15.09 3.03
CA ARG A 57 -1.55 16.48 3.42
C ARG A 57 -2.52 16.72 4.58
N LYS A 58 -3.77 16.34 4.36
CA LYS A 58 -4.80 16.51 5.38
C LYS A 58 -4.75 15.33 6.34
N GLU A 59 -4.27 14.21 5.83
CA GLU A 59 -4.17 13.00 6.63
C GLU A 59 -5.50 12.69 7.31
N GLU A 60 -6.55 12.65 6.50
CA GLU A 60 -7.88 12.37 7.01
C GLU A 60 -7.84 11.17 7.95
N ASP A 61 -7.94 11.48 9.24
CA ASP A 61 -7.93 10.43 10.26
C ASP A 61 -8.81 9.27 9.80
N PRO A 62 -8.28 8.03 10.00
CA PRO A 62 -9.01 6.84 9.62
C PRO A 62 -10.13 6.55 10.60
N ARG A 63 -10.26 7.42 11.59
CA ARG A 63 -11.29 7.26 12.61
C ARG A 63 -12.55 8.01 12.19
N THR A 64 -12.34 9.13 11.51
CA THR A 64 -13.46 9.95 11.06
C THR A 64 -13.52 9.95 9.53
N ALA A 65 -12.40 9.59 8.91
CA ALA A 65 -12.31 9.55 7.47
C ALA A 65 -13.61 8.96 6.90
N SER A 66 -14.00 9.48 5.74
CA SER A 66 -15.21 9.01 5.09
C SER A 66 -14.97 7.65 4.44
N GLN A 67 -16.02 6.84 4.43
CA GLN A 67 -15.92 5.51 3.84
C GLN A 67 -15.13 5.57 2.52
N SER A 68 -15.47 6.57 1.71
CA SER A 68 -14.81 6.74 0.43
C SER A 68 -13.29 6.75 0.63
N LEU A 69 -12.86 7.49 1.64
CA LEU A 69 -11.45 7.60 1.94
C LEU A 69 -10.97 6.31 2.60
N LEU A 70 -11.65 5.96 3.69
CA LEU A 70 -11.30 4.76 4.43
C LEU A 70 -11.07 3.61 3.45
N VAL A 71 -11.97 3.51 2.48
CA VAL A 71 -11.87 2.47 1.47
C VAL A 71 -10.44 2.44 0.91
N ASN A 72 -9.90 3.63 0.71
CA ASN A 72 -8.55 3.75 0.18
C ASN A 72 -7.54 3.44 1.29
N LEU A 73 -7.75 4.07 2.44
CA LEU A 73 -6.88 3.86 3.57
C LEU A 73 -6.72 2.36 3.83
N ARG A 74 -7.87 1.70 3.93
CA ARG A 74 -7.87 0.26 4.17
C ARG A 74 -7.11 -0.47 3.07
N ALA A 75 -7.38 -0.06 1.84
CA ALA A 75 -6.73 -0.67 0.69
C ALA A 75 -5.22 -0.54 0.84
N MET A 76 -4.78 0.68 1.11
CA MET A 76 -3.36 0.96 1.27
C MET A 76 -2.75 0.02 2.33
N GLN A 77 -3.26 0.13 3.54
CA GLN A 77 -2.78 -0.70 4.63
C GLN A 77 -2.70 -2.16 4.20
N ASN A 78 -3.60 -2.53 3.31
CA ASN A 78 -3.65 -3.89 2.80
C ASN A 78 -2.43 -4.14 1.91
N PHE A 79 -2.04 -3.10 1.19
CA PHE A 79 -0.90 -3.20 0.29
C PHE A 79 0.41 -3.12 1.07
N LEU A 80 0.41 -2.29 2.10
CA LEU A 80 1.58 -2.13 2.94
C LEU A 80 1.84 -3.41 3.73
N ASN A 81 0.82 -4.26 3.75
CA ASN A 81 0.91 -5.52 4.47
C ASN A 81 1.67 -6.53 3.61
N LEU A 82 1.52 -6.38 2.30
CA LEU A 82 2.19 -7.28 1.36
C LEU A 82 3.66 -7.42 1.75
N PRO A 83 4.31 -8.46 1.19
CA PRO A 83 5.72 -8.71 1.47
C PRO A 83 6.61 -7.71 0.73
N GLU A 84 7.55 -7.15 1.46
CA GLU A 84 8.47 -6.17 0.89
C GLU A 84 8.98 -6.68 -0.47
N VAL A 85 9.29 -7.96 -0.51
CA VAL A 85 9.79 -8.56 -1.73
C VAL A 85 8.77 -8.38 -2.85
N GLU A 86 7.50 -8.49 -2.47
CA GLU A 86 6.42 -8.33 -3.42
C GLU A 86 6.31 -6.86 -3.87
N ARG A 87 6.11 -6.00 -2.89
CA ARG A 87 5.98 -4.58 -3.16
C ARG A 87 7.14 -4.11 -4.06
N ASP A 88 8.34 -4.50 -3.66
CA ASP A 88 9.53 -4.13 -4.42
C ASP A 88 9.31 -4.47 -5.90
N ARG A 89 8.82 -5.67 -6.13
CA ARG A 89 8.57 -6.14 -7.49
C ARG A 89 7.38 -5.39 -8.09
N ILE A 90 6.30 -5.32 -7.31
CA ILE A 90 5.10 -4.65 -7.75
C ILE A 90 5.47 -3.27 -8.32
N TYR A 91 6.18 -2.50 -7.51
CA TYR A 91 6.60 -1.17 -7.92
C TYR A 91 7.39 -1.23 -9.23
N GLN A 92 8.28 -2.22 -9.30
CA GLN A 92 9.11 -2.39 -10.48
C GLN A 92 8.24 -2.76 -11.69
N ASP A 93 7.37 -3.74 -11.47
CA ASP A 93 6.49 -4.19 -12.53
C ASP A 93 5.44 -3.11 -12.80
N GLU A 94 5.23 -2.26 -11.81
CA GLU A 94 4.26 -1.19 -11.93
C GLU A 94 4.89 0.01 -12.65
N ARG A 95 6.12 0.32 -12.26
CA ARG A 95 6.83 1.43 -12.85
C ARG A 95 6.69 1.41 -14.37
N SER A 96 6.82 0.21 -14.92
CA SER A 96 6.70 0.03 -16.36
C SER A 96 7.84 0.77 -17.06
N GLY A 97 9.03 0.21 -16.95
CA GLY A 97 10.21 0.80 -17.57
C GLY A 97 11.31 1.07 -16.54
N PRO A 98 12.56 1.08 -17.04
CA PRO A 98 13.71 1.32 -16.17
C PRO A 98 13.80 2.78 -15.77
N SER A 99 14.75 3.07 -14.89
CA SER A 99 14.95 4.42 -14.42
C SER A 99 13.68 4.95 -13.77
N SER A 100 13.87 5.91 -12.87
CA SER A 100 12.74 6.50 -12.17
C SER A 100 12.53 7.94 -12.65
N GLY A 101 11.27 8.37 -12.61
CA GLY A 101 10.92 9.71 -13.03
C GLY A 101 9.49 9.76 -13.58
N GLY A 1 20.38 -20.49 23.79
CA GLY A 1 19.82 -21.23 22.67
C GLY A 1 19.63 -20.31 21.46
N SER A 2 19.10 -20.91 20.39
CA SER A 2 18.86 -20.16 19.17
C SER A 2 18.25 -21.07 18.11
N SER A 3 17.77 -20.45 17.03
CA SER A 3 17.17 -21.20 15.95
C SER A 3 15.96 -21.99 16.46
N GLY A 4 15.07 -22.31 15.54
CA GLY A 4 13.88 -23.07 15.89
C GLY A 4 12.62 -22.19 15.75
N SER A 5 12.08 -22.17 14.53
CA SER A 5 10.89 -21.40 14.27
C SER A 5 10.27 -21.81 12.93
N SER A 6 8.96 -21.91 12.93
CA SER A 6 8.24 -22.30 11.73
C SER A 6 6.74 -22.38 12.01
N GLY A 7 5.95 -22.17 10.97
CA GLY A 7 4.51 -22.22 11.10
C GLY A 7 3.95 -20.86 11.50
N LYS A 8 3.28 -20.22 10.54
CA LYS A 8 2.69 -18.91 10.78
C LYS A 8 1.46 -18.74 9.89
N PRO A 9 0.28 -18.80 10.54
CA PRO A 9 -0.98 -18.65 9.82
C PRO A 9 -1.22 -17.19 9.43
N GLU A 10 -2.29 -16.99 8.68
CA GLU A 10 -2.64 -15.65 8.23
C GLU A 10 -4.08 -15.62 7.71
N PRO A 11 -4.70 -14.41 7.80
CA PRO A 11 -6.06 -14.24 7.34
C PRO A 11 -6.14 -14.20 5.81
N THR A 12 -7.33 -13.92 5.31
CA THR A 12 -7.54 -13.86 3.88
C THR A 12 -7.92 -12.44 3.46
N ASN A 13 -9.12 -12.04 3.84
CA ASN A 13 -9.62 -10.71 3.51
C ASN A 13 -10.98 -10.50 4.18
N SER A 14 -11.08 -9.41 4.91
CA SER A 14 -12.32 -9.08 5.59
C SER A 14 -12.17 -7.73 6.31
N SER A 15 -12.33 -6.67 5.54
CA SER A 15 -12.22 -5.33 6.09
C SER A 15 -11.07 -5.26 7.09
N VAL A 16 -9.86 -5.12 6.57
CA VAL A 16 -8.68 -5.05 7.41
C VAL A 16 -8.71 -3.75 8.21
N GLU A 17 -7.72 -3.60 9.08
CA GLU A 17 -7.62 -2.41 9.91
C GLU A 17 -6.68 -1.40 9.27
N VAL A 18 -6.63 -0.22 9.87
CA VAL A 18 -5.77 0.85 9.37
C VAL A 18 -5.03 1.49 10.54
N SER A 19 -3.76 1.78 10.32
CA SER A 19 -2.94 2.40 11.34
C SER A 19 -3.06 3.91 11.26
N PRO A 20 -2.81 4.58 12.41
CA PRO A 20 -2.88 6.03 12.49
C PRO A 20 -1.66 6.66 11.81
N ASP A 21 -0.65 5.84 11.60
CA ASP A 21 0.58 6.31 10.96
C ASP A 21 0.62 5.83 9.51
N ILE A 22 -0.55 5.44 9.02
CA ILE A 22 -0.66 4.97 7.65
C ILE A 22 -0.03 5.99 6.71
N TYR A 23 -0.22 7.26 7.05
CA TYR A 23 0.33 8.34 6.24
C TYR A 23 1.85 8.25 6.16
N GLN A 24 2.47 8.24 7.33
CA GLN A 24 3.92 8.16 7.41
C GLN A 24 4.43 6.88 6.74
N GLN A 25 3.62 5.83 6.86
CA GLN A 25 3.97 4.55 6.27
C GLN A 25 4.14 4.70 4.76
N VAL A 26 3.16 5.36 4.15
CA VAL A 26 3.19 5.56 2.71
C VAL A 26 4.49 6.28 2.33
N ARG A 27 4.60 7.51 2.80
CA ARG A 27 5.79 8.31 2.51
C ARG A 27 7.05 7.46 2.63
N ASP A 28 7.27 6.94 3.82
CA ASP A 28 8.43 6.10 4.08
C ASP A 28 8.50 4.99 3.04
N GLU A 29 7.35 4.38 2.79
CA GLU A 29 7.26 3.32 1.80
C GLU A 29 7.78 3.80 0.45
N LEU A 30 7.25 4.93 0.01
CA LEU A 30 7.66 5.50 -1.26
C LEU A 30 9.17 5.73 -1.26
N LYS A 31 9.64 6.32 -0.16
CA LYS A 31 11.07 6.60 -0.03
C LYS A 31 11.83 5.29 0.06
N ARG A 32 11.08 4.20 0.22
CA ARG A 32 11.67 2.89 0.33
C ARG A 32 11.77 2.24 -1.06
N ALA A 33 10.63 2.20 -1.73
CA ALA A 33 10.57 1.61 -3.06
C ALA A 33 10.95 2.67 -4.09
N SER A 34 11.14 3.89 -3.61
CA SER A 34 11.51 4.99 -4.48
C SER A 34 10.55 5.07 -5.67
N VAL A 35 9.27 4.93 -5.36
CA VAL A 35 8.24 4.98 -6.39
C VAL A 35 7.53 6.33 -6.32
N SER A 36 6.71 6.60 -7.33
CA SER A 36 5.98 7.83 -7.39
C SER A 36 4.64 7.68 -6.67
N GLN A 37 4.27 8.73 -5.94
CA GLN A 37 3.02 8.73 -5.19
C GLN A 37 1.91 8.08 -6.03
N ALA A 38 1.99 8.31 -7.33
CA ALA A 38 1.00 7.76 -8.24
C ALA A 38 1.19 6.24 -8.36
N VAL A 39 2.37 5.87 -8.82
CA VAL A 39 2.70 4.45 -8.97
C VAL A 39 2.17 3.67 -7.77
N PHE A 40 2.48 4.19 -6.59
CA PHE A 40 2.05 3.56 -5.36
C PHE A 40 0.52 3.60 -5.23
N ALA A 41 0.00 4.81 -5.15
CA ALA A 41 -1.44 5.01 -5.03
C ALA A 41 -2.15 4.12 -6.06
N ARG A 42 -1.44 3.82 -7.13
CA ARG A 42 -2.00 2.99 -8.19
C ARG A 42 -1.94 1.52 -7.79
N VAL A 43 -0.85 1.17 -7.11
CA VAL A 43 -0.66 -0.20 -6.66
C VAL A 43 -1.05 -0.32 -5.19
N ALA A 44 -1.62 0.77 -4.68
CA ALA A 44 -2.04 0.80 -3.29
C ALA A 44 -3.56 0.63 -3.22
N PHE A 45 -4.26 1.52 -3.90
CA PHE A 45 -5.71 1.47 -3.93
C PHE A 45 -6.26 1.91 -5.29
N ASN A 46 -5.39 1.81 -6.29
CA ASN A 46 -5.77 2.19 -7.65
C ASN A 46 -6.24 3.65 -7.65
N ARG A 47 -5.32 4.53 -7.34
CA ARG A 47 -5.62 5.95 -7.31
C ARG A 47 -4.53 6.76 -8.02
N THR A 48 -4.65 8.08 -7.93
CA THR A 48 -3.69 8.95 -8.56
C THR A 48 -2.73 9.55 -7.51
N GLN A 49 -2.16 10.68 -7.86
CA GLN A 49 -1.22 11.36 -6.97
C GLN A 49 -1.94 12.50 -6.23
N GLY A 50 -2.52 13.39 -7.01
CA GLY A 50 -3.22 14.54 -6.46
C GLY A 50 -4.11 14.11 -5.28
N LEU A 51 -4.66 12.91 -5.40
CA LEU A 51 -5.52 12.37 -4.36
C LEU A 51 -4.67 11.93 -3.17
N LEU A 52 -3.83 10.93 -3.42
CA LEU A 52 -2.96 10.41 -2.38
C LEU A 52 -2.35 11.57 -1.61
N SER A 53 -1.83 12.52 -2.36
CA SER A 53 -1.21 13.70 -1.75
C SER A 53 -2.14 14.30 -0.70
N GLU A 54 -3.39 14.49 -1.10
CA GLU A 54 -4.38 15.06 -0.21
C GLU A 54 -4.58 14.15 1.01
N ILE A 55 -4.34 12.86 0.79
CA ILE A 55 -4.49 11.88 1.85
C ILE A 55 -3.30 11.97 2.80
N LEU A 56 -2.22 12.56 2.30
CA LEU A 56 -1.02 12.72 3.08
C LEU A 56 -0.93 14.16 3.60
N ARG A 57 -1.72 15.02 2.99
CA ARG A 57 -1.75 16.42 3.37
C ARG A 57 -2.70 16.64 4.54
N LYS A 58 -3.96 16.30 4.32
CA LYS A 58 -4.97 16.45 5.36
C LYS A 58 -4.86 15.29 6.34
N GLU A 59 -4.32 14.18 5.84
CA GLU A 59 -4.16 12.99 6.66
C GLU A 59 -5.46 12.66 7.38
N GLU A 60 -6.54 12.65 6.61
CA GLU A 60 -7.85 12.34 7.16
C GLU A 60 -7.78 11.11 8.06
N ASP A 61 -7.82 11.35 9.35
CA ASP A 61 -7.76 10.27 10.32
C ASP A 61 -8.67 9.14 9.88
N PRO A 62 -8.17 7.89 10.06
CA PRO A 62 -8.92 6.70 9.67
C PRO A 62 -10.05 6.44 10.67
N ARG A 63 -10.14 7.30 11.67
CA ARG A 63 -11.17 7.16 12.69
C ARG A 63 -12.45 7.89 12.25
N THR A 64 -12.25 8.99 11.56
CA THR A 64 -13.37 9.80 11.08
C THR A 64 -13.44 9.76 9.56
N ALA A 65 -12.31 9.43 8.95
CA ALA A 65 -12.23 9.35 7.50
C ALA A 65 -13.51 8.72 6.96
N SER A 66 -13.97 9.25 5.84
CA SER A 66 -15.18 8.75 5.21
C SER A 66 -14.89 7.42 4.50
N GLN A 67 -15.92 6.60 4.41
CA GLN A 67 -15.79 5.30 3.77
C GLN A 67 -14.99 5.44 2.47
N SER A 68 -15.33 6.47 1.71
CA SER A 68 -14.66 6.71 0.44
C SER A 68 -13.14 6.69 0.64
N LEU A 69 -12.70 7.39 1.67
CA LEU A 69 -11.28 7.47 1.98
C LEU A 69 -10.84 6.15 2.62
N LEU A 70 -11.54 5.78 3.68
CA LEU A 70 -11.23 4.55 4.39
C LEU A 70 -10.99 3.43 3.38
N VAL A 71 -11.83 3.40 2.37
CA VAL A 71 -11.72 2.39 1.32
C VAL A 71 -10.29 2.37 0.79
N ASN A 72 -9.74 3.57 0.59
CA ASN A 72 -8.39 3.70 0.10
C ASN A 72 -7.40 3.34 1.20
N LEU A 73 -7.65 3.89 2.38
CA LEU A 73 -6.79 3.64 3.52
C LEU A 73 -6.65 2.12 3.71
N ARG A 74 -7.78 1.46 3.76
CA ARG A 74 -7.80 0.01 3.94
C ARG A 74 -6.92 -0.67 2.89
N ALA A 75 -7.12 -0.26 1.64
CA ALA A 75 -6.35 -0.82 0.54
C ALA A 75 -4.86 -0.58 0.80
N MET A 76 -4.52 0.66 1.10
CA MET A 76 -3.14 1.03 1.37
C MET A 76 -2.54 0.10 2.44
N GLN A 77 -3.10 0.19 3.63
CA GLN A 77 -2.63 -0.63 4.73
C GLN A 77 -2.57 -2.10 4.33
N ASN A 78 -3.49 -2.47 3.44
CA ASN A 78 -3.54 -3.84 2.97
C ASN A 78 -2.35 -4.11 2.04
N PHE A 79 -2.04 -3.09 1.24
CA PHE A 79 -0.93 -3.21 0.31
C PHE A 79 0.41 -3.12 1.04
N LEU A 80 0.42 -2.33 2.10
CA LEU A 80 1.62 -2.13 2.88
C LEU A 80 1.86 -3.37 3.76
N ASN A 81 0.80 -4.15 3.92
CA ASN A 81 0.87 -5.36 4.72
C ASN A 81 1.52 -6.47 3.90
N LEU A 82 1.52 -6.27 2.59
CA LEU A 82 2.11 -7.25 1.67
C LEU A 82 3.60 -7.39 1.98
N PRO A 83 4.19 -8.51 1.48
CA PRO A 83 5.60 -8.77 1.69
C PRO A 83 6.46 -7.88 0.79
N GLU A 84 7.53 -7.36 1.37
CA GLU A 84 8.43 -6.50 0.64
C GLU A 84 8.64 -7.02 -0.77
N VAL A 85 8.87 -8.32 -0.87
CA VAL A 85 9.10 -8.96 -2.16
C VAL A 85 7.97 -8.56 -3.10
N GLU A 86 6.75 -8.57 -2.58
CA GLU A 86 5.58 -8.21 -3.36
C GLU A 86 5.64 -6.74 -3.76
N ARG A 87 5.65 -5.88 -2.74
CA ARG A 87 5.70 -4.45 -2.97
C ARG A 87 6.89 -4.10 -3.88
N ASP A 88 8.04 -4.67 -3.55
CA ASP A 88 9.24 -4.43 -4.32
C ASP A 88 8.95 -4.66 -5.80
N ARG A 89 8.43 -5.84 -6.10
CA ARG A 89 8.11 -6.18 -7.47
C ARG A 89 6.93 -5.34 -7.97
N ILE A 90 5.89 -5.29 -7.15
CA ILE A 90 4.71 -4.53 -7.49
C ILE A 90 5.12 -3.15 -8.01
N TYR A 91 5.93 -2.47 -7.21
CA TYR A 91 6.41 -1.15 -7.58
C TYR A 91 7.13 -1.18 -8.94
N GLN A 92 8.03 -2.14 -9.06
CA GLN A 92 8.80 -2.28 -10.29
C GLN A 92 7.85 -2.47 -11.48
N ASP A 93 7.08 -3.55 -11.42
CA ASP A 93 6.13 -3.87 -12.47
C ASP A 93 5.48 -2.57 -12.95
N GLU A 94 4.93 -1.84 -11.99
CA GLU A 94 4.27 -0.59 -12.29
C GLU A 94 5.10 0.23 -13.28
N ARG A 95 6.25 0.69 -12.81
CA ARG A 95 7.14 1.48 -13.64
C ARG A 95 7.51 0.71 -14.91
N SER A 96 7.99 -0.52 -14.71
CA SER A 96 8.38 -1.36 -15.83
C SER A 96 9.51 -0.70 -16.61
N GLY A 97 10.72 -1.12 -16.31
CA GLY A 97 11.90 -0.59 -16.98
C GLY A 97 13.07 -1.57 -16.91
N PRO A 98 14.01 -1.40 -17.88
CA PRO A 98 15.18 -2.27 -17.94
C PRO A 98 16.18 -1.92 -16.84
N SER A 99 16.17 -2.73 -15.80
CA SER A 99 17.08 -2.53 -14.68
C SER A 99 16.79 -1.17 -14.02
N SER A 100 16.59 -1.21 -12.72
CA SER A 100 16.30 0.00 -11.96
C SER A 100 16.43 -0.29 -10.46
N GLY A 101 15.59 -1.20 -9.99
CA GLY A 101 15.60 -1.56 -8.58
C GLY A 101 15.62 -0.31 -7.70
N GLY A 1 18.25 -20.68 -19.95
CA GLY A 1 17.01 -21.08 -19.32
C GLY A 1 17.08 -20.89 -17.81
N SER A 2 15.95 -20.46 -17.24
CA SER A 2 15.88 -20.23 -15.81
C SER A 2 14.41 -20.14 -15.38
N SER A 3 14.18 -20.49 -14.12
CA SER A 3 12.84 -20.46 -13.57
C SER A 3 12.87 -20.90 -12.10
N GLY A 4 11.86 -20.45 -11.37
CA GLY A 4 11.76 -20.77 -9.95
C GLY A 4 11.08 -19.64 -9.18
N SER A 5 10.50 -20.01 -8.04
CA SER A 5 9.82 -19.03 -7.20
C SER A 5 9.28 -19.71 -5.95
N SER A 6 8.90 -18.89 -4.98
CA SER A 6 8.35 -19.41 -3.73
C SER A 6 7.90 -18.24 -2.85
N GLY A 7 6.68 -18.38 -2.33
CA GLY A 7 6.12 -17.35 -1.47
C GLY A 7 4.60 -17.35 -1.55
N LYS A 8 3.97 -18.04 -0.61
CA LYS A 8 2.53 -18.12 -0.56
C LYS A 8 1.97 -16.96 0.26
N PRO A 9 1.25 -16.05 -0.44
CA PRO A 9 0.67 -14.89 0.22
C PRO A 9 -0.56 -15.29 1.04
N GLU A 10 -1.28 -14.28 1.49
CA GLU A 10 -2.48 -14.50 2.29
C GLU A 10 -3.71 -13.93 1.58
N PRO A 11 -4.48 -14.84 0.93
CA PRO A 11 -5.68 -14.45 0.21
C PRO A 11 -6.82 -14.13 1.19
N THR A 12 -7.94 -13.71 0.62
CA THR A 12 -9.10 -13.38 1.43
C THR A 12 -8.74 -12.32 2.48
N ASN A 13 -9.78 -11.73 3.06
CA ASN A 13 -9.59 -10.72 4.07
C ASN A 13 -10.91 -10.45 4.79
N SER A 14 -10.82 -9.76 5.91
CA SER A 14 -12.00 -9.44 6.70
C SER A 14 -11.81 -8.09 7.40
N SER A 15 -12.03 -7.03 6.64
CA SER A 15 -11.89 -5.68 7.17
C SER A 15 -10.66 -5.61 8.08
N VAL A 16 -9.51 -5.40 7.44
CA VAL A 16 -8.26 -5.31 8.17
C VAL A 16 -8.20 -3.96 8.89
N GLU A 17 -7.36 -3.92 9.91
CA GLU A 17 -7.19 -2.69 10.69
C GLU A 17 -6.24 -1.74 9.99
N VAL A 18 -6.54 -0.45 10.10
CA VAL A 18 -5.72 0.57 9.48
C VAL A 18 -5.00 1.37 10.57
N SER A 19 -3.68 1.37 10.48
CA SER A 19 -2.87 2.09 11.46
C SER A 19 -3.04 3.60 11.26
N PRO A 20 -2.83 4.35 12.37
CA PRO A 20 -2.95 5.80 12.33
C PRO A 20 -1.75 6.44 11.63
N ASP A 21 -0.67 5.68 11.57
CA ASP A 21 0.54 6.15 10.93
C ASP A 21 0.54 5.72 9.46
N ILE A 22 -0.61 5.27 9.01
CA ILE A 22 -0.77 4.83 7.63
C ILE A 22 -0.13 5.86 6.70
N TYR A 23 -0.27 7.12 7.09
CA TYR A 23 0.28 8.21 6.29
C TYR A 23 1.81 8.15 6.27
N GLN A 24 2.39 8.27 7.44
CA GLN A 24 3.83 8.24 7.58
C GLN A 24 4.39 6.95 6.96
N GLN A 25 3.58 5.90 7.03
CA GLN A 25 3.97 4.62 6.48
C GLN A 25 4.16 4.71 4.97
N VAL A 26 3.15 5.25 4.31
CA VAL A 26 3.19 5.40 2.86
C VAL A 26 4.46 6.17 2.48
N ARG A 27 4.56 7.39 2.97
CA ARG A 27 5.70 8.22 2.69
C ARG A 27 7.00 7.42 2.81
N ASP A 28 7.20 6.85 3.99
CA ASP A 28 8.39 6.06 4.24
C ASP A 28 8.46 4.92 3.22
N GLU A 29 7.29 4.47 2.79
CA GLU A 29 7.20 3.41 1.82
C GLU A 29 7.71 3.88 0.45
N LEU A 30 7.24 5.05 0.06
CA LEU A 30 7.63 5.62 -1.22
C LEU A 30 9.15 5.86 -1.22
N LYS A 31 9.64 6.35 -0.09
CA LYS A 31 11.06 6.62 0.05
C LYS A 31 11.82 5.30 0.13
N ARG A 32 11.06 4.22 0.27
CA ARG A 32 11.65 2.90 0.37
C ARG A 32 11.78 2.28 -1.04
N ALA A 33 10.66 2.30 -1.76
CA ALA A 33 10.64 1.74 -3.11
C ALA A 33 10.99 2.84 -4.11
N SER A 34 11.12 4.06 -3.59
CA SER A 34 11.44 5.20 -4.43
C SER A 34 10.45 5.28 -5.60
N VAL A 35 9.19 5.03 -5.28
CA VAL A 35 8.14 5.08 -6.29
C VAL A 35 7.33 6.37 -6.13
N SER A 36 6.68 6.75 -7.22
CA SER A 36 5.87 7.96 -7.20
C SER A 36 4.51 7.68 -6.56
N GLN A 37 4.06 8.64 -5.76
CA GLN A 37 2.78 8.50 -5.09
C GLN A 37 1.75 7.85 -6.02
N ALA A 38 1.86 8.19 -7.30
CA ALA A 38 0.95 7.66 -8.30
C ALA A 38 1.15 6.14 -8.40
N VAL A 39 2.36 5.77 -8.81
CA VAL A 39 2.69 4.35 -8.97
C VAL A 39 2.18 3.59 -7.75
N PHE A 40 2.47 4.13 -6.57
CA PHE A 40 2.04 3.49 -5.34
C PHE A 40 0.52 3.55 -5.19
N ALA A 41 0.01 4.77 -5.10
CA ALA A 41 -1.42 4.96 -4.96
C ALA A 41 -2.16 4.12 -6.00
N ARG A 42 -1.47 3.85 -7.10
CA ARG A 42 -2.04 3.06 -8.16
C ARG A 42 -1.98 1.57 -7.81
N VAL A 43 -0.92 1.20 -7.12
CA VAL A 43 -0.74 -0.18 -6.71
C VAL A 43 -1.11 -0.33 -5.24
N ALA A 44 -1.67 0.75 -4.70
CA ALA A 44 -2.08 0.75 -3.30
C ALA A 44 -3.60 0.58 -3.22
N PHE A 45 -4.30 1.49 -3.87
CA PHE A 45 -5.75 1.44 -3.89
C PHE A 45 -6.30 1.85 -5.26
N ASN A 46 -5.43 1.79 -6.26
CA ASN A 46 -5.82 2.15 -7.61
C ASN A 46 -6.28 3.61 -7.63
N ARG A 47 -5.34 4.50 -7.34
CA ARG A 47 -5.63 5.93 -7.32
C ARG A 47 -4.52 6.72 -8.01
N THR A 48 -4.65 8.03 -7.96
CA THR A 48 -3.66 8.90 -8.58
C THR A 48 -2.71 9.46 -7.52
N GLN A 49 -1.98 10.49 -7.91
CA GLN A 49 -1.03 11.13 -7.01
C GLN A 49 -1.68 12.34 -6.33
N GLY A 50 -2.20 13.23 -7.16
CA GLY A 50 -2.86 14.43 -6.65
C GLY A 50 -3.76 14.11 -5.47
N LEU A 51 -4.24 12.86 -5.46
CA LEU A 51 -5.12 12.41 -4.40
C LEU A 51 -4.28 11.96 -3.20
N LEU A 52 -3.53 10.90 -3.40
CA LEU A 52 -2.68 10.37 -2.35
C LEU A 52 -1.95 11.52 -1.65
N SER A 53 -1.63 12.53 -2.43
CA SER A 53 -0.95 13.70 -1.90
C SER A 53 -1.82 14.40 -0.87
N GLU A 54 -3.04 14.72 -1.29
CA GLU A 54 -3.98 15.39 -0.41
C GLU A 54 -4.21 14.56 0.85
N ILE A 55 -4.13 13.25 0.68
CA ILE A 55 -4.33 12.34 1.80
C ILE A 55 -3.13 12.46 2.77
N LEU A 56 -1.95 12.61 2.18
CA LEU A 56 -0.75 12.73 2.98
C LEU A 56 -0.66 14.15 3.54
N ARG A 57 -1.45 15.04 2.96
CA ARG A 57 -1.48 16.43 3.38
C ARG A 57 -2.55 16.64 4.45
N LYS A 58 -3.70 16.02 4.22
CA LYS A 58 -4.82 16.14 5.14
C LYS A 58 -4.70 15.05 6.21
N GLU A 59 -4.31 13.86 5.76
CA GLU A 59 -4.16 12.73 6.66
C GLU A 59 -5.48 12.44 7.37
N GLU A 60 -6.56 12.43 6.59
CA GLU A 60 -7.87 12.16 7.13
C GLU A 60 -7.84 10.92 8.03
N ASP A 61 -7.90 11.17 9.32
CA ASP A 61 -7.88 10.09 10.30
C ASP A 61 -8.80 8.96 9.82
N PRO A 62 -8.31 7.71 10.01
CA PRO A 62 -9.07 6.54 9.61
C PRO A 62 -10.22 6.28 10.58
N ARG A 63 -10.32 7.14 11.59
CA ARG A 63 -11.36 7.02 12.59
C ARG A 63 -12.61 7.77 12.14
N THR A 64 -12.39 8.89 11.47
CA THR A 64 -13.49 9.71 10.98
C THR A 64 -13.51 9.70 9.45
N ALA A 65 -12.39 9.33 8.87
CA ALA A 65 -12.28 9.28 7.42
C ALA A 65 -13.56 8.72 6.83
N SER A 66 -13.93 9.24 5.67
CA SER A 66 -15.14 8.80 4.99
C SER A 66 -14.88 7.49 4.27
N GLN A 67 -15.93 6.69 4.16
CA GLN A 67 -15.82 5.40 3.49
C GLN A 67 -14.96 5.52 2.23
N SER A 68 -15.25 6.55 1.45
CA SER A 68 -14.52 6.80 0.22
C SER A 68 -13.02 6.72 0.49
N LEU A 69 -12.60 7.37 1.58
CA LEU A 69 -11.20 7.38 1.95
C LEU A 69 -10.84 6.06 2.61
N LEU A 70 -11.61 5.71 3.63
CA LEU A 70 -11.38 4.47 4.35
C LEU A 70 -11.12 3.34 3.35
N VAL A 71 -11.91 3.33 2.29
CA VAL A 71 -11.77 2.32 1.25
C VAL A 71 -10.31 2.27 0.79
N ASN A 72 -9.73 3.45 0.63
CA ASN A 72 -8.35 3.56 0.19
C ASN A 72 -7.42 3.25 1.37
N LEU A 73 -7.73 3.88 2.50
CA LEU A 73 -6.93 3.68 3.71
C LEU A 73 -6.78 2.18 3.96
N ARG A 74 -7.89 1.48 3.88
CA ARG A 74 -7.89 0.04 4.09
C ARG A 74 -7.04 -0.66 3.04
N ALA A 75 -7.22 -0.24 1.80
CA ALA A 75 -6.49 -0.81 0.69
C ALA A 75 -4.98 -0.59 0.91
N MET A 76 -4.64 0.67 1.15
CA MET A 76 -3.26 1.04 1.39
C MET A 76 -2.60 0.10 2.41
N GLN A 77 -3.16 0.12 3.61
CA GLN A 77 -2.65 -0.71 4.69
C GLN A 77 -2.51 -2.16 4.22
N ASN A 78 -3.46 -2.56 3.38
CA ASN A 78 -3.46 -3.92 2.85
C ASN A 78 -2.26 -4.10 1.92
N PHE A 79 -1.79 -2.98 1.38
CA PHE A 79 -0.66 -2.99 0.48
C PHE A 79 0.65 -2.76 1.23
N LEU A 80 0.55 -2.05 2.34
CA LEU A 80 1.71 -1.75 3.17
C LEU A 80 2.01 -2.97 4.05
N ASN A 81 1.01 -3.81 4.23
CA ASN A 81 1.16 -5.00 5.05
C ASN A 81 1.59 -6.18 4.15
N LEU A 82 1.93 -5.84 2.93
CA LEU A 82 2.35 -6.85 1.96
C LEU A 82 3.85 -7.14 2.17
N PRO A 83 4.30 -8.27 1.57
CA PRO A 83 5.70 -8.68 1.68
C PRO A 83 6.58 -7.81 0.79
N GLU A 84 7.71 -7.39 1.35
CA GLU A 84 8.65 -6.56 0.61
C GLU A 84 8.82 -7.08 -0.81
N VAL A 85 8.95 -8.40 -0.91
CA VAL A 85 9.13 -9.04 -2.20
C VAL A 85 8.00 -8.60 -3.14
N GLU A 86 6.80 -8.52 -2.57
CA GLU A 86 5.64 -8.12 -3.35
C GLU A 86 5.74 -6.64 -3.73
N ARG A 87 5.82 -5.80 -2.71
CA ARG A 87 5.93 -4.37 -2.92
C ARG A 87 7.06 -4.06 -3.91
N ASP A 88 8.20 -4.68 -3.66
CA ASP A 88 9.36 -4.48 -4.52
C ASP A 88 8.96 -4.72 -5.97
N ARG A 89 8.51 -5.93 -6.24
CA ARG A 89 8.10 -6.31 -7.58
C ARG A 89 6.93 -5.45 -8.03
N ILE A 90 5.93 -5.36 -7.15
CA ILE A 90 4.74 -4.58 -7.45
C ILE A 90 5.16 -3.22 -8.02
N TYR A 91 5.93 -2.49 -7.23
CA TYR A 91 6.41 -1.18 -7.63
C TYR A 91 7.06 -1.24 -9.01
N GLN A 92 7.94 -2.21 -9.18
CA GLN A 92 8.63 -2.38 -10.45
C GLN A 92 7.63 -2.54 -11.59
N ASP A 93 6.68 -3.45 -11.38
CA ASP A 93 5.67 -3.70 -12.38
C ASP A 93 5.08 -2.37 -12.85
N GLU A 94 4.52 -1.63 -11.90
CA GLU A 94 3.92 -0.34 -12.20
C GLU A 94 4.80 0.43 -13.18
N ARG A 95 6.00 0.76 -12.72
CA ARG A 95 6.94 1.49 -13.55
C ARG A 95 7.03 0.87 -14.95
N SER A 96 7.28 -0.43 -14.96
CA SER A 96 7.39 -1.15 -16.21
C SER A 96 8.52 -0.57 -17.05
N GLY A 97 9.73 -1.04 -16.76
CA GLY A 97 10.91 -0.58 -17.48
C GLY A 97 12.14 -0.56 -16.57
N PRO A 98 13.29 -0.99 -17.13
CA PRO A 98 14.52 -1.03 -16.38
C PRO A 98 15.11 0.37 -16.22
N SER A 99 15.82 0.56 -15.11
CA SER A 99 16.43 1.85 -14.82
C SER A 99 17.63 1.66 -13.89
N SER A 100 17.35 1.13 -12.71
CA SER A 100 18.39 0.89 -11.72
C SER A 100 18.42 -0.59 -11.33
N GLY A 101 17.28 -1.06 -10.86
CA GLY A 101 17.16 -2.45 -10.45
C GLY A 101 15.72 -2.77 -10.01
N GLY A 1 -7.55 -36.90 -3.44
CA GLY A 1 -8.31 -35.66 -3.35
C GLY A 1 -8.04 -34.96 -2.02
N SER A 2 -7.95 -33.64 -2.09
CA SER A 2 -7.70 -32.84 -0.90
C SER A 2 -9.01 -32.21 -0.42
N SER A 3 -8.93 -31.59 0.75
CA SER A 3 -10.09 -30.95 1.34
C SER A 3 -10.12 -29.46 0.96
N GLY A 4 -11.25 -28.84 1.23
CA GLY A 4 -11.42 -27.43 0.92
C GLY A 4 -12.28 -27.24 -0.33
N SER A 5 -13.27 -26.37 -0.20
CA SER A 5 -14.18 -26.09 -1.30
C SER A 5 -14.88 -24.76 -1.08
N SER A 6 -14.21 -23.69 -1.46
CA SER A 6 -14.76 -22.35 -1.31
C SER A 6 -13.89 -21.33 -2.05
N GLY A 7 -14.27 -21.09 -3.30
CA GLY A 7 -13.53 -20.14 -4.12
C GLY A 7 -12.03 -20.29 -3.92
N LYS A 8 -11.41 -19.19 -3.52
CA LYS A 8 -9.98 -19.18 -3.27
C LYS A 8 -9.68 -19.90 -1.96
N PRO A 9 -8.89 -21.00 -2.08
CA PRO A 9 -8.53 -21.79 -0.92
C PRO A 9 -7.46 -21.08 -0.08
N GLU A 10 -7.80 -19.87 0.35
CA GLU A 10 -6.89 -19.08 1.15
C GLU A 10 -7.54 -17.76 1.55
N PRO A 11 -7.93 -17.69 2.86
CA PRO A 11 -8.56 -16.49 3.38
C PRO A 11 -7.55 -15.37 3.59
N THR A 12 -7.82 -14.24 2.95
CA THR A 12 -6.94 -13.09 3.04
C THR A 12 -7.68 -11.82 2.64
N ASN A 13 -7.40 -10.75 3.38
CA ASN A 13 -8.03 -9.46 3.11
C ASN A 13 -9.54 -9.57 3.37
N SER A 14 -10.06 -8.59 4.07
CA SER A 14 -11.47 -8.55 4.39
C SER A 14 -11.76 -7.47 5.43
N SER A 15 -11.87 -6.25 4.95
CA SER A 15 -12.13 -5.11 5.83
C SER A 15 -11.14 -5.10 6.99
N VAL A 16 -9.87 -4.96 6.64
CA VAL A 16 -8.81 -4.94 7.63
C VAL A 16 -8.82 -3.59 8.35
N GLU A 17 -7.92 -3.45 9.31
CA GLU A 17 -7.83 -2.23 10.08
C GLU A 17 -6.83 -1.27 9.42
N VAL A 18 -6.77 -0.07 9.97
CA VAL A 18 -5.88 0.95 9.45
C VAL A 18 -5.09 1.58 10.61
N SER A 19 -3.87 2.01 10.29
CA SER A 19 -3.01 2.62 11.29
C SER A 19 -3.06 4.14 11.15
N PRO A 20 -2.82 4.83 12.30
CA PRO A 20 -2.83 6.29 12.32
C PRO A 20 -1.55 6.84 11.68
N ASP A 21 -0.61 5.96 11.43
CA ASP A 21 0.65 6.35 10.82
C ASP A 21 0.63 5.98 9.33
N ILE A 22 -0.51 5.45 8.91
CA ILE A 22 -0.67 5.05 7.52
C ILE A 22 -0.04 6.10 6.61
N TYR A 23 -0.20 7.35 7.02
CA TYR A 23 0.35 8.47 6.25
C TYR A 23 1.88 8.41 6.23
N GLN A 24 2.46 8.51 7.41
CA GLN A 24 3.91 8.48 7.54
C GLN A 24 4.47 7.18 6.95
N GLN A 25 3.64 6.14 7.01
CA GLN A 25 4.03 4.84 6.48
C GLN A 25 4.24 4.92 4.98
N VAL A 26 3.19 5.34 4.28
CA VAL A 26 3.24 5.47 2.83
C VAL A 26 4.53 6.18 2.44
N ARG A 27 4.70 7.37 2.98
CA ARG A 27 5.88 8.17 2.68
C ARG A 27 7.14 7.31 2.83
N ASP A 28 7.27 6.68 3.98
CA ASP A 28 8.41 5.83 4.26
C ASP A 28 8.49 4.72 3.21
N GLU A 29 7.31 4.27 2.80
CA GLU A 29 7.23 3.21 1.80
C GLU A 29 7.77 3.71 0.45
N LEU A 30 7.31 4.89 0.06
CA LEU A 30 7.73 5.47 -1.19
C LEU A 30 9.25 5.68 -1.16
N LYS A 31 9.73 6.18 -0.03
CA LYS A 31 11.15 6.43 0.14
C LYS A 31 11.89 5.09 0.20
N ARG A 32 11.11 4.02 0.31
CA ARG A 32 11.68 2.68 0.37
C ARG A 32 11.76 2.07 -1.03
N ALA A 33 10.63 2.11 -1.72
CA ALA A 33 10.57 1.56 -3.07
C ALA A 33 10.98 2.65 -4.07
N SER A 34 11.18 3.84 -3.54
CA SER A 34 11.58 4.97 -4.39
C SER A 34 10.59 5.14 -5.54
N VAL A 35 9.31 5.01 -5.20
CA VAL A 35 8.26 5.14 -6.20
C VAL A 35 7.53 6.46 -5.98
N SER A 36 6.62 6.76 -6.90
CA SER A 36 5.85 7.99 -6.82
C SER A 36 4.46 7.70 -6.24
N GLN A 37 4.00 8.61 -5.40
CA GLN A 37 2.70 8.46 -4.78
C GLN A 37 1.71 7.84 -5.77
N ALA A 38 1.77 8.32 -7.01
CA ALA A 38 0.89 7.82 -8.04
C ALA A 38 1.06 6.31 -8.18
N VAL A 39 2.23 5.91 -8.65
CA VAL A 39 2.53 4.51 -8.82
C VAL A 39 2.08 3.74 -7.58
N PHE A 40 2.62 4.12 -6.44
CA PHE A 40 2.29 3.48 -5.18
C PHE A 40 0.77 3.42 -4.99
N ALA A 41 0.13 4.55 -5.28
CA ALA A 41 -1.31 4.64 -5.14
C ALA A 41 -1.97 3.72 -6.17
N ARG A 42 -1.34 3.60 -7.32
CA ARG A 42 -1.86 2.77 -8.39
C ARG A 42 -1.85 1.31 -7.96
N VAL A 43 -0.95 0.99 -7.05
CA VAL A 43 -0.84 -0.37 -6.55
C VAL A 43 -1.48 -0.46 -5.16
N ALA A 44 -1.36 0.64 -4.43
CA ALA A 44 -1.92 0.71 -3.09
C ALA A 44 -3.44 0.52 -3.16
N PHE A 45 -4.07 1.38 -3.93
CA PHE A 45 -5.52 1.32 -4.09
C PHE A 45 -5.94 1.82 -5.48
N ASN A 46 -5.11 1.50 -6.47
CA ASN A 46 -5.38 1.91 -7.83
C ASN A 46 -5.88 3.35 -7.83
N ARG A 47 -5.00 4.25 -7.45
CA ARG A 47 -5.33 5.67 -7.41
C ARG A 47 -4.22 6.50 -8.05
N THR A 48 -4.40 7.81 -8.01
CA THR A 48 -3.43 8.72 -8.58
C THR A 48 -2.53 9.31 -7.48
N GLN A 49 -1.94 10.45 -7.80
CA GLN A 49 -1.06 11.12 -6.85
C GLN A 49 -1.79 12.30 -6.20
N GLY A 50 -2.24 13.21 -7.05
CA GLY A 50 -2.96 14.38 -6.58
C GLY A 50 -3.89 14.03 -5.41
N LEU A 51 -4.35 12.79 -5.42
CA LEU A 51 -5.24 12.31 -4.38
C LEU A 51 -4.42 11.87 -3.17
N LEU A 52 -3.67 10.79 -3.36
CA LEU A 52 -2.84 10.25 -2.30
C LEU A 52 -2.13 11.41 -1.58
N SER A 53 -1.76 12.40 -2.36
CA SER A 53 -1.08 13.57 -1.82
C SER A 53 -1.95 14.24 -0.76
N GLU A 54 -3.19 14.49 -1.13
CA GLU A 54 -4.14 15.12 -0.23
C GLU A 54 -4.37 14.24 1.00
N ILE A 55 -4.30 12.94 0.76
CA ILE A 55 -4.49 11.97 1.84
C ILE A 55 -3.31 12.04 2.81
N LEU A 56 -2.21 12.59 2.30
CA LEU A 56 -1.01 12.72 3.11
C LEU A 56 -0.92 14.14 3.66
N ARG A 57 -1.67 15.03 3.04
CA ARG A 57 -1.69 16.43 3.45
C ARG A 57 -2.76 16.64 4.53
N LYS A 58 -3.96 16.14 4.25
CA LYS A 58 -5.06 16.27 5.18
C LYS A 58 -5.00 15.14 6.20
N GLU A 59 -4.29 14.08 5.83
CA GLU A 59 -4.15 12.92 6.70
C GLU A 59 -5.48 12.59 7.36
N GLU A 60 -6.51 12.52 6.53
CA GLU A 60 -7.85 12.21 7.01
C GLU A 60 -7.80 10.99 7.93
N ASP A 61 -7.92 11.27 9.23
CA ASP A 61 -7.89 10.21 10.22
C ASP A 61 -8.78 9.05 9.75
N PRO A 62 -8.25 7.81 9.93
CA PRO A 62 -8.98 6.62 9.53
C PRO A 62 -10.12 6.32 10.51
N ARG A 63 -10.24 7.18 11.51
CA ARG A 63 -11.28 7.02 12.53
C ARG A 63 -12.55 7.76 12.10
N THR A 64 -12.33 8.90 11.45
CA THR A 64 -13.45 9.71 10.99
C THR A 64 -13.49 9.74 9.46
N ALA A 65 -12.36 9.40 8.85
CA ALA A 65 -12.25 9.38 7.41
C ALA A 65 -13.53 8.79 6.81
N SER A 66 -14.01 9.43 5.77
CA SER A 66 -15.23 8.97 5.10
C SER A 66 -14.99 7.61 4.47
N GLN A 67 -16.07 6.87 4.31
CA GLN A 67 -16.00 5.54 3.72
C GLN A 67 -15.22 5.59 2.41
N SER A 68 -15.42 6.68 1.68
CA SER A 68 -14.74 6.87 0.40
C SER A 68 -13.22 6.82 0.60
N LEU A 69 -12.78 7.47 1.66
CA LEU A 69 -11.36 7.50 1.98
C LEU A 69 -10.95 6.18 2.62
N LEU A 70 -11.69 5.83 3.68
CA LEU A 70 -11.41 4.60 4.40
C LEU A 70 -11.17 3.46 3.39
N VAL A 71 -12.06 3.39 2.41
CA VAL A 71 -11.97 2.37 1.39
C VAL A 71 -10.53 2.31 0.86
N ASN A 72 -9.94 3.50 0.70
CA ASN A 72 -8.58 3.59 0.21
C ASN A 72 -7.61 3.29 1.36
N LEU A 73 -7.83 3.98 2.47
CA LEU A 73 -6.99 3.80 3.64
C LEU A 73 -6.82 2.30 3.93
N ARG A 74 -7.95 1.60 3.83
CA ARG A 74 -7.95 0.17 4.08
C ARG A 74 -7.06 -0.55 3.06
N ALA A 75 -7.23 -0.17 1.81
CA ALA A 75 -6.45 -0.77 0.73
C ALA A 75 -4.96 -0.54 1.00
N MET A 76 -4.60 0.72 1.14
CA MET A 76 -3.22 1.08 1.41
C MET A 76 -2.62 0.19 2.51
N GLN A 77 -3.20 0.31 3.70
CA GLN A 77 -2.74 -0.47 4.83
C GLN A 77 -2.64 -1.96 4.45
N ASN A 78 -3.50 -2.35 3.51
CA ASN A 78 -3.52 -3.73 3.06
C ASN A 78 -2.35 -3.96 2.10
N PHE A 79 -1.96 -2.89 1.43
CA PHE A 79 -0.86 -2.97 0.48
C PHE A 79 0.49 -2.92 1.20
N LEU A 80 0.52 -2.14 2.27
CA LEU A 80 1.73 -1.99 3.05
C LEU A 80 1.99 -3.27 3.85
N ASN A 81 0.94 -4.10 3.93
CA ASN A 81 1.04 -5.35 4.65
C ASN A 81 1.71 -6.40 3.76
N LEU A 82 1.56 -6.21 2.46
CA LEU A 82 2.13 -7.12 1.49
C LEU A 82 3.62 -7.32 1.82
N PRO A 83 4.20 -8.40 1.22
CA PRO A 83 5.60 -8.71 1.44
C PRO A 83 6.50 -7.75 0.66
N GLU A 84 7.50 -7.23 1.37
CA GLU A 84 8.44 -6.30 0.76
C GLU A 84 8.87 -6.80 -0.62
N VAL A 85 9.13 -8.09 -0.69
CA VAL A 85 9.55 -8.71 -1.94
C VAL A 85 8.49 -8.45 -3.01
N GLU A 86 7.23 -8.53 -2.58
CA GLU A 86 6.12 -8.30 -3.49
C GLU A 86 6.06 -6.83 -3.91
N ARG A 87 5.93 -5.97 -2.92
CA ARG A 87 5.87 -4.54 -3.17
C ARG A 87 7.00 -4.12 -4.12
N ASP A 88 8.17 -4.70 -3.89
CA ASP A 88 9.33 -4.39 -4.71
C ASP A 88 8.99 -4.66 -6.18
N ARG A 89 8.43 -5.83 -6.42
CA ARG A 89 8.06 -6.21 -7.78
C ARG A 89 6.88 -5.37 -8.26
N ILE A 90 5.91 -5.19 -7.37
CA ILE A 90 4.73 -4.42 -7.69
C ILE A 90 5.15 -3.05 -8.21
N TYR A 91 5.87 -2.32 -7.37
CA TYR A 91 6.34 -0.99 -7.74
C TYR A 91 7.02 -1.01 -9.10
N GLN A 92 7.81 -2.05 -9.32
CA GLN A 92 8.53 -2.20 -10.58
C GLN A 92 7.54 -2.42 -11.72
N ASP A 93 6.69 -3.43 -11.54
CA ASP A 93 5.70 -3.76 -12.55
C ASP A 93 4.98 -2.48 -12.98
N GLU A 94 4.60 -1.69 -12.00
CA GLU A 94 3.91 -0.44 -12.26
C GLU A 94 4.68 0.40 -13.27
N ARG A 95 5.89 0.80 -12.87
CA ARG A 95 6.73 1.60 -13.72
C ARG A 95 7.00 0.87 -15.04
N SER A 96 7.44 -0.37 -14.91
CA SER A 96 7.74 -1.19 -16.07
C SER A 96 8.95 -0.62 -16.82
N GLY A 97 9.82 -1.51 -17.24
CA GLY A 97 11.02 -1.12 -17.97
C GLY A 97 11.99 -2.29 -18.12
N PRO A 98 13.29 -2.01 -17.89
CA PRO A 98 14.32 -3.04 -18.00
C PRO A 98 14.28 -3.99 -16.80
N SER A 99 14.44 -5.26 -17.11
CA SER A 99 14.43 -6.28 -16.07
C SER A 99 15.82 -6.42 -15.45
N SER A 100 16.79 -6.73 -16.30
CA SER A 100 18.15 -6.89 -15.84
C SER A 100 18.70 -5.55 -15.33
N GLY A 101 19.54 -5.63 -14.31
CA GLY A 101 20.13 -4.44 -13.73
C GLY A 101 19.10 -3.66 -12.90
N GLY A 1 16.07 -31.16 10.66
CA GLY A 1 14.63 -31.38 10.67
C GLY A 1 14.09 -31.39 12.10
N SER A 2 14.22 -32.54 12.74
CA SER A 2 13.76 -32.70 14.11
C SER A 2 12.24 -32.53 14.17
N SER A 3 11.83 -31.27 14.21
CA SER A 3 10.41 -30.95 14.27
C SER A 3 10.16 -29.56 13.69
N GLY A 4 8.89 -29.25 13.51
CA GLY A 4 8.51 -27.95 12.96
C GLY A 4 6.99 -27.77 13.00
N SER A 5 6.56 -26.53 12.83
CA SER A 5 5.15 -26.21 12.85
C SER A 5 4.88 -24.96 12.00
N SER A 6 3.62 -24.75 11.70
CA SER A 6 3.21 -23.60 10.91
C SER A 6 1.69 -23.55 10.76
N GLY A 7 1.14 -24.69 10.36
CA GLY A 7 -0.31 -24.79 10.18
C GLY A 7 -1.04 -24.37 11.45
N LYS A 8 -2.03 -23.51 11.27
CA LYS A 8 -2.82 -23.02 12.39
C LYS A 8 -4.25 -22.74 11.91
N PRO A 9 -5.18 -23.63 12.34
CA PRO A 9 -6.58 -23.49 11.97
C PRO A 9 -7.25 -22.37 12.75
N GLU A 10 -7.49 -21.27 12.06
CA GLU A 10 -8.12 -20.11 12.67
C GLU A 10 -8.51 -19.08 11.61
N PRO A 11 -9.51 -18.24 11.98
CA PRO A 11 -9.99 -17.21 11.06
C PRO A 11 -8.99 -16.05 10.98
N THR A 12 -8.82 -15.38 12.11
CA THR A 12 -7.91 -14.25 12.17
C THR A 12 -8.35 -13.15 11.21
N ASN A 13 -8.25 -11.91 11.69
CA ASN A 13 -8.63 -10.76 10.89
C ASN A 13 -10.15 -10.75 10.73
N SER A 14 -10.66 -9.60 10.30
CA SER A 14 -12.09 -9.43 10.11
C SER A 14 -12.35 -8.43 8.99
N SER A 15 -11.81 -7.23 9.17
CA SER A 15 -11.98 -6.17 8.19
C SER A 15 -10.65 -5.45 7.96
N VAL A 16 -9.57 -6.18 8.19
CA VAL A 16 -8.23 -5.62 8.03
C VAL A 16 -8.04 -4.46 9.00
N GLU A 17 -6.84 -4.39 9.56
CA GLU A 17 -6.53 -3.32 10.51
C GLU A 17 -5.89 -2.15 9.77
N VAL A 18 -5.96 -0.98 10.41
CA VAL A 18 -5.40 0.23 9.85
C VAL A 18 -4.69 1.02 10.95
N SER A 19 -3.51 1.52 10.60
CA SER A 19 -2.73 2.30 11.54
C SER A 19 -3.03 3.80 11.37
N PRO A 20 -2.89 4.54 12.50
CA PRO A 20 -3.14 5.98 12.48
C PRO A 20 -2.00 6.72 11.78
N ASP A 21 -0.87 6.06 11.69
CA ASP A 21 0.31 6.65 11.06
C ASP A 21 0.39 6.18 9.61
N ILE A 22 -0.71 5.60 9.14
CA ILE A 22 -0.79 5.10 7.78
C ILE A 22 -0.13 6.12 6.84
N TYR A 23 -0.27 7.38 7.21
CA TYR A 23 0.30 8.45 6.41
C TYR A 23 1.82 8.39 6.40
N GLN A 24 2.40 8.49 7.59
CA GLN A 24 3.84 8.44 7.73
C GLN A 24 4.39 7.14 7.14
N GLN A 25 3.62 6.07 7.30
CA GLN A 25 4.01 4.78 6.78
C GLN A 25 4.23 4.85 5.27
N VAL A 26 3.22 5.37 4.59
CA VAL A 26 3.29 5.50 3.14
C VAL A 26 4.59 6.21 2.76
N ARG A 27 4.70 7.46 3.20
CA ARG A 27 5.88 8.25 2.92
C ARG A 27 7.14 7.39 3.02
N ASP A 28 7.24 6.69 4.14
CA ASP A 28 8.38 5.82 4.38
C ASP A 28 8.42 4.72 3.31
N GLU A 29 7.24 4.16 3.05
CA GLU A 29 7.13 3.10 2.06
C GLU A 29 7.64 3.58 0.71
N LEU A 30 7.24 4.80 0.35
CA LEU A 30 7.65 5.39 -0.91
C LEU A 30 9.17 5.53 -0.93
N LYS A 31 9.69 6.12 0.14
CA LYS A 31 11.12 6.32 0.25
C LYS A 31 11.83 4.96 0.35
N ARG A 32 11.02 3.93 0.54
CA ARG A 32 11.54 2.57 0.65
C ARG A 32 11.68 1.94 -0.74
N ALA A 33 10.59 2.00 -1.49
CA ALA A 33 10.57 1.45 -2.83
C ALA A 33 10.97 2.53 -3.84
N SER A 34 11.17 3.73 -3.32
CA SER A 34 11.56 4.86 -4.15
C SER A 34 10.59 4.98 -5.32
N VAL A 35 9.31 4.89 -5.02
CA VAL A 35 8.28 4.98 -6.04
C VAL A 35 7.57 6.34 -5.91
N SER A 36 6.67 6.59 -6.84
CA SER A 36 5.91 7.83 -6.84
C SER A 36 4.54 7.62 -6.19
N GLN A 37 4.16 8.60 -5.39
CA GLN A 37 2.88 8.54 -4.70
C GLN A 37 1.81 7.97 -5.62
N ALA A 38 1.99 8.19 -6.91
CA ALA A 38 1.05 7.71 -7.90
C ALA A 38 1.19 6.20 -8.04
N VAL A 39 2.34 5.78 -8.56
CA VAL A 39 2.61 4.36 -8.75
C VAL A 39 2.12 3.59 -7.52
N PHE A 40 2.63 3.99 -6.37
CA PHE A 40 2.26 3.34 -5.12
C PHE A 40 0.73 3.27 -4.98
N ALA A 41 0.09 4.35 -5.39
CA ALA A 41 -1.36 4.44 -5.32
C ALA A 41 -1.98 3.47 -6.33
N ARG A 42 -1.48 3.55 -7.56
CA ARG A 42 -1.97 2.69 -8.62
C ARG A 42 -2.00 1.23 -8.15
N VAL A 43 -1.14 0.93 -7.19
CA VAL A 43 -1.07 -0.42 -6.66
C VAL A 43 -1.76 -0.46 -5.29
N ALA A 44 -1.40 0.50 -4.46
CA ALA A 44 -1.97 0.59 -3.13
C ALA A 44 -3.49 0.45 -3.22
N PHE A 45 -4.09 1.34 -3.99
CA PHE A 45 -5.54 1.31 -4.18
C PHE A 45 -5.92 1.87 -5.55
N ASN A 46 -5.17 1.44 -6.55
CA ASN A 46 -5.42 1.88 -7.92
C ASN A 46 -5.89 3.34 -7.90
N ARG A 47 -4.97 4.22 -7.51
CA ARG A 47 -5.28 5.63 -7.43
C ARG A 47 -4.13 6.45 -8.02
N THR A 48 -4.34 7.75 -8.08
CA THR A 48 -3.34 8.66 -8.62
C THR A 48 -2.48 9.24 -7.48
N GLN A 49 -1.68 10.23 -7.84
CA GLN A 49 -0.81 10.87 -6.87
C GLN A 49 -1.51 12.10 -6.26
N GLY A 50 -1.92 13.00 -7.14
CA GLY A 50 -2.59 14.21 -6.71
C GLY A 50 -3.58 13.91 -5.58
N LEU A 51 -4.11 12.69 -5.60
CA LEU A 51 -5.07 12.27 -4.60
C LEU A 51 -4.31 11.83 -3.34
N LEU A 52 -3.51 10.78 -3.51
CA LEU A 52 -2.74 10.25 -2.41
C LEU A 52 -2.03 11.40 -1.69
N SER A 53 -1.61 12.39 -2.47
CA SER A 53 -0.93 13.54 -1.93
C SER A 53 -1.82 14.25 -0.91
N GLU A 54 -3.04 14.54 -1.33
CA GLU A 54 -4.01 15.21 -0.48
C GLU A 54 -4.30 14.35 0.76
N ILE A 55 -4.17 13.04 0.57
CA ILE A 55 -4.42 12.12 1.66
C ILE A 55 -3.27 12.19 2.66
N LEU A 56 -2.12 12.65 2.18
CA LEU A 56 -0.95 12.77 3.01
C LEU A 56 -0.85 14.21 3.55
N ARG A 57 -1.55 15.11 2.88
CA ARG A 57 -1.56 16.51 3.28
C ARG A 57 -2.59 16.74 4.37
N LYS A 58 -3.79 16.23 4.13
CA LYS A 58 -4.88 16.38 5.09
C LYS A 58 -4.76 15.28 6.15
N GLU A 59 -4.38 14.10 5.69
CA GLU A 59 -4.24 12.96 6.58
C GLU A 59 -5.57 12.64 7.26
N GLU A 60 -6.61 12.56 6.44
CA GLU A 60 -7.94 12.26 6.95
C GLU A 60 -7.89 11.07 7.91
N ASP A 61 -7.99 11.39 9.20
CA ASP A 61 -7.95 10.36 10.22
C ASP A 61 -8.85 9.20 9.79
N PRO A 62 -8.32 7.96 10.01
CA PRO A 62 -9.07 6.77 9.66
C PRO A 62 -10.20 6.50 10.66
N ARG A 63 -10.31 7.40 11.62
CA ARG A 63 -11.34 7.28 12.64
C ARG A 63 -12.63 7.98 12.18
N THR A 64 -12.44 9.10 11.50
CA THR A 64 -13.57 9.86 11.01
C THR A 64 -13.59 9.86 9.49
N ALA A 65 -12.44 9.51 8.91
CA ALA A 65 -12.32 9.47 7.46
C ALA A 65 -13.61 8.90 6.85
N SER A 66 -13.93 9.40 5.66
CA SER A 66 -15.12 8.94 4.97
C SER A 66 -14.87 7.58 4.33
N GLN A 67 -15.96 6.84 4.16
CA GLN A 67 -15.88 5.51 3.56
C GLN A 67 -15.02 5.55 2.30
N SER A 68 -15.28 6.56 1.48
CA SER A 68 -14.55 6.73 0.24
C SER A 68 -13.04 6.68 0.51
N LEU A 69 -12.67 7.26 1.64
CA LEU A 69 -11.27 7.30 2.03
C LEU A 69 -10.91 6.00 2.74
N LEU A 70 -11.68 5.70 3.77
CA LEU A 70 -11.44 4.49 4.55
C LEU A 70 -11.22 3.32 3.60
N VAL A 71 -12.04 3.27 2.56
CA VAL A 71 -11.94 2.21 1.57
C VAL A 71 -10.51 2.15 1.02
N ASN A 72 -9.94 3.33 0.82
CA ASN A 72 -8.58 3.44 0.31
C ASN A 72 -7.60 3.18 1.45
N LEU A 73 -7.79 3.91 2.54
CA LEU A 73 -6.93 3.78 3.69
C LEU A 73 -6.72 2.29 4.00
N ARG A 74 -7.79 1.54 3.85
CA ARG A 74 -7.75 0.11 4.11
C ARG A 74 -6.88 -0.59 3.05
N ALA A 75 -7.10 -0.20 1.80
CA ALA A 75 -6.35 -0.78 0.70
C ALA A 75 -4.86 -0.52 0.91
N MET A 76 -4.51 0.74 1.07
CA MET A 76 -3.13 1.13 1.28
C MET A 76 -2.48 0.25 2.35
N GLN A 77 -2.99 0.36 3.57
CA GLN A 77 -2.47 -0.41 4.67
C GLN A 77 -2.41 -1.89 4.31
N ASN A 78 -3.42 -2.33 3.58
CA ASN A 78 -3.49 -3.72 3.15
C ASN A 78 -2.34 -4.01 2.19
N PHE A 79 -2.06 -3.03 1.35
CA PHE A 79 -0.99 -3.18 0.37
C PHE A 79 0.38 -3.05 1.03
N LEU A 80 0.39 -2.39 2.18
CA LEU A 80 1.62 -2.19 2.93
C LEU A 80 1.95 -3.47 3.69
N ASN A 81 0.93 -4.29 3.91
CA ASN A 81 1.10 -5.53 4.62
C ASN A 81 1.79 -6.55 3.71
N LEU A 82 1.75 -6.26 2.41
CA LEU A 82 2.36 -7.13 1.43
C LEU A 82 3.84 -7.29 1.75
N PRO A 83 4.46 -8.33 1.12
CA PRO A 83 5.88 -8.60 1.33
C PRO A 83 6.74 -7.58 0.58
N GLU A 84 7.73 -7.06 1.30
CA GLU A 84 8.64 -6.08 0.71
C GLU A 84 9.09 -6.54 -0.68
N VAL A 85 9.30 -7.85 -0.79
CA VAL A 85 9.73 -8.43 -2.05
C VAL A 85 8.68 -8.15 -3.13
N GLU A 86 7.42 -8.25 -2.71
CA GLU A 86 6.32 -8.01 -3.62
C GLU A 86 6.24 -6.53 -4.00
N ARG A 87 6.08 -5.70 -2.97
CA ARG A 87 5.99 -4.27 -3.18
C ARG A 87 7.06 -3.81 -4.17
N ASP A 88 8.28 -4.29 -3.93
CA ASP A 88 9.40 -3.93 -4.79
C ASP A 88 9.06 -4.30 -6.23
N ARG A 89 8.45 -5.47 -6.39
CA ARG A 89 8.08 -5.94 -7.71
C ARG A 89 6.84 -5.19 -8.21
N ILE A 90 5.80 -5.22 -7.41
CA ILE A 90 4.56 -4.55 -7.75
C ILE A 90 4.88 -3.18 -8.33
N TYR A 91 5.69 -2.43 -7.60
CA TYR A 91 6.07 -1.10 -8.02
C TYR A 91 6.77 -1.13 -9.38
N GLN A 92 7.67 -2.09 -9.52
CA GLN A 92 8.41 -2.25 -10.76
C GLN A 92 7.44 -2.47 -11.93
N ASP A 93 6.47 -3.33 -11.69
CA ASP A 93 5.47 -3.64 -12.71
C ASP A 93 4.71 -2.37 -13.08
N GLU A 94 4.46 -1.55 -12.07
CA GLU A 94 3.76 -0.30 -12.28
C GLU A 94 4.52 0.59 -13.26
N ARG A 95 5.74 0.92 -12.87
CA ARG A 95 6.58 1.76 -13.71
C ARG A 95 6.77 1.13 -15.09
N SER A 96 7.12 -0.14 -15.08
CA SER A 96 7.34 -0.87 -16.31
C SER A 96 6.17 -0.62 -17.28
N GLY A 97 6.43 0.25 -18.24
CA GLY A 97 5.42 0.59 -19.23
C GLY A 97 4.88 2.00 -19.00
N PRO A 98 3.76 2.07 -18.23
CA PRO A 98 3.14 3.35 -17.93
C PRO A 98 3.95 4.12 -16.88
N SER A 99 5.21 4.32 -17.19
CA SER A 99 6.10 5.04 -16.29
C SER A 99 5.76 6.53 -16.30
N SER A 100 5.66 7.08 -17.49
CA SER A 100 5.33 8.49 -17.64
C SER A 100 6.37 9.34 -16.92
N GLY A 101 6.14 9.55 -15.63
CA GLY A 101 7.04 10.34 -14.82
C GLY A 101 6.40 10.71 -13.48
#